data_9W2C
#
_entry.id   9W2C
#
_cell.length_a   88.308
_cell.length_b   103.874
_cell.length_c   99.034
_cell.angle_alpha   90.00
_cell.angle_beta   110.35
_cell.angle_gamma   90.00
#
_symmetry.space_group_name_H-M   'P 1 21 1'
#
loop_
_entity.id
_entity.type
_entity.pdbx_description
1 polymer 'Dopachrome conversion enzyme'
2 branched alpha-L-fucopyranose-(1-6)-2-acetamido-2-deoxy-beta-D-glucopyranose
3 branched alpha-D-mannopyranose-(1-3)-[alpha-L-fucopyranose-(1-6)]2-acetamido-2-deoxy-alpha-D-glucopyranose
4 branched alpha-D-mannopyranose-(1-4)-[alpha-L-fucopyranose-(1-6)]2-acetamido-2-deoxy-alpha-D-glucopyranose
5 branched beta-D-mannopyranose-(1-3)-[beta-L-arabinopyranose-(1-6)]alpha-D-mannopyranose-(1-4)-beta-D-mannopyranose-(1-3)-[alpha-L-fucopyranose-(1-6)]2-acetamido-2-deoxy-alpha-D-glucopyranose
6 branched alpha-L-fucopyranose-(1-4)-2-acetamido-2-deoxy-beta-D-glucopyranose-(1-3)-[alpha-L-fucopyranose-(1-6)]2-acetamido-2-deoxy-beta-D-glucopyranose
7 branched alpha-D-mannopyranose-(1-4)-2-acetamido-2-deoxy-beta-D-glucopyranose
8 branched alpha-D-mannopyranose-(1-4)-2-acetamido-2-deoxy-alpha-D-glucopyranose
9 non-polymer 'CALCIUM ION'
10 non-polymer 'ACETIC ACID'
11 non-polymer L-DOPAMINE
12 non-polymer 2-acetamido-2-deoxy-alpha-D-glucopyranose
13 water water
#
_entity_poly.entity_id   1
_entity_poly.type   'polypeptide(L)'
_entity_poly.pdbx_seq_one_letter_code
;MLRLVFLCVVAFAALTVVSGQRQVEEVLKWQQVEFDVPASVLSAPDGYIPINNIPMSGVHYKNRVFVTVPRRRWGIPSTL
NVVELEPPYPVTNPVLKPYPSFELNELRADLQPDANRLVTVYRPRVDRCDRLWFVDTGMMEIPGNFTVVQRPSIWSIDLK
TNQPLSRYEIPQKDVETGYGLTSITLDVDPDDCSKVFVYISDLQTYRMVVYDHENQKSWRFLHNYFFLNPLEGDFNIQGI
PFAWDDGIFSIALSNPDPMTKFRTAYFHALSSNSEFTVSTAVLRNETASKRGYHGDDFKLLGYRGAQSQSSIHGFHPETG
VIFFALIQLNAVSCWDTRKPFAPQNMAIVYKNDRDIIYPNDLSIDQEGNVWFMSNSIIKLLYTQLSLEEFNFHIWRANIK
EIIKGTVCDPTVPPNVDHGQRFGGEQNADRVTFVEYKDKYGPGGGPYGGWGSDDKRKPTGRRP
;
_entity_poly.pdbx_strand_id   A,B,C,D
#
# COMPACT_ATOMS: atom_id res chain seq x y z
N GLN A 23 -14.13 27.73 -5.89
CA GLN A 23 -14.17 26.25 -5.73
C GLN A 23 -14.12 25.90 -4.23
N VAL A 24 -13.32 26.65 -3.48
CA VAL A 24 -13.29 26.54 -2.02
C VAL A 24 -13.57 27.91 -1.41
N GLU A 25 -14.77 28.09 -0.86
CA GLU A 25 -15.19 29.39 -0.37
C GLU A 25 -14.98 29.47 1.14
N GLU A 26 -14.53 30.64 1.60
CA GLU A 26 -14.43 30.93 3.03
C GLU A 26 -15.81 31.33 3.50
N VAL A 27 -16.33 30.63 4.51
CA VAL A 27 -17.70 30.84 4.98
C VAL A 27 -17.70 31.80 6.16
N LEU A 28 -16.89 31.49 7.17
CA LEU A 28 -16.85 32.28 8.40
C LEU A 28 -15.41 32.69 8.68
N LYS A 29 -15.24 33.92 9.17
CA LYS A 29 -13.96 34.40 9.64
C LYS A 29 -14.19 35.37 10.79
N TRP A 30 -13.30 35.33 11.78
CA TRP A 30 -13.37 36.19 12.94
C TRP A 30 -12.04 36.90 13.14
N GLN A 31 -12.10 38.11 13.70
CA GLN A 31 -10.94 38.76 14.27
C GLN A 31 -10.83 38.29 15.72
N GLN A 32 -11.95 38.39 16.44
CA GLN A 32 -12.10 37.85 17.77
C GLN A 32 -13.52 37.29 17.90
N VAL A 33 -13.80 36.63 19.02
CA VAL A 33 -15.09 35.98 19.21
C VAL A 33 -15.94 36.81 20.19
N GLU A 34 -17.19 37.07 19.81
CA GLU A 34 -18.14 37.74 20.69
C GLU A 34 -19.28 36.76 20.98
N PHE A 35 -20.00 37.00 22.09
CA PHE A 35 -21.07 36.11 22.52
C PHE A 35 -22.38 36.89 22.69
N ASP A 36 -23.50 36.22 22.39
CA ASP A 36 -24.83 36.75 22.63
C ASP A 36 -25.26 36.33 24.04
N VAL A 37 -24.80 37.10 25.03
CA VAL A 37 -25.06 36.79 26.42
C VAL A 37 -25.36 38.09 27.17
N PRO A 38 -26.02 38.02 28.36
CA PRO A 38 -26.31 39.22 29.14
C PRO A 38 -25.05 40.06 29.41
N ALA A 39 -25.22 41.39 29.49
CA ALA A 39 -24.12 42.31 29.73
C ALA A 39 -23.53 42.07 31.13
N SER A 40 -24.27 41.33 31.96
CA SER A 40 -23.84 40.96 33.30
C SER A 40 -22.57 40.12 33.26
N VAL A 41 -22.45 39.29 32.21
CA VAL A 41 -21.32 38.37 32.06
C VAL A 41 -20.12 39.10 31.46
N LEU A 42 -20.39 40.09 30.60
CA LEU A 42 -19.34 40.84 29.92
C LEU A 42 -18.76 41.89 30.87
N SER A 43 -19.61 42.40 31.76
CA SER A 43 -19.21 43.47 32.67
C SER A 43 -18.42 42.89 33.85
N ALA A 44 -18.75 41.65 34.26
CA ALA A 44 -18.10 41.02 35.39
C ALA A 44 -16.60 40.91 35.13
N PRO A 45 -15.74 41.05 36.17
CA PRO A 45 -14.30 40.87 36.01
C PRO A 45 -13.89 39.44 35.65
N ASP A 46 -13.07 39.30 34.60
CA ASP A 46 -12.58 38.01 34.13
C ASP A 46 -13.75 37.15 33.61
N GLY A 47 -14.81 37.82 33.15
CA GLY A 47 -15.99 37.14 32.65
C GLY A 47 -15.91 36.92 31.14
N TYR A 48 -15.02 37.66 30.47
CA TYR A 48 -14.81 37.52 29.04
C TYR A 48 -13.51 38.21 28.63
N ILE A 49 -12.51 37.40 28.27
CA ILE A 49 -11.27 37.92 27.71
C ILE A 49 -11.20 37.53 26.25
N PRO A 50 -11.19 38.51 25.31
CA PRO A 50 -11.26 38.22 23.89
C PRO A 50 -10.15 37.29 23.38
N ILE A 51 -8.91 37.54 23.83
CA ILE A 51 -7.73 36.87 23.30
C ILE A 51 -7.67 35.43 23.81
N ASN A 52 -8.41 35.14 24.89
CA ASN A 52 -8.43 33.82 25.48
C ASN A 52 -9.45 32.93 24.78
N ASN A 53 -10.38 33.56 24.04
CA ASN A 53 -11.42 32.82 23.33
C ASN A 53 -10.91 32.38 21.97
N ILE A 54 -10.55 31.09 21.87
CA ILE A 54 -10.07 30.47 20.64
C ILE A 54 -11.06 29.37 20.23
N PRO A 55 -11.70 29.47 19.05
CA PRO A 55 -12.59 28.41 18.58
C PRO A 55 -11.82 27.21 17.99
N MET A 56 -12.19 26.00 18.43
CA MET A 56 -11.43 24.80 18.11
C MET A 56 -12.22 23.89 17.18
N SER A 57 -13.45 24.28 16.82
CA SER A 57 -14.28 23.45 15.96
C SER A 57 -15.35 24.28 15.26
N GLY A 58 -15.67 23.87 14.03
CA GLY A 58 -16.76 24.44 13.25
C GLY A 58 -17.41 23.38 12.37
N VAL A 59 -18.64 23.01 12.70
CA VAL A 59 -19.36 21.95 12.01
C VAL A 59 -20.65 22.51 11.44
N HIS A 60 -21.14 21.88 10.38
CA HIS A 60 -22.26 22.42 9.62
C HIS A 60 -23.46 21.49 9.74
N TYR A 61 -24.65 22.10 9.83
CA TYR A 61 -25.92 21.37 9.80
C TYR A 61 -27.03 22.34 9.37
N LYS A 62 -27.68 22.03 8.23
CA LYS A 62 -28.74 22.86 7.69
C LYS A 62 -28.18 24.25 7.35
N ASN A 63 -28.55 25.25 8.16
CA ASN A 63 -28.04 26.62 8.04
C ASN A 63 -27.41 27.04 9.35
N ARG A 64 -26.85 26.07 10.06
CA ARG A 64 -26.32 26.30 11.39
C ARG A 64 -24.89 25.74 11.44
N VAL A 65 -23.97 26.55 11.97
CA VAL A 65 -22.60 26.12 12.17
C VAL A 65 -22.28 26.21 13.66
N PHE A 66 -21.91 25.07 14.25
CA PHE A 66 -21.62 24.98 15.67
C PHE A 66 -20.13 25.26 15.91
N VAL A 67 -19.85 26.32 16.64
CA VAL A 67 -18.49 26.69 16.97
C VAL A 67 -18.24 26.38 18.44
N THR A 68 -17.11 25.72 18.76
CA THR A 68 -16.80 25.37 20.13
C THR A 68 -15.58 26.16 20.58
N VAL A 69 -15.65 26.64 21.83
CA VAL A 69 -14.55 27.35 22.46
C VAL A 69 -14.21 26.59 23.75
N PRO A 70 -13.21 25.69 23.71
CA PRO A 70 -12.75 25.00 24.90
C PRO A 70 -12.17 25.96 25.93
N ARG A 71 -12.48 25.71 27.20
CA ARG A 71 -12.03 26.57 28.29
C ARG A 71 -10.59 26.21 28.65
N ARG A 72 -9.65 26.68 27.84
CA ARG A 72 -8.23 26.48 28.07
C ARG A 72 -7.65 27.73 28.74
N ARG A 73 -8.53 28.71 29.00
CA ARG A 73 -8.14 29.94 29.66
C ARG A 73 -9.31 30.41 30.52
N TRP A 74 -9.10 31.54 31.20
CA TRP A 74 -10.17 32.21 31.94
C TRP A 74 -10.88 33.20 31.02
N GLY A 75 -12.18 33.43 31.29
CA GLY A 75 -12.96 34.43 30.56
C GLY A 75 -13.55 33.85 29.27
N ILE A 76 -14.20 32.68 29.39
CA ILE A 76 -14.83 32.04 28.25
C ILE A 76 -16.29 31.76 28.61
N PRO A 77 -17.21 32.69 28.26
CA PRO A 77 -18.61 32.57 28.67
C PRO A 77 -19.27 31.23 28.31
N SER A 78 -19.07 30.79 27.07
CA SER A 78 -19.73 29.60 26.57
C SER A 78 -18.77 28.74 25.77
N THR A 79 -18.89 27.41 25.94
CA THR A 79 -18.01 26.44 25.32
C THR A 79 -18.63 25.93 24.02
N LEU A 80 -19.95 25.70 24.04
CA LEU A 80 -20.66 25.25 22.85
C LEU A 80 -21.54 26.38 22.33
N ASN A 81 -21.42 26.69 21.04
CA ASN A 81 -22.11 27.83 20.44
C ASN A 81 -22.66 27.44 19.08
N VAL A 82 -23.36 28.39 18.42
CA VAL A 82 -23.97 28.15 17.12
C VAL A 82 -24.05 29.47 16.37
N VAL A 83 -23.97 29.38 15.04
CA VAL A 83 -24.02 30.54 14.16
C VAL A 83 -24.96 30.22 13.01
N GLU A 84 -25.85 31.19 12.69
CA GLU A 84 -26.80 31.05 11.60
C GLU A 84 -26.19 31.59 10.31
N LEU A 85 -26.17 30.76 9.27
CA LEU A 85 -25.56 31.11 8.00
C LEU A 85 -26.52 31.95 7.17
N GLU A 86 -25.99 33.04 6.61
CA GLU A 86 -26.73 33.88 5.68
C GLU A 86 -25.72 34.52 4.74
N PRO A 87 -25.80 34.24 3.42
CA PRO A 87 -24.94 34.88 2.43
C PRO A 87 -25.04 36.41 2.47
N PRO A 88 -24.04 37.15 1.94
CA PRO A 88 -22.95 36.55 1.21
C PRO A 88 -21.84 36.05 2.12
N TYR A 89 -21.13 35.03 1.67
CA TYR A 89 -19.90 34.64 2.33
C TYR A 89 -18.83 35.61 1.85
N PRO A 90 -17.76 35.87 2.63
CA PRO A 90 -17.53 35.27 3.94
C PRO A 90 -18.19 36.07 5.06
N VAL A 91 -18.83 35.39 6.00
CA VAL A 91 -19.53 36.05 7.08
C VAL A 91 -18.49 36.61 8.06
N THR A 92 -18.62 37.91 8.38
CA THR A 92 -17.60 38.61 9.14
C THR A 92 -18.04 38.73 10.61
N ASN A 93 -17.25 38.13 11.50
CA ASN A 93 -17.42 38.24 12.94
C ASN A 93 -18.85 37.93 13.35
N PRO A 94 -19.38 36.73 13.02
CA PRO A 94 -20.67 36.28 13.54
C PRO A 94 -20.68 36.08 15.04
N VAL A 95 -21.69 36.64 15.73
CA VAL A 95 -21.80 36.55 17.17
C VAL A 95 -22.22 35.12 17.54
N LEU A 96 -21.49 34.51 18.47
CA LEU A 96 -21.78 33.14 18.88
C LEU A 96 -22.96 33.14 19.84
N LYS A 97 -23.97 32.31 19.55
CA LYS A 97 -25.12 32.16 20.43
C LYS A 97 -24.99 30.87 21.23
N PRO A 98 -24.87 30.94 22.58
CA PRO A 98 -24.69 29.75 23.40
C PRO A 98 -25.74 28.68 23.16
N TYR A 99 -25.28 27.50 22.70
CA TYR A 99 -26.14 26.38 22.37
C TYR A 99 -25.93 25.19 23.30
N PRO A 100 -27.00 24.43 23.65
CA PRO A 100 -28.36 24.79 23.27
C PRO A 100 -28.87 26.04 23.98
N SER A 101 -28.37 26.27 25.19
CA SER A 101 -28.75 27.45 25.96
C SER A 101 -27.57 27.90 26.82
N PHE A 102 -27.61 29.16 27.25
CA PHE A 102 -26.54 29.73 28.05
C PHE A 102 -26.63 29.18 29.47
N GLU A 103 -27.80 28.65 29.83
CA GLU A 103 -27.99 28.05 31.14
C GLU A 103 -27.05 26.86 31.27
N LEU A 104 -26.85 26.13 30.17
CA LEU A 104 -26.01 24.94 30.15
C LEU A 104 -24.54 25.33 30.05
N ASN A 105 -24.26 26.43 29.36
CA ASN A 105 -22.88 26.85 29.12
C ASN A 105 -22.42 27.76 30.26
N GLU A 106 -23.30 28.04 31.22
CA GLU A 106 -22.91 28.81 32.41
C GLU A 106 -21.90 28.01 33.21
N LEU A 107 -20.81 28.68 33.59
CA LEU A 107 -19.78 28.08 34.42
C LEU A 107 -20.07 28.42 35.88
N ARG A 108 -20.21 27.38 36.73
CA ARG A 108 -20.48 27.57 38.14
C ARG A 108 -19.25 28.17 38.81
N ALA A 109 -19.47 29.14 39.70
CA ALA A 109 -18.38 29.79 40.40
C ALA A 109 -17.73 28.81 41.37
N ASP A 110 -18.56 27.93 41.96
CA ASP A 110 -18.11 26.95 42.93
C ASP A 110 -17.27 25.87 42.24
N LEU A 111 -17.50 25.69 40.93
CA LEU A 111 -16.76 24.73 40.11
C LEU A 111 -17.05 23.31 40.60
N GLN A 112 -18.32 23.06 40.95
CA GLN A 112 -18.73 21.75 41.44
C GLN A 112 -19.38 20.97 40.30
N PRO A 113 -19.33 19.61 40.35
CA PRO A 113 -19.93 18.79 39.31
C PRO A 113 -21.44 19.01 39.14
N ASP A 114 -21.90 19.07 37.88
CA ASP A 114 -23.32 19.21 37.56
C ASP A 114 -23.57 18.60 36.17
N ALA A 115 -24.43 17.58 36.13
CA ALA A 115 -24.70 16.83 34.91
C ALA A 115 -25.50 17.65 33.92
N ASN A 116 -25.94 18.84 34.32
CA ASN A 116 -26.73 19.70 33.45
C ASN A 116 -25.93 20.97 33.15
N ARG A 117 -24.62 20.81 32.97
CA ARG A 117 -23.76 21.93 32.63
C ARG A 117 -22.69 21.44 31.65
N LEU A 118 -22.18 22.38 30.82
CA LEU A 118 -21.10 22.09 29.90
C LEU A 118 -19.87 22.88 30.32
N VAL A 119 -18.77 22.16 30.54
CA VAL A 119 -17.53 22.77 31.01
C VAL A 119 -16.64 23.09 29.81
N THR A 120 -16.25 22.05 29.05
CA THR A 120 -15.36 22.20 27.92
C THR A 120 -15.78 21.21 26.82
N VAL A 121 -15.97 21.74 25.60
CA VAL A 121 -16.34 20.96 24.43
C VAL A 121 -15.38 21.30 23.29
N TYR A 122 -14.84 20.25 22.64
CA TYR A 122 -13.83 20.43 21.60
C TYR A 122 -14.47 20.32 20.21
N ARG A 123 -14.59 19.08 19.70
CA ARG A 123 -14.92 18.85 18.30
C ARG A 123 -16.17 17.97 18.18
N PRO A 124 -17.37 18.58 18.02
CA PRO A 124 -18.60 17.82 17.84
C PRO A 124 -18.75 17.23 16.44
N ARG A 125 -19.62 16.23 16.29
CA ARG A 125 -19.89 15.66 14.99
C ARG A 125 -21.39 15.48 14.81
N VAL A 126 -21.84 15.63 13.56
CA VAL A 126 -23.25 15.53 13.20
C VAL A 126 -23.47 14.23 12.42
N ASP A 127 -24.51 13.47 12.81
CA ASP A 127 -24.86 12.21 12.18
C ASP A 127 -26.05 12.42 11.24
N ARG A 128 -26.51 11.32 10.63
CA ARG A 128 -27.59 11.35 9.66
C ARG A 128 -28.94 11.45 10.36
N CYS A 129 -28.94 11.19 11.67
CA CYS A 129 -30.17 11.15 12.45
C CYS A 129 -30.50 12.52 13.05
N ASP A 130 -29.87 13.58 12.53
CA ASP A 130 -30.14 14.93 12.98
C ASP A 130 -29.84 15.02 14.47
N ARG A 131 -28.64 14.56 14.85
CA ARG A 131 -28.18 14.63 16.22
C ARG A 131 -26.78 15.22 16.24
N LEU A 132 -26.47 15.92 17.33
CA LEU A 132 -25.15 16.49 17.55
C LEU A 132 -24.46 15.73 18.68
N TRP A 133 -23.35 15.08 18.36
CA TRP A 133 -22.58 14.35 19.35
C TRP A 133 -21.32 15.12 19.72
N PHE A 134 -21.03 15.23 21.02
CA PHE A 134 -19.80 15.86 21.47
C PHE A 134 -19.42 15.29 22.84
N VAL A 135 -18.18 15.57 23.26
CA VAL A 135 -17.68 15.13 24.55
C VAL A 135 -17.35 16.35 25.39
N ASP A 136 -18.01 16.45 26.56
CA ASP A 136 -17.67 17.44 27.57
C ASP A 136 -16.61 16.85 28.47
N THR A 137 -15.38 17.40 28.38
CA THR A 137 -14.23 16.88 29.10
C THR A 137 -14.44 17.06 30.60
N GLY A 138 -15.13 18.15 30.96
CA GLY A 138 -15.37 18.48 32.35
C GLY A 138 -14.08 18.97 33.02
N MET A 139 -13.14 19.43 32.20
CA MET A 139 -11.82 19.79 32.65
C MET A 139 -11.39 21.06 31.94
N MET A 140 -10.83 22.01 32.70
CA MET A 140 -10.32 23.25 32.13
C MET A 140 -8.79 23.26 32.19
N GLU A 141 -8.15 23.38 31.03
CA GLU A 141 -6.72 23.21 30.91
C GLU A 141 -6.01 24.56 30.99
N ILE A 142 -6.29 25.33 32.05
CA ILE A 142 -5.68 26.63 32.23
C ILE A 142 -4.22 26.41 32.61
N PRO A 143 -3.25 27.00 31.86
CA PRO A 143 -1.85 26.87 32.21
C PRO A 143 -1.59 27.36 33.63
N GLY A 144 -1.12 26.45 34.48
CA GLY A 144 -0.91 26.73 35.88
C GLY A 144 -1.94 26.02 36.75
N ASN A 145 -3.22 26.23 36.44
CA ASN A 145 -4.32 25.65 37.20
C ASN A 145 -5.12 24.69 36.33
N PHE A 146 -4.72 23.42 36.30
CA PHE A 146 -5.55 22.40 35.68
C PHE A 146 -6.75 22.17 36.60
N THR A 147 -7.94 22.55 36.12
CA THR A 147 -9.15 22.49 36.93
C THR A 147 -10.06 21.38 36.40
N VAL A 148 -10.14 20.27 37.16
CA VAL A 148 -11.02 19.17 36.83
C VAL A 148 -12.36 19.36 37.54
N VAL A 149 -13.34 19.95 36.83
CA VAL A 149 -14.62 20.31 37.40
C VAL A 149 -15.46 19.06 37.65
N GLN A 150 -15.50 18.17 36.63
CA GLN A 150 -16.30 16.97 36.70
C GLN A 150 -15.65 15.91 35.82
N ARG A 151 -16.28 14.75 35.72
CA ARG A 151 -15.79 13.69 34.86
C ARG A 151 -16.19 13.98 33.41
N PRO A 152 -15.52 13.35 32.42
CA PRO A 152 -15.92 13.49 31.03
C PRO A 152 -17.23 12.79 30.69
N SER A 153 -18.03 13.42 29.82
CA SER A 153 -19.34 12.91 29.48
C SER A 153 -19.59 13.06 27.97
N ILE A 154 -20.32 12.09 27.40
CA ILE A 154 -20.66 12.09 25.98
C ILE A 154 -22.13 12.47 25.79
N TRP A 155 -22.37 13.55 25.04
CA TRP A 155 -23.70 14.11 24.88
C TRP A 155 -24.25 13.79 23.49
N SER A 156 -25.59 13.86 23.37
CA SER A 156 -26.28 13.81 22.08
C SER A 156 -27.46 14.78 22.14
N ILE A 157 -27.55 15.66 21.14
CA ILE A 157 -28.57 16.69 21.09
C ILE A 157 -29.43 16.46 19.87
N ASP A 158 -30.75 16.56 20.03
CA ASP A 158 -31.66 16.55 18.89
C ASP A 158 -31.62 17.91 18.23
N LEU A 159 -31.14 17.95 16.98
CA LEU A 159 -30.94 19.21 16.26
C LEU A 159 -32.27 19.74 15.75
N LYS A 160 -33.33 18.92 15.85
CA LYS A 160 -34.65 19.31 15.39
C LYS A 160 -35.39 20.05 16.51
N THR A 161 -35.20 19.60 17.76
CA THR A 161 -35.88 20.21 18.89
C THR A 161 -34.90 21.08 19.68
N ASN A 162 -33.59 20.86 19.48
CA ASN A 162 -32.54 21.55 20.21
C ASN A 162 -32.58 21.13 21.68
N GLN A 163 -33.02 19.89 21.93
CA GLN A 163 -33.17 19.35 23.28
C GLN A 163 -32.22 18.18 23.47
N PRO A 164 -31.41 18.17 24.56
CA PRO A 164 -30.50 17.06 24.83
C PRO A 164 -31.22 15.71 24.91
N LEU A 165 -30.64 14.69 24.27
CA LEU A 165 -31.24 13.36 24.17
C LEU A 165 -30.63 12.44 25.22
N SER A 166 -29.30 12.33 25.24
CA SER A 166 -28.62 11.44 26.16
C SER A 166 -27.36 12.09 26.72
N ARG A 167 -26.93 11.60 27.88
CA ARG A 167 -25.66 11.95 28.47
C ARG A 167 -25.06 10.69 29.09
N TYR A 168 -23.78 10.47 28.88
CA TYR A 168 -23.10 9.32 29.46
C TYR A 168 -21.79 9.78 30.11
N GLU A 169 -21.70 9.59 31.43
CA GLU A 169 -20.48 9.87 32.16
C GLU A 169 -19.51 8.70 31.94
N ILE A 170 -18.27 9.01 31.56
CA ILE A 170 -17.26 8.01 31.29
C ILE A 170 -16.61 7.58 32.61
N PRO A 171 -16.65 6.27 32.96
CA PRO A 171 -16.12 5.79 34.23
C PRO A 171 -14.60 5.90 34.33
N GLN A 172 -14.08 5.80 35.56
CA GLN A 172 -12.66 6.00 35.82
C GLN A 172 -11.87 4.90 35.13
N LYS A 173 -12.50 3.74 34.96
CA LYS A 173 -11.85 2.54 34.44
C LYS A 173 -11.45 2.73 32.98
N ASP A 174 -12.00 3.76 32.33
CA ASP A 174 -11.76 4.00 30.91
C ASP A 174 -10.82 5.20 30.74
N VAL A 175 -11.16 6.31 31.36
CA VAL A 175 -10.33 7.51 31.34
C VAL A 175 -10.31 8.10 32.75
N GLU A 176 -9.23 8.80 33.08
CA GLU A 176 -9.09 9.38 34.39
C GLU A 176 -9.83 10.71 34.42
N THR A 177 -9.36 11.67 33.61
CA THR A 177 -9.85 13.04 33.71
C THR A 177 -10.53 13.50 32.42
N GLY A 178 -10.02 13.03 31.27
CA GLY A 178 -10.53 13.47 29.99
C GLY A 178 -9.77 14.69 29.49
N TYR A 179 -8.45 14.68 29.75
CA TYR A 179 -7.55 15.75 29.36
C TYR A 179 -7.44 15.82 27.83
N GLY A 180 -7.38 14.64 27.18
CA GLY A 180 -7.03 14.56 25.78
C GLY A 180 -8.21 14.18 24.90
N LEU A 181 -9.40 14.08 25.49
CA LEU A 181 -10.60 13.73 24.74
C LEU A 181 -11.05 14.95 23.93
N THR A 182 -10.43 15.14 22.76
CA THR A 182 -10.67 16.33 21.96
C THR A 182 -11.23 15.96 20.59
N SER A 183 -11.47 14.66 20.34
CA SER A 183 -11.88 14.21 19.03
C SER A 183 -12.75 12.94 19.17
N ILE A 184 -13.83 12.88 18.39
CA ILE A 184 -14.72 11.73 18.42
C ILE A 184 -15.09 11.34 16.98
N THR A 185 -15.42 10.06 16.80
CA THR A 185 -15.84 9.52 15.51
C THR A 185 -17.12 8.71 15.73
N LEU A 186 -18.15 8.96 14.89
CA LEU A 186 -19.46 8.33 15.04
C LEU A 186 -19.56 7.12 14.13
N ASP A 187 -20.06 6.00 14.68
CA ASP A 187 -20.35 4.81 13.91
C ASP A 187 -21.82 4.44 14.11
N VAL A 188 -22.68 4.94 13.20
CA VAL A 188 -24.12 4.75 13.29
C VAL A 188 -24.55 3.69 12.29
N ASP A 189 -25.30 2.69 12.75
CA ASP A 189 -25.79 1.64 11.87
C ASP A 189 -26.61 2.29 10.75
N PRO A 190 -26.43 1.87 9.49
CA PRO A 190 -27.19 2.44 8.38
C PRO A 190 -28.70 2.15 8.46
N ASP A 191 -29.06 1.05 9.15
CA ASP A 191 -30.45 0.65 9.25
C ASP A 191 -31.07 1.27 10.50
N ASP A 192 -30.69 0.74 11.67
CA ASP A 192 -31.25 1.22 12.92
C ASP A 192 -30.44 2.41 13.40
N CYS A 193 -31.15 3.50 13.70
CA CYS A 193 -30.54 4.75 14.12
C CYS A 193 -30.20 4.73 15.61
N SER A 194 -30.73 3.74 16.32
CA SER A 194 -30.52 3.60 17.75
C SER A 194 -29.14 2.97 18.03
N LYS A 195 -28.70 2.10 17.12
CA LYS A 195 -27.42 1.41 17.24
C LYS A 195 -26.29 2.36 16.90
N VAL A 196 -25.60 2.88 17.93
CA VAL A 196 -24.54 3.86 17.74
C VAL A 196 -23.32 3.47 18.56
N PHE A 197 -22.14 3.59 17.95
CA PHE A 197 -20.87 3.46 18.64
C PHE A 197 -20.09 4.73 18.41
N VAL A 198 -19.38 5.18 19.45
CA VAL A 198 -18.56 6.39 19.37
C VAL A 198 -17.12 6.02 19.72
N TYR A 199 -16.18 6.52 18.93
CA TYR A 199 -14.76 6.25 19.13
C TYR A 199 -14.04 7.55 19.45
N ILE A 200 -13.55 7.67 20.69
CA ILE A 200 -12.93 8.89 21.16
C ILE A 200 -11.42 8.70 21.10
N SER A 201 -10.72 9.72 20.56
CA SER A 201 -9.27 9.72 20.47
C SER A 201 -8.71 10.57 21.59
N ASP A 202 -7.88 9.95 22.45
CA ASP A 202 -7.17 10.68 23.48
C ASP A 202 -5.71 10.80 23.06
N LEU A 203 -5.28 12.02 22.73
CA LEU A 203 -3.95 12.26 22.22
C LEU A 203 -2.97 12.50 23.36
N GLN A 204 -3.50 12.62 24.59
CA GLN A 204 -2.66 12.89 25.75
C GLN A 204 -2.24 11.58 26.40
N THR A 205 -3.23 10.73 26.70
CA THR A 205 -2.99 9.47 27.38
C THR A 205 -2.78 8.35 26.37
N TYR A 206 -2.80 8.68 25.08
CA TYR A 206 -2.45 7.74 24.01
C TYR A 206 -3.37 6.52 24.07
N ARG A 207 -4.68 6.76 23.95
CA ARG A 207 -5.65 5.68 23.99
C ARG A 207 -6.88 6.05 23.17
N MET A 208 -7.75 5.04 22.98
CA MET A 208 -9.00 5.19 22.26
C MET A 208 -10.14 4.70 23.16
N VAL A 209 -11.07 5.60 23.49
CA VAL A 209 -12.21 5.24 24.32
C VAL A 209 -13.38 4.87 23.42
N VAL A 210 -13.91 3.65 23.60
CA VAL A 210 -15.06 3.19 22.85
C VAL A 210 -16.31 3.39 23.72
N TYR A 211 -17.40 3.82 23.08
CA TYR A 211 -18.65 4.09 23.78
C TYR A 211 -19.78 3.33 23.09
N ASP A 212 -20.40 2.40 23.83
CA ASP A 212 -21.55 1.67 23.33
C ASP A 212 -22.82 2.35 23.80
N HIS A 213 -23.48 3.06 22.87
CA HIS A 213 -24.61 3.91 23.22
C HIS A 213 -25.84 3.08 23.54
N GLU A 214 -25.99 1.94 22.84
CA GLU A 214 -27.17 1.11 23.00
C GLU A 214 -27.17 0.51 24.40
N ASN A 215 -26.02 -0.01 24.83
CA ASN A 215 -25.88 -0.73 26.09
C ASN A 215 -25.30 0.18 27.17
N GLN A 216 -25.12 1.46 26.86
CA GLN A 216 -24.60 2.41 27.82
C GLN A 216 -23.44 1.78 28.58
N LYS A 217 -22.44 1.30 27.82
CA LYS A 217 -21.18 0.82 28.38
C LYS A 217 -20.03 1.44 27.60
N SER A 218 -18.83 1.42 28.19
CA SER A 218 -17.66 2.01 27.52
C SER A 218 -16.38 1.23 27.88
N TRP A 219 -15.42 1.19 26.96
CA TRP A 219 -14.12 0.51 27.26
C TRP A 219 -12.98 1.27 26.57
N ARG A 220 -11.74 1.06 27.02
CA ARG A 220 -10.58 1.80 26.46
C ARG A 220 -9.67 0.85 25.68
N PHE A 221 -9.00 1.35 24.64
CA PHE A 221 -8.03 0.52 23.88
C PHE A 221 -6.65 1.15 24.02
N LEU A 222 -5.66 0.36 24.46
CA LEU A 222 -4.27 0.86 24.59
C LEU A 222 -3.40 0.15 23.55
N HIS A 223 -2.59 0.91 22.80
CA HIS A 223 -1.77 0.34 21.76
C HIS A 223 -0.59 1.27 21.46
N ASN A 224 0.48 0.70 20.91
CA ASN A 224 1.70 1.44 20.66
C ASN A 224 1.48 2.40 19.50
N TYR A 225 0.56 2.05 18.59
CA TYR A 225 0.36 2.79 17.36
C TYR A 225 -0.32 4.11 17.66
N PHE A 226 -0.90 4.21 18.86
CA PHE A 226 -1.57 5.43 19.30
C PHE A 226 -0.55 6.48 19.70
N PHE A 227 0.72 6.07 19.87
CA PHE A 227 1.79 6.99 20.22
C PHE A 227 2.29 7.69 18.97
N LEU A 228 3.05 8.77 19.19
CA LEU A 228 3.63 9.55 18.12
C LEU A 228 4.84 8.82 17.54
N ASN A 229 5.40 9.42 16.48
CA ASN A 229 6.69 9.04 15.98
C ASN A 229 7.69 10.09 16.47
N PRO A 230 8.64 9.70 17.35
CA PRO A 230 9.57 10.66 17.94
C PRO A 230 10.16 11.65 16.95
N LEU A 231 10.55 11.16 15.77
CA LEU A 231 11.25 11.96 14.78
C LEU A 231 10.29 12.86 14.01
N GLU A 232 8.99 12.52 14.01
CA GLU A 232 8.03 13.22 13.18
C GLU A 232 7.14 14.12 14.04
N GLY A 233 7.74 14.78 15.03
CA GLY A 233 6.97 15.59 15.97
C GLY A 233 7.41 17.06 15.98
N ASP A 234 8.26 17.44 15.03
CA ASP A 234 8.79 18.79 14.96
C ASP A 234 8.17 19.52 13.78
N PHE A 235 7.72 20.76 14.03
CA PHE A 235 7.04 21.54 13.01
C PHE A 235 7.73 22.90 12.88
N ASN A 236 7.37 23.64 11.82
CA ASN A 236 7.78 25.03 11.68
C ASN A 236 6.75 25.78 10.84
N ILE A 237 5.77 26.35 11.52
CA ILE A 237 4.66 27.02 10.86
C ILE A 237 4.83 28.50 11.07
N GLN A 238 4.61 29.27 10.00
CA GLN A 238 4.66 30.72 10.09
C GLN A 238 5.99 31.13 10.71
N GLY A 239 7.04 30.35 10.40
CA GLY A 239 8.37 30.63 10.89
C GLY A 239 8.49 30.42 12.39
N ILE A 240 7.54 29.68 12.96
CA ILE A 240 7.54 29.41 14.39
C ILE A 240 7.86 27.93 14.59
N PRO A 241 9.03 27.61 15.18
CA PRO A 241 9.37 26.23 15.49
C PRO A 241 8.74 25.74 16.80
N PHE A 242 8.30 24.48 16.79
CA PHE A 242 7.72 23.84 17.97
C PHE A 242 7.71 22.33 17.78
N ALA A 243 7.52 21.60 18.89
CA ALA A 243 7.52 20.15 18.86
C ALA A 243 6.44 19.61 19.80
N TRP A 244 5.59 18.74 19.27
CA TRP A 244 4.50 18.16 20.04
C TRP A 244 4.69 16.66 20.21
N ASP A 245 4.16 16.13 21.32
CA ASP A 245 4.25 14.70 21.61
C ASP A 245 2.85 14.08 21.61
N ASP A 246 1.95 14.64 20.78
CA ASP A 246 0.55 14.27 20.77
C ASP A 246 0.39 12.96 19.98
N GLY A 247 -0.49 12.09 20.47
CA GLY A 247 -0.70 10.77 19.89
C GLY A 247 -1.97 10.73 19.06
N ILE A 248 -2.63 9.56 19.02
CA ILE A 248 -3.83 9.37 18.22
C ILE A 248 -4.75 10.57 18.39
N PHE A 249 -5.20 11.13 17.26
CA PHE A 249 -5.91 12.40 17.26
C PHE A 249 -7.20 12.31 16.44
N SER A 250 -7.18 11.51 15.37
CA SER A 250 -8.32 11.43 14.48
C SER A 250 -8.56 9.98 14.05
N ILE A 251 -9.84 9.65 13.81
CA ILE A 251 -10.25 8.34 13.32
C ILE A 251 -11.30 8.51 12.24
N ALA A 252 -11.11 7.81 11.12
CA ALA A 252 -12.05 7.86 9.99
C ALA A 252 -12.54 6.47 9.67
N LEU A 253 -13.86 6.34 9.45
CA LEU A 253 -14.49 5.05 9.22
C LEU A 253 -14.87 4.90 7.76
N SER A 254 -14.63 3.72 7.21
CA SER A 254 -15.00 3.40 5.84
C SER A 254 -16.47 2.97 5.82
N ASN A 255 -16.97 2.67 4.62
CA ASN A 255 -18.32 2.15 4.50
C ASN A 255 -18.35 0.72 5.02
N PRO A 256 -19.50 0.26 5.56
CA PRO A 256 -19.62 -1.11 6.03
C PRO A 256 -19.27 -2.12 4.92
N ASP A 257 -18.55 -3.17 5.32
CA ASP A 257 -18.27 -4.26 4.40
C ASP A 257 -19.59 -4.98 4.11
N PRO A 258 -19.88 -5.29 2.84
CA PRO A 258 -21.14 -5.94 2.49
C PRO A 258 -21.37 -7.29 3.18
N MET A 259 -20.30 -8.07 3.36
CA MET A 259 -20.41 -9.43 3.89
C MET A 259 -20.26 -9.43 5.41
N THR A 260 -19.39 -8.56 5.93
CA THR A 260 -18.99 -8.59 7.33
C THR A 260 -19.83 -7.60 8.14
N LYS A 261 -20.20 -6.48 7.51
CA LYS A 261 -21.02 -5.45 8.12
C LYS A 261 -20.15 -4.52 8.99
N PHE A 262 -18.83 -4.76 8.98
CA PHE A 262 -17.90 -4.01 9.81
C PHE A 262 -17.22 -2.96 8.95
N ARG A 263 -16.47 -2.07 9.62
CA ARG A 263 -15.86 -0.93 8.97
C ARG A 263 -14.36 -0.93 9.26
N THR A 264 -13.59 -0.24 8.41
CA THR A 264 -12.16 -0.10 8.62
C THR A 264 -11.88 1.28 9.22
N ALA A 265 -11.28 1.29 10.40
CA ALA A 265 -11.00 2.54 11.09
C ALA A 265 -9.59 3.02 10.74
N TYR A 266 -9.52 4.05 9.91
CA TYR A 266 -8.27 4.72 9.62
C TYR A 266 -7.97 5.71 10.74
N PHE A 267 -6.81 5.55 11.37
CA PHE A 267 -6.43 6.44 12.47
C PHE A 267 -4.94 6.76 12.35
N HIS A 268 -4.56 7.91 12.91
CA HIS A 268 -3.18 8.35 12.93
C HIS A 268 -2.94 9.27 14.11
N ALA A 269 -1.67 9.39 14.52
CA ALA A 269 -1.28 10.33 15.54
C ALA A 269 -1.01 11.69 14.90
N LEU A 270 -1.09 12.74 15.71
CA LEU A 270 -0.84 14.10 15.26
C LEU A 270 0.61 14.19 14.76
N SER A 271 1.55 13.78 15.62
CA SER A 271 2.98 13.83 15.32
C SER A 271 3.43 12.54 14.63
N SER A 272 2.88 12.27 13.44
CA SER A 272 3.15 11.04 12.72
C SER A 272 2.88 11.25 11.23
N ASN A 273 3.71 10.64 10.37
CA ASN A 273 3.49 10.66 8.93
C ASN A 273 2.92 9.31 8.48
N SER A 274 2.52 8.47 9.43
CA SER A 274 2.05 7.14 9.11
C SER A 274 0.56 7.00 9.46
N GLU A 275 -0.18 6.25 8.62
CA GLU A 275 -1.59 5.98 8.85
C GLU A 275 -1.75 4.52 9.26
N PHE A 276 -2.71 4.24 10.15
CA PHE A 276 -2.94 2.89 10.62
C PHE A 276 -4.43 2.53 10.48
N THR A 277 -4.72 1.22 10.44
CA THR A 277 -6.07 0.72 10.22
C THR A 277 -6.39 -0.38 11.24
N VAL A 278 -7.67 -0.52 11.53
CA VAL A 278 -8.18 -1.54 12.44
C VAL A 278 -9.68 -1.71 12.19
N SER A 279 -10.14 -2.96 12.18
CA SER A 279 -11.54 -3.27 11.97
C SER A 279 -12.34 -2.87 13.21
N THR A 280 -13.54 -2.32 12.99
CA THR A 280 -14.40 -1.91 14.09
C THR A 280 -14.86 -3.16 14.83
N ALA A 281 -14.73 -4.33 14.19
CA ALA A 281 -15.04 -5.59 14.83
C ALA A 281 -14.21 -5.74 16.10
N VAL A 282 -13.00 -5.17 16.08
CA VAL A 282 -12.11 -5.22 17.23
C VAL A 282 -12.49 -4.15 18.24
N LEU A 283 -12.80 -2.94 17.75
CA LEU A 283 -13.11 -1.80 18.59
C LEU A 283 -14.44 -1.99 19.29
N ARG A 284 -15.35 -2.74 18.66
CA ARG A 284 -16.67 -3.03 19.21
C ARG A 284 -16.60 -4.23 20.14
N ASN A 285 -15.41 -4.83 20.27
CA ASN A 285 -15.21 -5.99 21.12
C ASN A 285 -14.62 -5.53 22.47
N GLU A 286 -15.43 -5.61 23.54
CA GLU A 286 -15.04 -5.13 24.85
C GLU A 286 -13.98 -6.03 25.47
N THR A 287 -14.08 -7.34 25.20
CA THR A 287 -13.14 -8.31 25.75
C THR A 287 -11.77 -8.12 25.10
N ALA A 288 -11.77 -7.64 23.86
CA ALA A 288 -10.55 -7.41 23.11
C ALA A 288 -9.78 -6.22 23.68
N SER A 289 -10.51 -5.30 24.34
CA SER A 289 -9.90 -4.10 24.87
C SER A 289 -9.05 -4.43 26.09
N LYS A 290 -9.49 -5.44 26.84
CA LYS A 290 -8.87 -5.75 28.12
C LYS A 290 -7.58 -6.56 27.91
N ARG A 291 -7.31 -6.94 26.66
CA ARG A 291 -6.12 -7.72 26.33
C ARG A 291 -4.86 -6.88 26.52
N GLY A 292 -3.77 -7.55 26.91
CA GLY A 292 -2.47 -6.93 27.05
C GLY A 292 -1.73 -6.92 25.71
N TYR A 293 -2.13 -7.85 24.81
CA TYR A 293 -1.51 -7.97 23.50
C TYR A 293 -2.61 -8.15 22.46
N HIS A 294 -2.68 -7.22 21.50
CA HIS A 294 -3.76 -7.16 20.53
C HIS A 294 -3.40 -7.90 19.24
N GLY A 295 -2.16 -8.41 19.17
CA GLY A 295 -1.72 -9.24 18.05
C GLY A 295 -1.57 -8.42 16.77
N ASP A 296 -2.12 -8.94 15.67
CA ASP A 296 -1.98 -8.35 14.35
C ASP A 296 -3.26 -7.61 13.97
N ASP A 297 -4.08 -7.25 14.98
CA ASP A 297 -5.39 -6.66 14.75
C ASP A 297 -5.23 -5.25 14.19
N PHE A 298 -4.26 -4.51 14.75
CA PHE A 298 -3.94 -3.17 14.29
C PHE A 298 -2.84 -3.26 13.25
N LYS A 299 -3.05 -2.61 12.10
CA LYS A 299 -2.14 -2.72 10.96
C LYS A 299 -1.58 -1.34 10.61
N LEU A 300 -0.39 -1.33 10.00
CA LEU A 300 0.16 -0.12 9.42
C LEU A 300 -0.30 0.00 7.98
N LEU A 301 -1.00 1.09 7.66
CA LEU A 301 -1.46 1.32 6.30
C LEU A 301 -0.28 1.67 5.41
N GLY A 302 0.47 2.72 5.79
CA GLY A 302 1.62 3.18 5.01
C GLY A 302 2.05 4.60 5.36
N TYR A 303 2.91 5.18 4.51
CA TYR A 303 3.49 6.49 4.73
C TYR A 303 2.72 7.53 3.93
N ARG A 304 2.30 8.60 4.60
CA ARG A 304 1.43 9.61 4.02
C ARG A 304 2.27 10.59 3.20
N GLY A 305 3.49 10.86 3.67
CA GLY A 305 4.40 11.71 2.94
C GLY A 305 5.23 12.59 3.88
N ALA A 306 6.29 13.19 3.33
CA ALA A 306 7.17 14.04 4.11
C ALA A 306 6.40 15.27 4.56
N GLN A 307 6.48 15.59 5.86
CA GLN A 307 5.83 16.77 6.40
C GLN A 307 4.32 16.64 6.23
N SER A 308 3.85 15.39 6.18
CA SER A 308 2.45 15.10 5.89
C SER A 308 1.69 14.78 7.17
N GLN A 309 2.10 15.40 8.29
CA GLN A 309 1.43 15.16 9.56
C GLN A 309 0.03 15.74 9.45
N SER A 310 -0.97 14.92 9.81
CA SER A 310 -2.35 15.33 9.74
C SER A 310 -2.90 15.54 11.14
N SER A 311 -3.83 16.49 11.25
CA SER A 311 -4.58 16.69 12.48
C SER A 311 -5.86 15.89 12.39
N ILE A 312 -6.88 16.46 11.74
CA ILE A 312 -8.17 15.82 11.63
C ILE A 312 -8.36 15.38 10.18
N HIS A 313 -8.99 14.23 9.98
CA HIS A 313 -9.37 13.77 8.64
C HIS A 313 -10.72 13.10 8.72
N GLY A 314 -11.44 13.11 7.59
CA GLY A 314 -12.76 12.52 7.50
C GLY A 314 -12.91 11.70 6.21
N PHE A 315 -13.78 10.67 6.28
CA PHE A 315 -14.05 9.78 5.16
C PHE A 315 -15.43 10.09 4.60
N HIS A 316 -15.51 10.38 3.30
CA HIS A 316 -16.77 10.68 2.64
C HIS A 316 -17.42 9.38 2.18
N PRO A 317 -18.61 9.01 2.71
CA PRO A 317 -19.21 7.73 2.39
C PRO A 317 -19.55 7.52 0.92
N GLU A 318 -19.98 8.58 0.24
CA GLU A 318 -20.42 8.48 -1.15
C GLU A 318 -19.21 8.18 -2.05
N THR A 319 -18.19 9.05 -1.99
CA THR A 319 -17.06 8.95 -2.90
C THR A 319 -16.03 7.94 -2.38
N GLY A 320 -15.98 7.74 -1.06
CA GLY A 320 -14.98 6.88 -0.45
C GLY A 320 -13.61 7.54 -0.42
N VAL A 321 -13.61 8.87 -0.25
CA VAL A 321 -12.40 9.67 -0.28
C VAL A 321 -12.15 10.26 1.10
N ILE A 322 -10.91 10.08 1.60
CA ILE A 322 -10.52 10.60 2.89
C ILE A 322 -9.82 11.94 2.68
N PHE A 323 -10.27 12.96 3.42
CA PHE A 323 -9.66 14.28 3.39
C PHE A 323 -8.81 14.45 4.65
N PHE A 324 -7.54 14.84 4.45
CA PHE A 324 -6.59 15.04 5.54
C PHE A 324 -6.32 16.53 5.71
N ALA A 325 -6.29 16.98 6.96
CA ALA A 325 -5.90 18.34 7.28
C ALA A 325 -4.41 18.38 7.60
N LEU A 326 -3.60 18.78 6.61
CA LEU A 326 -2.17 18.76 6.75
C LEU A 326 -1.73 19.96 7.59
N ILE A 327 -0.83 19.72 8.57
CA ILE A 327 -0.47 20.69 9.58
C ILE A 327 0.71 21.52 9.11
N GLN A 328 1.76 20.84 8.63
CA GLN A 328 2.99 21.50 8.25
C GLN A 328 2.84 22.16 6.87
N LEU A 329 2.10 21.50 5.97
CA LEU A 329 1.99 21.95 4.59
C LEU A 329 0.91 23.04 4.47
N ASN A 330 0.16 23.28 5.54
CA ASN A 330 -0.87 24.31 5.59
C ASN A 330 -1.92 24.08 4.49
N ALA A 331 -2.31 22.82 4.30
CA ALA A 331 -3.16 22.47 3.17
C ALA A 331 -4.18 21.40 3.57
N VAL A 332 -5.03 21.04 2.60
CA VAL A 332 -5.98 19.96 2.75
C VAL A 332 -5.82 19.00 1.57
N SER A 333 -5.51 17.73 1.86
CA SER A 333 -5.31 16.74 0.81
C SER A 333 -6.43 15.71 0.84
N CYS A 334 -6.48 14.87 -0.20
CA CYS A 334 -7.48 13.83 -0.30
C CYS A 334 -6.84 12.54 -0.81
N TRP A 335 -7.52 11.42 -0.55
CA TRP A 335 -7.04 10.12 -0.96
C TRP A 335 -8.24 9.21 -1.21
N ASP A 336 -8.26 8.57 -2.38
CA ASP A 336 -9.28 7.58 -2.73
C ASP A 336 -8.89 6.23 -2.16
N THR A 337 -9.71 5.72 -1.23
CA THR A 337 -9.35 4.55 -0.43
C THR A 337 -9.16 3.32 -1.31
N ARG A 338 -9.71 3.35 -2.53
CA ARG A 338 -9.61 2.22 -3.45
C ARG A 338 -8.17 2.12 -3.98
N LYS A 339 -7.50 3.27 -4.09
CA LYS A 339 -6.14 3.31 -4.60
C LYS A 339 -5.15 3.00 -3.46
N PRO A 340 -3.96 2.44 -3.78
CA PRO A 340 -2.94 2.19 -2.76
C PRO A 340 -2.52 3.45 -2.02
N PHE A 341 -2.35 3.32 -0.71
CA PHE A 341 -2.03 4.45 0.14
C PHE A 341 -0.58 4.85 -0.11
N ALA A 342 -0.39 5.89 -0.94
CA ALA A 342 0.92 6.40 -1.24
C ALA A 342 0.85 7.89 -1.53
N PRO A 343 1.95 8.65 -1.34
CA PRO A 343 1.97 10.08 -1.64
C PRO A 343 1.51 10.44 -3.06
N GLN A 344 1.88 9.63 -4.05
CA GLN A 344 1.56 9.95 -5.44
C GLN A 344 0.12 9.57 -5.78
N ASN A 345 -0.60 8.99 -4.83
CA ASN A 345 -2.01 8.68 -5.02
C ASN A 345 -2.84 9.64 -4.16
N MET A 346 -2.20 10.73 -3.72
CA MET A 346 -2.86 11.77 -2.93
C MET A 346 -2.65 13.12 -3.60
N ALA A 347 -3.63 14.01 -3.44
CA ALA A 347 -3.61 15.32 -4.08
C ALA A 347 -3.99 16.39 -3.08
N ILE A 348 -3.36 17.58 -3.21
CA ILE A 348 -3.69 18.73 -2.39
C ILE A 348 -4.80 19.53 -3.07
N VAL A 349 -5.94 19.66 -2.39
CA VAL A 349 -7.12 20.29 -2.97
C VAL A 349 -7.16 21.77 -2.60
N TYR A 350 -6.47 22.14 -1.52
CA TYR A 350 -6.44 23.53 -1.10
C TYR A 350 -5.18 23.75 -0.27
N LYS A 351 -4.52 24.89 -0.47
CA LYS A 351 -3.29 25.21 0.23
C LYS A 351 -3.20 26.71 0.45
N ASN A 352 -3.09 27.13 1.71
CA ASN A 352 -3.15 28.54 2.05
C ASN A 352 -2.23 28.84 3.22
N ASP A 353 -1.00 29.25 2.90
CA ASP A 353 0.05 29.41 3.90
C ASP A 353 -0.18 30.68 4.72
N ARG A 354 -1.03 31.58 4.22
CA ARG A 354 -1.31 32.83 4.91
C ARG A 354 -2.37 32.61 5.99
N ASP A 355 -3.50 32.01 5.61
CA ASP A 355 -4.65 31.90 6.52
C ASP A 355 -4.59 30.60 7.33
N ILE A 356 -4.31 29.47 6.67
CA ILE A 356 -4.22 28.19 7.37
C ILE A 356 -2.90 28.13 8.13
N ILE A 357 -2.96 28.44 9.42
CA ILE A 357 -1.81 28.32 10.30
C ILE A 357 -1.85 26.93 10.94
N TYR A 358 -2.89 26.65 11.72
CA TYR A 358 -3.06 25.30 12.25
C TYR A 358 -4.47 24.80 11.97
N PRO A 359 -4.64 23.82 11.06
CA PRO A 359 -5.95 23.26 10.79
C PRO A 359 -6.48 22.49 11.99
N ASN A 360 -7.35 23.15 12.77
CA ASN A 360 -7.75 22.65 14.08
C ASN A 360 -8.93 21.68 13.96
N ASP A 361 -9.60 21.65 12.80
CA ASP A 361 -10.76 20.79 12.63
C ASP A 361 -11.04 20.57 11.14
N LEU A 362 -11.58 19.37 10.85
CA LEU A 362 -12.06 19.02 9.53
C LEU A 362 -13.23 18.06 9.70
N SER A 363 -14.34 18.35 9.01
CA SER A 363 -15.55 17.56 9.13
C SER A 363 -16.20 17.36 7.76
N ILE A 364 -17.04 16.33 7.66
CA ILE A 364 -17.81 16.10 6.45
C ILE A 364 -19.29 16.15 6.84
N ASP A 365 -20.06 17.02 6.16
CA ASP A 365 -21.47 17.25 6.47
C ASP A 365 -22.33 16.29 5.66
N GLN A 366 -23.65 16.37 5.86
CA GLN A 366 -24.60 15.47 5.24
C GLN A 366 -25.02 15.99 3.87
N GLU A 367 -24.32 17.01 3.37
CA GLU A 367 -24.69 17.63 2.10
C GLU A 367 -23.64 17.31 1.04
N GLY A 368 -22.58 16.60 1.43
CA GLY A 368 -21.51 16.24 0.51
C GLY A 368 -20.47 17.36 0.37
N ASN A 369 -20.19 18.05 1.47
CA ASN A 369 -19.19 19.10 1.51
C ASN A 369 -18.12 18.72 2.53
N VAL A 370 -16.92 19.26 2.33
CA VAL A 370 -15.82 19.07 3.28
C VAL A 370 -15.58 20.42 3.96
N TRP A 371 -15.60 20.41 5.29
CA TRP A 371 -15.40 21.61 6.08
C TRP A 371 -14.07 21.50 6.82
N PHE A 372 -13.25 22.56 6.77
CA PHE A 372 -12.01 22.61 7.53
C PHE A 372 -11.85 24.03 8.09
N MET A 373 -11.03 24.15 9.15
CA MET A 373 -10.96 25.37 9.93
C MET A 373 -9.52 25.62 10.37
N SER A 374 -9.15 26.89 10.53
CA SER A 374 -7.90 27.28 11.15
C SER A 374 -8.18 28.28 12.26
N ASN A 375 -7.39 28.21 13.35
CA ASN A 375 -7.66 29.05 14.52
C ASN A 375 -6.40 29.79 14.98
N SER A 376 -5.27 29.59 14.28
CA SER A 376 -4.05 30.35 14.53
C SER A 376 -3.54 30.11 15.95
N ILE A 377 -3.77 28.89 16.47
CA ILE A 377 -3.47 28.57 17.87
C ILE A 377 -1.97 28.70 18.12
N ILE A 378 -1.16 28.43 17.09
CA ILE A 378 0.28 28.48 17.23
C ILE A 378 0.73 29.89 17.61
N LYS A 379 0.12 30.89 16.97
CA LYS A 379 0.47 32.28 17.19
C LYS A 379 0.20 32.64 18.65
N LEU A 380 -0.88 32.09 19.22
CA LEU A 380 -1.24 32.36 20.60
C LEU A 380 -0.24 31.70 21.54
N LEU A 381 0.23 30.51 21.19
CA LEU A 381 1.02 29.70 22.09
C LEU A 381 2.45 30.20 22.13
N TYR A 382 3.03 30.51 20.96
CA TYR A 382 4.47 30.72 20.87
C TYR A 382 4.80 32.18 20.54
N THR A 383 3.79 32.96 20.11
CA THR A 383 3.98 34.38 19.84
C THR A 383 2.77 35.13 20.40
N GLN A 384 2.57 36.37 19.91
CA GLN A 384 1.40 37.14 20.28
C GLN A 384 0.38 37.04 19.15
N LEU A 385 -0.89 36.84 19.53
CA LEU A 385 -1.99 36.87 18.59
C LEU A 385 -2.55 38.29 18.56
N SER A 386 -2.75 38.83 17.35
CA SER A 386 -3.27 40.18 17.20
C SER A 386 -4.74 40.11 16.75
N LEU A 387 -5.62 40.72 17.56
CA LEU A 387 -7.05 40.68 17.31
C LEU A 387 -7.43 41.69 16.24
N GLU A 388 -6.42 42.28 15.59
CA GLU A 388 -6.65 43.21 14.51
C GLU A 388 -6.78 42.41 13.21
N GLU A 389 -6.08 41.27 13.12
CA GLU A 389 -6.12 40.39 11.96
C GLU A 389 -7.22 39.37 12.12
N PHE A 390 -7.69 38.81 10.99
CA PHE A 390 -8.64 37.72 11.00
C PHE A 390 -7.89 36.42 11.30
N ASN A 391 -8.11 35.88 12.50
CA ASN A 391 -7.32 34.77 12.99
C ASN A 391 -8.05 33.46 12.72
N PHE A 392 -9.38 33.49 12.81
CA PHE A 392 -10.18 32.28 12.76
C PHE A 392 -10.91 32.20 11.43
N HIS A 393 -10.73 31.09 10.71
CA HIS A 393 -11.28 30.94 9.37
C HIS A 393 -11.99 29.59 9.27
N ILE A 394 -13.08 29.55 8.50
CA ILE A 394 -13.78 28.30 8.21
C ILE A 394 -14.10 28.26 6.72
N TRP A 395 -13.78 27.13 6.07
CA TRP A 395 -13.99 26.95 4.65
C TRP A 395 -14.93 25.77 4.41
N ARG A 396 -15.50 25.73 3.19
CA ARG A 396 -16.24 24.58 2.71
C ARG A 396 -15.96 24.39 1.22
N ALA A 397 -16.07 23.14 0.77
CA ALA A 397 -15.82 22.79 -0.62
C ALA A 397 -16.62 21.54 -0.98
N ASN A 398 -17.28 21.58 -2.14
CA ASN A 398 -18.04 20.44 -2.63
C ASN A 398 -17.07 19.31 -2.98
N ILE A 399 -17.36 18.11 -2.44
CA ILE A 399 -16.41 17.02 -2.49
C ILE A 399 -16.28 16.51 -3.93
N LYS A 400 -17.41 16.22 -4.58
CA LYS A 400 -17.39 15.65 -5.93
C LYS A 400 -16.76 16.63 -6.91
N GLU A 401 -16.89 17.93 -6.63
CA GLU A 401 -16.44 18.97 -7.53
C GLU A 401 -14.96 19.28 -7.31
N ILE A 402 -14.47 19.06 -6.08
CA ILE A 402 -13.11 19.43 -5.71
C ILE A 402 -12.14 18.31 -6.16
N ILE A 403 -12.67 17.08 -6.28
CA ILE A 403 -11.85 15.92 -6.59
C ILE A 403 -11.94 15.59 -8.07
N LYS A 404 -12.74 16.35 -8.81
CA LYS A 404 -13.12 15.99 -10.18
C LYS A 404 -11.88 15.58 -10.98
N GLY A 405 -10.94 16.51 -11.15
CA GLY A 405 -9.81 16.28 -12.04
C GLY A 405 -8.68 15.50 -11.36
N THR A 406 -8.69 15.48 -10.02
CA THR A 406 -7.55 15.04 -9.23
C THR A 406 -7.43 13.52 -9.24
N VAL A 407 -6.43 13.01 -8.50
CA VAL A 407 -6.19 11.59 -8.39
C VAL A 407 -7.19 11.01 -7.37
N CYS A 408 -7.89 11.88 -6.66
CA CYS A 408 -8.84 11.46 -5.65
C CYS A 408 -10.15 11.00 -6.29
N ASP A 409 -10.35 11.36 -7.57
CA ASP A 409 -11.56 10.96 -8.28
C ASP A 409 -11.51 9.45 -8.53
N PRO A 410 -12.52 8.70 -8.06
CA PRO A 410 -12.55 7.25 -8.24
C PRO A 410 -12.42 6.79 -9.69
N THR A 411 -12.89 7.63 -10.63
CA THR A 411 -12.85 7.30 -12.05
C THR A 411 -11.43 7.43 -12.58
N VAL A 412 -10.66 8.35 -11.99
CA VAL A 412 -9.26 8.55 -12.38
C VAL A 412 -8.45 7.37 -11.86
N PRO A 413 -7.55 6.77 -12.70
CA PRO A 413 -6.73 5.66 -12.25
C PRO A 413 -5.57 6.09 -11.35
N PRO A 414 -5.00 5.16 -10.56
CA PRO A 414 -3.84 5.47 -9.72
C PRO A 414 -2.55 5.66 -10.49
N ASN A 415 -1.58 6.34 -9.87
CA ASN A 415 -0.33 6.69 -10.53
C ASN A 415 0.59 5.47 -10.59
N VAL A 416 1.47 5.48 -11.60
CA VAL A 416 2.33 4.35 -11.91
C VAL A 416 3.59 4.39 -11.05
N ASP A 417 4.01 5.62 -10.67
CA ASP A 417 5.25 5.84 -9.94
C ASP A 417 6.32 4.89 -10.47
N GLN B 21 21.53 -16.76 0.14
CA GLN B 21 22.44 -17.14 -0.96
C GLN B 21 23.46 -18.15 -0.45
N ARG B 22 23.74 -18.10 0.87
CA ARG B 22 24.67 -19.03 1.50
C ARG B 22 23.89 -20.05 2.34
N GLN B 23 22.64 -20.30 1.96
CA GLN B 23 21.83 -21.32 2.58
C GLN B 23 20.71 -21.74 1.62
N VAL B 24 21.04 -21.70 0.32
CA VAL B 24 20.15 -22.16 -0.73
C VAL B 24 20.89 -23.24 -1.52
N GLU B 25 20.30 -24.45 -1.58
CA GLU B 25 20.98 -25.60 -2.16
C GLU B 25 20.43 -25.83 -3.58
N GLU B 26 21.36 -26.19 -4.47
CA GLU B 26 20.96 -26.59 -5.84
C GLU B 26 20.73 -28.10 -5.74
N VAL B 27 19.55 -28.57 -6.13
CA VAL B 27 19.17 -29.97 -5.94
C VAL B 27 19.43 -30.74 -7.24
N LEU B 28 18.89 -30.25 -8.35
CA LEU B 28 19.04 -30.92 -9.63
C LEU B 28 19.69 -29.97 -10.61
N LYS B 29 20.37 -30.52 -11.62
CA LYS B 29 20.95 -29.72 -12.69
C LYS B 29 21.17 -30.60 -13.92
N TRP B 30 20.83 -30.05 -15.09
CA TRP B 30 20.98 -30.76 -16.34
C TRP B 30 21.78 -29.90 -17.33
N GLN B 31 22.54 -30.58 -18.21
CA GLN B 31 23.05 -29.99 -19.43
C GLN B 31 22.08 -30.32 -20.56
N GLN B 32 21.63 -31.58 -20.54
CA GLN B 32 20.70 -32.12 -21.50
C GLN B 32 19.69 -32.99 -20.74
N VAL B 33 18.47 -33.09 -21.29
CA VAL B 33 17.45 -33.93 -20.69
C VAL B 33 17.30 -35.21 -21.52
N GLU B 34 17.44 -36.36 -20.84
CA GLU B 34 17.19 -37.66 -21.43
C GLU B 34 15.98 -38.30 -20.74
N PHE B 35 15.52 -39.45 -21.28
CA PHE B 35 14.31 -40.10 -20.78
C PHE B 35 14.56 -41.60 -20.63
N ASP B 36 13.99 -42.19 -19.56
CA ASP B 36 13.94 -43.63 -19.42
C ASP B 36 12.68 -44.11 -20.15
N VAL B 37 12.80 -44.29 -21.48
CA VAL B 37 11.70 -44.74 -22.32
C VAL B 37 12.22 -45.79 -23.30
N PRO B 38 11.34 -46.67 -23.85
CA PRO B 38 11.76 -47.69 -24.81
C PRO B 38 12.72 -47.17 -25.87
N ALA B 39 13.75 -47.97 -26.18
CA ALA B 39 14.77 -47.61 -27.16
C ALA B 39 14.16 -47.45 -28.56
N SER B 40 12.94 -48.00 -28.75
CA SER B 40 12.25 -47.90 -30.01
C SER B 40 11.80 -46.46 -30.28
N VAL B 41 11.53 -45.71 -29.19
CA VAL B 41 11.05 -44.33 -29.27
C VAL B 41 12.22 -43.37 -29.39
N LEU B 42 13.35 -43.73 -28.76
CA LEU B 42 14.54 -42.90 -28.76
C LEU B 42 15.29 -43.04 -30.09
N SER B 43 15.22 -44.25 -30.66
CA SER B 43 15.95 -44.55 -31.90
C SER B 43 15.22 -43.95 -33.09
N ALA B 44 13.88 -44.00 -33.07
CA ALA B 44 13.06 -43.51 -34.17
C ALA B 44 13.47 -42.09 -34.54
N PRO B 45 13.43 -41.72 -35.83
CA PRO B 45 13.76 -40.37 -36.27
C PRO B 45 12.78 -39.33 -35.75
N ASP B 46 13.32 -38.23 -35.17
CA ASP B 46 12.54 -37.12 -34.65
C ASP B 46 11.69 -37.58 -33.45
N GLY B 47 12.10 -38.70 -32.84
CA GLY B 47 11.42 -39.23 -31.68
C GLY B 47 11.99 -38.63 -30.40
N TYR B 48 13.24 -38.18 -30.48
CA TYR B 48 13.93 -37.51 -29.38
C TYR B 48 14.97 -36.56 -29.95
N ILE B 49 14.83 -35.27 -29.64
CA ILE B 49 15.82 -34.27 -30.02
C ILE B 49 16.38 -33.63 -28.75
N PRO B 50 17.71 -33.58 -28.58
CA PRO B 50 18.33 -33.17 -27.32
C PRO B 50 18.05 -31.73 -26.91
N ILE B 51 18.05 -30.83 -27.89
CA ILE B 51 18.00 -29.40 -27.63
C ILE B 51 16.56 -28.93 -27.49
N ASN B 52 15.60 -29.75 -27.92
CA ASN B 52 14.20 -29.36 -27.94
C ASN B 52 13.57 -29.58 -26.55
N ASN B 53 14.16 -30.50 -25.77
CA ASN B 53 13.61 -30.83 -24.46
C ASN B 53 13.99 -29.75 -23.45
N ILE B 54 13.00 -28.91 -23.11
CA ILE B 54 13.17 -27.85 -22.13
C ILE B 54 12.16 -28.00 -21.01
N PRO B 55 12.60 -28.33 -19.77
CA PRO B 55 11.67 -28.45 -18.65
C PRO B 55 11.19 -27.11 -18.13
N MET B 56 9.89 -27.01 -17.83
CA MET B 56 9.27 -25.75 -17.43
C MET B 56 8.78 -25.84 -15.99
N SER B 57 9.16 -26.92 -15.28
CA SER B 57 8.66 -27.13 -13.93
C SER B 57 9.66 -27.93 -13.10
N GLY B 58 9.49 -27.82 -11.78
CA GLY B 58 10.23 -28.59 -10.81
C GLY B 58 9.55 -28.50 -9.45
N VAL B 59 8.75 -29.55 -9.14
CA VAL B 59 7.94 -29.58 -7.93
C VAL B 59 8.34 -30.78 -7.07
N HIS B 60 8.22 -30.63 -5.76
CA HIS B 60 8.70 -31.63 -4.81
C HIS B 60 7.52 -32.27 -4.08
N TYR B 61 7.58 -33.60 -3.95
CA TYR B 61 6.63 -34.34 -3.12
C TYR B 61 7.34 -35.51 -2.47
N LYS B 62 7.33 -35.53 -1.13
CA LYS B 62 8.01 -36.55 -0.33
C LYS B 62 9.49 -36.61 -0.73
N ASN B 63 9.83 -37.63 -1.55
CA ASN B 63 11.22 -37.95 -1.85
C ASN B 63 11.49 -37.86 -3.34
N ARG B 64 10.56 -37.25 -4.10
CA ARG B 64 10.68 -37.19 -5.56
C ARG B 64 10.23 -35.83 -6.09
N VAL B 65 10.74 -35.47 -7.27
CA VAL B 65 10.55 -34.16 -7.87
C VAL B 65 10.02 -34.30 -9.30
N PHE B 66 8.84 -33.70 -9.56
CA PHE B 66 8.16 -33.85 -10.84
C PHE B 66 8.60 -32.76 -11.82
N VAL B 67 9.18 -33.18 -12.95
CA VAL B 67 9.66 -32.27 -13.97
C VAL B 67 8.79 -32.44 -15.21
N THR B 68 8.36 -31.31 -15.81
CA THR B 68 7.53 -31.34 -17.01
C THR B 68 8.30 -30.74 -18.18
N VAL B 69 8.11 -31.33 -19.36
CA VAL B 69 8.72 -30.88 -20.60
C VAL B 69 7.60 -30.64 -21.61
N PRO B 70 7.07 -29.42 -21.73
CA PRO B 70 6.03 -29.12 -22.69
C PRO B 70 6.56 -29.36 -24.11
N ARG B 71 5.67 -29.85 -24.98
CA ARG B 71 6.04 -30.13 -26.38
C ARG B 71 5.95 -28.83 -27.18
N ARG B 72 6.82 -27.86 -26.88
CA ARG B 72 6.83 -26.58 -27.66
C ARG B 72 7.54 -26.84 -28.99
N ARG B 73 8.12 -28.03 -29.17
CA ARG B 73 8.80 -28.41 -30.43
C ARG B 73 8.60 -29.90 -30.70
N TRP B 74 9.37 -30.46 -31.64
CA TRP B 74 9.29 -31.92 -31.93
C TRP B 74 10.34 -32.66 -31.09
N GLY B 75 10.30 -33.99 -31.10
CA GLY B 75 11.31 -34.80 -30.37
C GLY B 75 11.12 -34.71 -28.87
N ILE B 76 9.88 -34.53 -28.41
CA ILE B 76 9.59 -34.52 -26.94
C ILE B 76 8.93 -35.86 -26.58
N PRO B 77 9.69 -36.88 -26.12
CA PRO B 77 9.13 -38.24 -25.83
C PRO B 77 7.98 -38.17 -24.83
N SER B 78 8.17 -37.43 -23.73
CA SER B 78 7.14 -37.37 -22.66
C SER B 78 7.06 -35.95 -22.09
N THR B 79 5.87 -35.55 -21.62
CA THR B 79 5.69 -34.20 -21.06
C THR B 79 5.81 -34.25 -19.55
N LEU B 80 5.04 -35.12 -18.89
CA LEU B 80 5.05 -35.17 -17.42
C LEU B 80 5.99 -36.28 -16.98
N ASN B 81 6.90 -35.95 -16.05
CA ASN B 81 7.95 -36.86 -15.63
C ASN B 81 8.13 -36.76 -14.13
N VAL B 82 9.01 -37.63 -13.59
CA VAL B 82 9.31 -37.65 -12.16
C VAL B 82 10.75 -38.10 -11.99
N VAL B 83 11.36 -37.64 -10.89
CA VAL B 83 12.73 -37.99 -10.56
C VAL B 83 12.79 -38.31 -9.06
N GLU B 84 13.52 -39.37 -8.71
CA GLU B 84 13.75 -39.72 -7.31
C GLU B 84 15.00 -38.98 -6.82
N LEU B 85 14.88 -38.38 -5.64
CA LEU B 85 15.99 -37.65 -5.04
C LEU B 85 16.87 -38.63 -4.27
N GLU B 86 18.19 -38.50 -4.47
CA GLU B 86 19.15 -39.35 -3.80
C GLU B 86 20.52 -38.66 -3.82
N PRO B 87 21.10 -38.34 -2.65
CA PRO B 87 22.42 -37.73 -2.58
C PRO B 87 23.47 -38.48 -3.38
N PRO B 88 24.55 -37.81 -3.84
CA PRO B 88 24.82 -36.45 -3.44
C PRO B 88 24.10 -35.39 -4.26
N TYR B 89 24.06 -34.17 -3.72
CA TYR B 89 23.49 -33.01 -4.40
C TYR B 89 24.57 -32.05 -4.89
N PRO B 90 24.37 -31.38 -6.06
CA PRO B 90 23.19 -31.59 -6.87
C PRO B 90 23.28 -32.86 -7.71
N VAL B 91 22.11 -33.45 -8.02
CA VAL B 91 22.06 -34.65 -8.84
C VAL B 91 22.30 -34.23 -10.28
N THR B 92 23.35 -34.81 -10.90
CA THR B 92 23.76 -34.44 -12.23
C THR B 92 22.99 -35.28 -13.25
N ASN B 93 22.35 -34.60 -14.20
CA ASN B 93 21.70 -35.22 -15.35
C ASN B 93 20.88 -36.44 -14.96
N PRO B 94 19.89 -36.30 -14.04
CA PRO B 94 18.96 -37.39 -13.79
C PRO B 94 18.16 -37.75 -15.04
N VAL B 95 17.82 -39.03 -15.17
CA VAL B 95 16.96 -39.48 -16.23
C VAL B 95 15.50 -39.27 -15.79
N LEU B 96 14.72 -38.61 -16.64
CA LEU B 96 13.33 -38.30 -16.33
C LEU B 96 12.47 -39.50 -16.67
N LYS B 97 11.73 -39.99 -15.66
CA LYS B 97 10.89 -41.17 -15.81
C LYS B 97 9.44 -40.73 -16.06
N PRO B 98 8.83 -41.11 -17.21
CA PRO B 98 7.46 -40.73 -17.52
C PRO B 98 6.47 -41.02 -16.39
N TYR B 99 5.69 -40.02 -15.99
CA TYR B 99 4.71 -40.17 -14.93
C TYR B 99 3.30 -39.82 -15.39
N PRO B 100 2.26 -40.58 -14.95
CA PRO B 100 2.43 -41.78 -14.13
C PRO B 100 3.00 -42.96 -14.90
N SER B 101 2.80 -42.94 -16.22
CA SER B 101 3.37 -43.95 -17.10
C SER B 101 3.59 -43.37 -18.48
N PHE B 102 4.37 -44.08 -19.31
CA PHE B 102 4.70 -43.62 -20.64
C PHE B 102 3.49 -43.80 -21.56
N GLU B 103 2.54 -44.66 -21.17
CA GLU B 103 1.37 -44.90 -21.99
C GLU B 103 0.52 -43.63 -22.06
N LEU B 104 0.53 -42.84 -20.98
CA LEU B 104 -0.27 -41.61 -20.93
C LEU B 104 0.53 -40.46 -21.56
N ASN B 105 1.86 -40.61 -21.64
CA ASN B 105 2.71 -39.55 -22.17
C ASN B 105 3.06 -39.81 -23.64
N GLU B 106 2.71 -41.00 -24.16
CA GLU B 106 3.01 -41.37 -25.54
C GLU B 106 2.15 -40.54 -26.47
N LEU B 107 2.80 -39.75 -27.33
CA LEU B 107 2.09 -38.96 -28.32
C LEU B 107 1.63 -39.87 -29.45
N ARG B 108 0.39 -39.67 -29.91
CA ARG B 108 -0.16 -40.44 -31.01
C ARG B 108 0.29 -39.82 -32.33
N ALA B 109 0.72 -40.66 -33.27
CA ALA B 109 1.16 -40.21 -34.57
C ALA B 109 -0.02 -39.64 -35.37
N ASP B 110 -1.21 -40.23 -35.18
CA ASP B 110 -2.40 -39.80 -35.88
C ASP B 110 -2.81 -38.39 -35.40
N LEU B 111 -2.49 -38.09 -34.14
CA LEU B 111 -2.74 -36.78 -33.55
C LEU B 111 -4.24 -36.59 -33.35
N GLN B 112 -4.94 -37.69 -33.08
CA GLN B 112 -6.37 -37.62 -32.79
C GLN B 112 -6.55 -37.40 -31.29
N PRO B 113 -7.66 -36.78 -30.86
CA PRO B 113 -7.92 -36.55 -29.45
C PRO B 113 -7.91 -37.83 -28.62
N ASP B 114 -7.04 -37.85 -27.59
CA ASP B 114 -6.86 -39.00 -26.72
C ASP B 114 -7.23 -38.62 -25.28
N ALA B 115 -8.39 -39.08 -24.84
CA ALA B 115 -8.96 -38.68 -23.56
C ALA B 115 -8.20 -39.31 -22.39
N ASN B 116 -7.30 -40.27 -22.69
CA ASN B 116 -6.52 -40.94 -21.67
C ASN B 116 -5.04 -40.79 -21.96
N ARG B 117 -4.66 -39.67 -22.59
CA ARG B 117 -3.27 -39.40 -22.92
C ARG B 117 -2.95 -37.92 -22.73
N LEU B 118 -1.66 -37.64 -22.49
CA LEU B 118 -1.19 -36.31 -22.14
C LEU B 118 -0.38 -35.74 -23.30
N VAL B 119 -0.80 -34.58 -23.79
CA VAL B 119 -0.14 -33.93 -24.92
C VAL B 119 0.95 -33.00 -24.37
N THR B 120 0.54 -31.94 -23.65
CA THR B 120 1.47 -30.94 -23.14
C THR B 120 1.07 -30.53 -21.74
N VAL B 121 2.02 -30.64 -20.79
CA VAL B 121 1.82 -30.25 -19.39
C VAL B 121 2.90 -29.24 -19.01
N TYR B 122 2.49 -28.14 -18.37
CA TYR B 122 3.40 -27.03 -18.08
C TYR B 122 3.86 -27.06 -16.63
N ARG B 123 3.03 -26.56 -15.71
CA ARG B 123 3.44 -26.31 -14.33
C ARG B 123 2.48 -26.97 -13.35
N PRO B 124 2.80 -28.18 -12.84
CA PRO B 124 1.94 -28.86 -11.88
C PRO B 124 1.99 -28.24 -10.48
N ARG B 125 0.97 -28.55 -9.67
CA ARG B 125 0.92 -28.11 -8.29
C ARG B 125 0.61 -29.32 -7.42
N VAL B 126 1.21 -29.36 -6.23
CA VAL B 126 0.94 -30.40 -5.26
C VAL B 126 0.15 -29.80 -4.10
N ASP B 127 -0.90 -30.51 -3.66
CA ASP B 127 -1.74 -30.05 -2.57
C ASP B 127 -1.39 -30.81 -1.30
N ARG B 128 -2.16 -30.55 -0.23
CA ARG B 128 -1.95 -31.17 1.07
C ARG B 128 -2.53 -32.57 1.08
N CYS B 129 -3.42 -32.86 0.12
CA CYS B 129 -4.17 -34.10 0.09
C CYS B 129 -3.43 -35.18 -0.70
N ASP B 130 -2.11 -35.00 -0.90
CA ASP B 130 -1.31 -35.97 -1.61
C ASP B 130 -1.89 -36.21 -3.00
N ARG B 131 -2.13 -35.11 -3.73
CA ARG B 131 -2.59 -35.19 -5.10
C ARG B 131 -1.68 -34.32 -5.96
N LEU B 132 -1.63 -34.63 -7.26
CA LEU B 132 -0.89 -33.83 -8.21
C LEU B 132 -1.87 -33.24 -9.22
N TRP B 133 -1.89 -31.91 -9.31
CA TRP B 133 -2.76 -31.21 -10.22
C TRP B 133 -1.95 -30.62 -11.36
N PHE B 134 -2.51 -30.67 -12.57
CA PHE B 134 -1.87 -30.08 -13.73
C PHE B 134 -2.92 -29.93 -14.83
N VAL B 135 -2.55 -29.19 -15.89
CA VAL B 135 -3.47 -28.93 -17.00
C VAL B 135 -2.82 -29.44 -18.28
N ASP B 136 -3.55 -30.30 -18.98
CA ASP B 136 -3.15 -30.82 -20.28
C ASP B 136 -3.69 -29.90 -21.37
N THR B 137 -2.82 -29.01 -21.87
CA THR B 137 -3.23 -27.99 -22.82
C THR B 137 -3.83 -28.64 -24.05
N GLY B 138 -3.29 -29.81 -24.42
CA GLY B 138 -3.72 -30.55 -25.58
C GLY B 138 -3.25 -29.88 -26.86
N MET B 139 -2.26 -29.00 -26.73
CA MET B 139 -1.83 -28.17 -27.84
C MET B 139 -0.30 -28.16 -27.88
N MET B 140 0.25 -28.33 -29.08
CA MET B 140 1.68 -28.27 -29.29
C MET B 140 2.05 -27.01 -30.06
N GLU B 141 2.87 -26.15 -29.44
CA GLU B 141 3.18 -24.84 -29.98
C GLU B 141 4.49 -24.89 -30.73
N ILE B 142 4.56 -25.72 -31.79
CA ILE B 142 5.79 -25.86 -32.58
C ILE B 142 5.91 -24.62 -33.46
N PRO B 143 7.09 -23.94 -33.48
CA PRO B 143 7.27 -22.77 -34.34
C PRO B 143 7.10 -23.12 -35.82
N GLY B 144 6.01 -22.62 -36.41
CA GLY B 144 5.71 -22.87 -37.81
C GLY B 144 4.42 -23.67 -37.97
N ASN B 145 4.20 -24.63 -37.06
CA ASN B 145 3.06 -25.52 -37.16
C ASN B 145 2.42 -25.70 -35.78
N PHE B 146 1.45 -24.85 -35.46
CA PHE B 146 0.69 -24.99 -34.22
C PHE B 146 -0.33 -26.10 -34.38
N THR B 147 -0.21 -27.13 -33.53
CA THR B 147 -1.06 -28.31 -33.60
C THR B 147 -1.91 -28.41 -32.34
N VAL B 148 -3.24 -28.30 -32.50
CA VAL B 148 -4.17 -28.46 -31.39
C VAL B 148 -4.71 -29.89 -31.41
N VAL B 149 -4.07 -30.78 -30.66
CA VAL B 149 -4.39 -32.19 -30.70
C VAL B 149 -5.76 -32.42 -30.08
N GLN B 150 -5.99 -31.88 -28.88
CA GLN B 150 -7.25 -32.03 -28.19
C GLN B 150 -7.54 -30.76 -27.38
N ARG B 151 -8.67 -30.75 -26.68
CA ARG B 151 -9.03 -29.62 -25.84
C ARG B 151 -8.25 -29.68 -24.52
N PRO B 152 -8.10 -28.52 -23.83
CA PRO B 152 -7.39 -28.50 -22.56
C PRO B 152 -8.16 -29.17 -21.43
N SER B 153 -7.44 -29.89 -20.56
CA SER B 153 -8.07 -30.70 -19.52
C SER B 153 -7.27 -30.63 -18.23
N ILE B 154 -7.98 -30.60 -17.09
CA ILE B 154 -7.36 -30.54 -15.76
C ILE B 154 -7.34 -31.95 -15.18
N TRP B 155 -6.21 -32.31 -14.56
CA TRP B 155 -6.04 -33.63 -13.99
C TRP B 155 -5.90 -33.56 -12.48
N SER B 156 -6.13 -34.69 -11.82
CA SER B 156 -5.80 -34.88 -10.41
C SER B 156 -5.30 -36.31 -10.23
N ILE B 157 -4.08 -36.45 -9.71
CA ILE B 157 -3.44 -37.76 -9.60
C ILE B 157 -3.18 -38.06 -8.14
N ASP B 158 -3.55 -39.27 -7.71
CA ASP B 158 -3.25 -39.72 -6.36
C ASP B 158 -1.77 -40.09 -6.30
N LEU B 159 -1.01 -39.37 -5.47
CA LEU B 159 0.43 -39.51 -5.43
C LEU B 159 0.82 -40.74 -4.61
N LYS B 160 -0.15 -41.29 -3.88
CA LYS B 160 0.10 -42.48 -3.09
C LYS B 160 0.03 -43.71 -4.01
N THR B 161 -0.97 -43.75 -4.90
CA THR B 161 -1.22 -44.92 -5.73
C THR B 161 -0.66 -44.70 -7.14
N ASN B 162 -0.40 -43.44 -7.48
CA ASN B 162 0.04 -43.07 -8.83
C ASN B 162 -1.06 -43.37 -9.85
N GLN B 163 -2.32 -43.27 -9.40
CA GLN B 163 -3.45 -43.50 -10.28
C GLN B 163 -4.24 -42.20 -10.44
N PRO B 164 -4.59 -41.82 -11.69
CA PRO B 164 -5.41 -40.64 -11.95
C PRO B 164 -6.78 -40.68 -11.27
N LEU B 165 -7.14 -39.60 -10.57
CA LEU B 165 -8.36 -39.54 -9.78
C LEU B 165 -9.49 -38.97 -10.62
N SER B 166 -9.24 -37.88 -11.35
CA SER B 166 -10.26 -37.25 -12.16
C SER B 166 -9.63 -36.45 -13.31
N ARG B 167 -10.39 -36.34 -14.41
CA ARG B 167 -10.00 -35.54 -15.57
C ARG B 167 -11.21 -34.76 -16.08
N TYR B 168 -11.02 -33.45 -16.29
CA TYR B 168 -12.10 -32.56 -16.70
C TYR B 168 -11.68 -31.82 -17.96
N GLU B 169 -12.45 -32.00 -19.04
CA GLU B 169 -12.23 -31.28 -20.29
C GLU B 169 -12.88 -29.90 -20.14
N ILE B 170 -12.08 -28.85 -20.42
CA ILE B 170 -12.56 -27.48 -20.31
C ILE B 170 -13.39 -27.18 -21.55
N PRO B 171 -14.65 -26.70 -21.39
CA PRO B 171 -15.49 -26.35 -22.52
C PRO B 171 -14.93 -25.21 -23.34
N GLN B 172 -15.42 -25.08 -24.58
CA GLN B 172 -14.96 -24.05 -25.49
C GLN B 172 -15.43 -22.68 -24.98
N LYS B 173 -16.50 -22.69 -24.18
CA LYS B 173 -17.09 -21.45 -23.70
C LYS B 173 -16.11 -20.74 -22.77
N ASP B 174 -15.13 -21.46 -22.23
CA ASP B 174 -14.21 -20.90 -21.25
C ASP B 174 -12.87 -20.58 -21.91
N VAL B 175 -12.31 -21.55 -22.64
CA VAL B 175 -11.05 -21.37 -23.32
C VAL B 175 -11.19 -21.91 -24.74
N GLU B 176 -10.41 -21.34 -25.66
CA GLU B 176 -10.49 -21.71 -27.07
C GLU B 176 -9.63 -22.95 -27.31
N THR B 177 -8.32 -22.85 -27.02
CA THR B 177 -7.38 -23.91 -27.33
C THR B 177 -6.63 -24.35 -26.07
N GLY B 178 -6.37 -23.40 -25.17
CA GLY B 178 -5.54 -23.65 -24.00
C GLY B 178 -4.08 -23.26 -24.25
N TYR B 179 -3.91 -22.32 -25.19
CA TYR B 179 -2.61 -21.93 -25.70
C TYR B 179 -1.73 -21.44 -24.54
N GLY B 180 -2.34 -20.72 -23.59
CA GLY B 180 -1.60 -20.00 -22.56
C GLY B 180 -1.82 -20.56 -21.16
N LEU B 181 -2.47 -21.73 -21.06
CA LEU B 181 -2.79 -22.35 -19.78
C LEU B 181 -1.55 -23.01 -19.19
N THR B 182 -0.57 -22.19 -18.76
CA THR B 182 0.75 -22.67 -18.35
C THR B 182 0.95 -22.47 -16.86
N SER B 183 -0.12 -22.11 -16.15
CA SER B 183 -0.04 -21.79 -14.73
C SER B 183 -1.34 -22.16 -14.02
N ILE B 184 -1.22 -22.75 -12.84
CA ILE B 184 -2.39 -23.21 -12.08
C ILE B 184 -2.19 -22.86 -10.60
N THR B 185 -3.29 -22.50 -9.92
CA THR B 185 -3.26 -22.19 -8.49
C THR B 185 -4.38 -22.94 -7.78
N LEU B 186 -4.03 -23.69 -6.72
CA LEU B 186 -4.98 -24.56 -6.06
C LEU B 186 -5.61 -23.82 -4.89
N ASP B 187 -6.93 -24.03 -4.70
CA ASP B 187 -7.67 -23.49 -3.58
C ASP B 187 -8.45 -24.62 -2.90
N VAL B 188 -7.77 -25.35 -2.01
CA VAL B 188 -8.36 -26.47 -1.31
C VAL B 188 -8.94 -25.98 0.01
N ASP B 189 -10.09 -26.51 0.41
CA ASP B 189 -10.74 -26.09 1.64
C ASP B 189 -9.92 -26.58 2.83
N PRO B 190 -9.74 -25.75 3.86
CA PRO B 190 -8.96 -26.16 5.04
C PRO B 190 -9.64 -27.26 5.83
N ASP B 191 -10.96 -27.36 5.69
CA ASP B 191 -11.79 -28.30 6.44
C ASP B 191 -11.92 -29.61 5.67
N ASP B 192 -12.60 -29.54 4.51
CA ASP B 192 -12.82 -30.69 3.65
C ASP B 192 -11.77 -30.66 2.53
N CYS B 193 -11.65 -31.77 1.80
CA CYS B 193 -10.68 -31.88 0.73
C CYS B 193 -11.34 -32.18 -0.62
N SER B 194 -12.62 -32.54 -0.60
CA SER B 194 -13.39 -32.81 -1.82
C SER B 194 -13.81 -31.48 -2.46
N LYS B 195 -13.90 -30.43 -1.64
CA LYS B 195 -14.20 -29.09 -2.11
C LYS B 195 -12.91 -28.43 -2.58
N VAL B 196 -12.76 -28.29 -3.90
CA VAL B 196 -11.54 -27.75 -4.48
C VAL B 196 -11.92 -26.76 -5.59
N PHE B 197 -11.15 -25.66 -5.66
CA PHE B 197 -11.23 -24.71 -6.76
C PHE B 197 -9.84 -24.58 -7.37
N VAL B 198 -9.79 -24.48 -8.70
CA VAL B 198 -8.53 -24.29 -9.42
C VAL B 198 -8.63 -23.00 -10.22
N TYR B 199 -7.56 -22.18 -10.16
CA TYR B 199 -7.50 -20.94 -10.92
C TYR B 199 -6.36 -21.06 -11.92
N ILE B 200 -6.71 -21.03 -13.22
CA ILE B 200 -5.74 -21.19 -14.28
C ILE B 200 -5.46 -19.83 -14.91
N SER B 201 -4.17 -19.53 -15.10
CA SER B 201 -3.73 -18.24 -15.62
C SER B 201 -3.39 -18.38 -17.10
N ASP B 202 -4.15 -17.68 -17.96
CA ASP B 202 -3.92 -17.70 -19.39
C ASP B 202 -3.22 -16.39 -19.80
N LEU B 203 -1.91 -16.49 -20.08
CA LEU B 203 -1.09 -15.32 -20.35
C LEU B 203 -1.11 -14.99 -21.86
N GLN B 204 -1.83 -15.79 -22.64
CA GLN B 204 -1.89 -15.59 -24.08
C GLN B 204 -3.19 -14.90 -24.46
N THR B 205 -4.32 -15.40 -23.95
CA THR B 205 -5.62 -14.83 -24.26
C THR B 205 -5.99 -13.76 -23.22
N TYR B 206 -5.15 -13.63 -22.18
CA TYR B 206 -5.32 -12.62 -21.14
C TYR B 206 -6.63 -12.85 -20.39
N ARG B 207 -6.72 -14.00 -19.72
CA ARG B 207 -7.90 -14.32 -18.93
C ARG B 207 -7.52 -15.26 -17.79
N MET B 208 -8.49 -15.46 -16.89
CA MET B 208 -8.39 -16.42 -15.82
C MET B 208 -9.57 -17.38 -15.93
N VAL B 209 -9.28 -18.67 -16.06
CA VAL B 209 -10.34 -19.66 -16.10
C VAL B 209 -10.41 -20.34 -14.73
N VAL B 210 -11.63 -20.35 -14.16
CA VAL B 210 -11.88 -20.91 -12.85
C VAL B 210 -12.50 -22.30 -13.03
N TYR B 211 -12.10 -23.25 -12.18
CA TYR B 211 -12.60 -24.62 -12.24
C TYR B 211 -13.15 -24.99 -10.88
N ASP B 212 -14.42 -25.43 -10.86
CA ASP B 212 -15.05 -25.98 -9.66
C ASP B 212 -14.97 -27.50 -9.74
N HIS B 213 -14.26 -28.10 -8.78
CA HIS B 213 -13.95 -29.52 -8.85
C HIS B 213 -15.15 -30.37 -8.46
N GLU B 214 -15.79 -30.03 -7.32
CA GLU B 214 -16.86 -30.83 -6.76
C GLU B 214 -18.06 -30.82 -7.70
N ASN B 215 -18.35 -29.66 -8.30
CA ASN B 215 -19.51 -29.50 -9.17
C ASN B 215 -19.14 -29.77 -10.63
N GLN B 216 -17.84 -29.93 -10.90
CA GLN B 216 -17.34 -30.23 -12.24
C GLN B 216 -17.86 -29.21 -13.25
N LYS B 217 -17.78 -27.92 -12.88
CA LYS B 217 -18.13 -26.82 -13.76
C LYS B 217 -16.96 -25.84 -13.80
N SER B 218 -16.94 -24.96 -14.82
CA SER B 218 -15.87 -24.00 -14.99
C SER B 218 -16.38 -22.76 -15.70
N TRP B 219 -15.76 -21.61 -15.39
CA TRP B 219 -16.10 -20.35 -16.02
C TRP B 219 -14.85 -19.49 -16.15
N ARG B 220 -14.96 -18.40 -16.95
CA ARG B 220 -13.81 -17.57 -17.28
C ARG B 220 -14.06 -16.13 -16.81
N PHE B 221 -12.96 -15.44 -16.50
CA PHE B 221 -12.99 -14.03 -16.16
C PHE B 221 -12.16 -13.24 -17.18
N LEU B 222 -12.68 -12.09 -17.60
CA LEU B 222 -11.94 -11.17 -18.46
C LEU B 222 -11.84 -9.84 -17.74
N HIS B 223 -10.62 -9.28 -17.72
CA HIS B 223 -10.35 -8.02 -17.06
C HIS B 223 -9.12 -7.38 -17.68
N ASN B 224 -9.01 -6.05 -17.54
CA ASN B 224 -7.93 -5.31 -18.16
C ASN B 224 -6.62 -5.56 -17.42
N TYR B 225 -6.72 -5.92 -16.13
CA TYR B 225 -5.54 -6.06 -15.29
C TYR B 225 -4.81 -7.36 -15.63
N PHE B 226 -5.44 -8.23 -16.43
CA PHE B 226 -4.81 -9.47 -16.86
C PHE B 226 -3.84 -9.21 -18.00
N PHE B 227 -3.89 -8.00 -18.57
CA PHE B 227 -3.01 -7.60 -19.67
C PHE B 227 -1.66 -7.16 -19.11
N LEU B 228 -0.70 -7.00 -20.02
CA LEU B 228 0.63 -6.53 -19.69
C LEU B 228 0.62 -5.01 -19.56
N ASN B 229 1.78 -4.45 -19.18
CA ASN B 229 1.99 -3.02 -19.24
C ASN B 229 2.92 -2.73 -20.41
N PRO B 230 2.42 -2.09 -21.48
CA PRO B 230 3.17 -1.93 -22.72
C PRO B 230 4.64 -1.53 -22.54
N LEU B 231 4.93 -0.68 -21.53
CA LEU B 231 6.25 -0.13 -21.35
C LEU B 231 7.14 -1.08 -20.55
N GLU B 232 6.52 -2.03 -19.83
CA GLU B 232 7.23 -2.88 -18.89
C GLU B 232 7.35 -4.30 -19.44
N GLY B 233 7.56 -4.41 -20.76
CA GLY B 233 7.56 -5.71 -21.42
C GLY B 233 8.89 -6.02 -22.11
N ASP B 234 9.89 -5.17 -21.88
CA ASP B 234 11.20 -5.35 -22.49
C ASP B 234 12.15 -5.89 -21.43
N PHE B 235 13.02 -6.82 -21.86
CA PHE B 235 13.96 -7.48 -20.97
C PHE B 235 15.33 -7.53 -21.62
N ASN B 236 16.35 -7.80 -20.81
CA ASN B 236 17.70 -7.99 -21.31
C ASN B 236 18.46 -8.90 -20.36
N ILE B 237 18.41 -10.21 -20.65
CA ILE B 237 18.99 -11.22 -19.80
C ILE B 237 20.21 -11.82 -20.50
N GLN B 238 21.36 -11.79 -19.80
CA GLN B 238 22.59 -12.36 -20.31
C GLN B 238 23.00 -11.63 -21.58
N GLY B 239 22.67 -10.33 -21.64
CA GLY B 239 23.01 -9.51 -22.79
C GLY B 239 22.19 -9.88 -24.03
N ILE B 240 21.05 -10.56 -23.81
CA ILE B 240 20.14 -10.95 -24.88
C ILE B 240 18.87 -10.12 -24.73
N PRO B 241 18.65 -9.08 -25.57
CA PRO B 241 17.44 -8.30 -25.52
C PRO B 241 16.24 -9.04 -26.11
N PHE B 242 15.04 -8.73 -25.61
CA PHE B 242 13.81 -9.30 -26.14
C PHE B 242 12.62 -8.57 -25.52
N ALA B 243 11.45 -8.77 -26.12
CA ALA B 243 10.23 -8.22 -25.57
C ALA B 243 9.13 -9.30 -25.62
N TRP B 244 8.34 -9.40 -24.54
CA TRP B 244 7.23 -10.34 -24.48
C TRP B 244 5.93 -9.60 -24.19
N ASP B 245 4.81 -10.16 -24.69
CA ASP B 245 3.51 -9.53 -24.54
C ASP B 245 2.60 -10.40 -23.67
N ASP B 246 3.21 -11.11 -22.70
CA ASP B 246 2.48 -12.09 -21.92
C ASP B 246 1.81 -11.39 -20.75
N GLY B 247 0.56 -11.80 -20.47
CA GLY B 247 -0.27 -11.20 -19.44
C GLY B 247 -0.27 -12.03 -18.16
N ILE B 248 -1.44 -12.08 -17.49
CA ILE B 248 -1.58 -12.76 -16.21
C ILE B 248 -0.88 -14.11 -16.30
N PHE B 249 0.06 -14.35 -15.38
CA PHE B 249 0.94 -15.50 -15.46
C PHE B 249 0.88 -16.32 -14.16
N SER B 250 0.74 -15.64 -13.02
CA SER B 250 0.82 -16.33 -11.74
C SER B 250 -0.23 -15.77 -10.80
N ILE B 251 -0.75 -16.67 -9.93
CA ILE B 251 -1.71 -16.32 -8.89
C ILE B 251 -1.23 -16.94 -7.58
N ALA B 252 -1.37 -16.17 -6.49
CA ALA B 252 -1.00 -16.63 -5.16
C ALA B 252 -2.15 -16.35 -4.19
N LEU B 253 -2.51 -17.35 -3.39
CA LEU B 253 -3.65 -17.26 -2.50
C LEU B 253 -3.17 -17.10 -1.06
N SER B 254 -3.81 -16.16 -0.33
CA SER B 254 -3.57 -15.97 1.09
C SER B 254 -4.36 -17.01 1.89
N ASN B 255 -4.19 -16.98 3.21
CA ASN B 255 -4.92 -17.87 4.09
C ASN B 255 -6.38 -17.41 4.13
N PRO B 256 -7.33 -18.35 4.36
CA PRO B 256 -8.75 -17.99 4.47
C PRO B 256 -8.99 -16.96 5.56
N ASP B 257 -9.77 -15.92 5.25
CA ASP B 257 -10.11 -14.88 6.21
C ASP B 257 -10.94 -15.51 7.32
N PRO B 258 -10.63 -15.24 8.61
CA PRO B 258 -11.32 -15.88 9.72
C PRO B 258 -12.82 -15.58 9.78
N MET B 259 -13.22 -14.44 9.21
CA MET B 259 -14.60 -13.97 9.32
C MET B 259 -15.42 -14.43 8.11
N THR B 260 -14.86 -14.29 6.90
CA THR B 260 -15.61 -14.54 5.69
C THR B 260 -15.30 -15.93 5.13
N LYS B 261 -14.11 -16.44 5.47
CA LYS B 261 -13.62 -17.74 5.01
C LYS B 261 -13.28 -17.68 3.52
N PHE B 262 -12.89 -16.49 3.05
CA PHE B 262 -12.43 -16.32 1.68
C PHE B 262 -10.95 -15.93 1.69
N ARG B 263 -10.34 -15.92 0.51
CA ARG B 263 -8.91 -15.72 0.37
C ARG B 263 -8.66 -14.55 -0.56
N THR B 264 -7.45 -13.98 -0.48
CA THR B 264 -7.03 -12.91 -1.37
C THR B 264 -6.14 -13.50 -2.46
N ALA B 265 -6.49 -13.23 -3.72
CA ALA B 265 -5.74 -13.74 -4.86
C ALA B 265 -4.79 -12.67 -5.39
N TYR B 266 -3.51 -12.80 -5.03
CA TYR B 266 -2.47 -11.95 -5.56
C TYR B 266 -2.10 -12.46 -6.94
N PHE B 267 -2.26 -11.61 -7.97
CA PHE B 267 -1.97 -11.99 -9.34
C PHE B 267 -1.24 -10.85 -10.04
N HIS B 268 -0.39 -11.21 -11.00
CA HIS B 268 0.32 -10.23 -11.81
C HIS B 268 0.55 -10.79 -13.20
N ALA B 269 0.78 -9.88 -14.15
CA ALA B 269 1.19 -10.23 -15.50
C ALA B 269 2.71 -10.42 -15.54
N LEU B 270 3.19 -11.17 -16.53
CA LEU B 270 4.61 -11.40 -16.69
C LEU B 270 5.30 -10.06 -16.99
N SER B 271 4.81 -9.36 -18.01
CA SER B 271 5.37 -8.08 -18.42
C SER B 271 4.69 -6.94 -17.65
N SER B 272 4.99 -6.83 -16.36
CA SER B 272 4.43 -5.78 -15.52
C SER B 272 5.17 -5.72 -14.20
N ASN B 273 5.30 -4.51 -13.65
CA ASN B 273 5.98 -4.32 -12.37
C ASN B 273 4.94 -4.10 -11.28
N SER B 274 3.67 -4.36 -11.60
CA SER B 274 2.57 -4.12 -10.68
C SER B 274 1.95 -5.44 -10.22
N GLU B 275 1.42 -5.43 -8.99
CA GLU B 275 0.71 -6.57 -8.43
C GLU B 275 -0.74 -6.16 -8.19
N PHE B 276 -1.66 -7.11 -8.38
CA PHE B 276 -3.09 -6.86 -8.23
C PHE B 276 -3.67 -7.91 -7.27
N THR B 277 -4.85 -7.62 -6.71
CA THR B 277 -5.52 -8.54 -5.81
C THR B 277 -6.99 -8.65 -6.21
N VAL B 278 -7.63 -9.73 -5.75
CA VAL B 278 -9.06 -9.95 -5.92
C VAL B 278 -9.48 -11.06 -4.96
N SER B 279 -10.66 -10.90 -4.34
CA SER B 279 -11.18 -11.89 -3.40
C SER B 279 -11.64 -13.12 -4.17
N THR B 280 -11.40 -14.30 -3.60
CA THR B 280 -11.82 -15.54 -4.24
C THR B 280 -13.35 -15.63 -4.23
N ALA B 281 -13.99 -14.82 -3.37
CA ALA B 281 -15.45 -14.72 -3.33
C ALA B 281 -15.98 -14.23 -4.67
N VAL B 282 -15.15 -13.49 -5.41
CA VAL B 282 -15.52 -13.04 -6.73
C VAL B 282 -15.21 -14.13 -7.75
N LEU B 283 -14.01 -14.73 -7.63
CA LEU B 283 -13.54 -15.74 -8.58
C LEU B 283 -14.41 -16.99 -8.53
N ARG B 284 -14.94 -17.30 -7.35
CA ARG B 284 -15.75 -18.50 -7.15
C ARG B 284 -17.21 -18.21 -7.54
N ASN B 285 -17.46 -16.99 -8.04
CA ASN B 285 -18.81 -16.56 -8.34
C ASN B 285 -19.04 -16.62 -9.84
N GLU B 286 -19.80 -17.63 -10.30
CA GLU B 286 -19.96 -17.91 -11.71
C GLU B 286 -20.74 -16.79 -12.41
N THR B 287 -21.75 -16.24 -11.72
CA THR B 287 -22.59 -15.19 -12.28
C THR B 287 -21.77 -13.91 -12.44
N ALA B 288 -20.80 -13.71 -11.56
CA ALA B 288 -19.97 -12.51 -11.60
C ALA B 288 -18.99 -12.59 -12.78
N SER B 289 -18.72 -13.81 -13.26
CA SER B 289 -17.75 -14.02 -14.33
C SER B 289 -18.32 -13.54 -15.66
N LYS B 290 -19.65 -13.60 -15.79
CA LYS B 290 -20.33 -13.34 -17.05
C LYS B 290 -20.66 -11.86 -17.19
N ARG B 291 -20.25 -11.05 -16.19
CA ARG B 291 -20.43 -9.60 -16.25
C ARG B 291 -19.44 -9.00 -17.24
N GLY B 292 -19.85 -7.91 -17.88
CA GLY B 292 -18.97 -7.17 -18.78
C GLY B 292 -18.11 -6.18 -18.01
N TYR B 293 -18.62 -5.76 -16.84
CA TYR B 293 -17.92 -4.81 -15.98
C TYR B 293 -17.87 -5.41 -14.58
N HIS B 294 -16.65 -5.60 -14.06
CA HIS B 294 -16.46 -6.25 -12.77
C HIS B 294 -16.39 -5.23 -11.65
N GLY B 295 -16.27 -3.94 -12.01
CA GLY B 295 -16.27 -2.86 -11.05
C GLY B 295 -14.94 -2.79 -10.30
N ASP B 296 -15.01 -2.54 -8.99
CA ASP B 296 -13.82 -2.29 -8.18
C ASP B 296 -13.36 -3.59 -7.52
N ASP B 297 -13.89 -4.72 -7.99
CA ASP B 297 -13.62 -6.01 -7.37
C ASP B 297 -12.12 -6.31 -7.49
N PHE B 298 -11.55 -6.05 -8.68
CA PHE B 298 -10.13 -6.22 -8.93
C PHE B 298 -9.40 -4.92 -8.62
N LYS B 299 -8.43 -4.96 -7.69
CA LYS B 299 -7.74 -3.77 -7.23
C LYS B 299 -6.25 -3.87 -7.50
N LEU B 300 -5.60 -2.71 -7.63
CA LEU B 300 -4.17 -2.60 -7.79
C LEU B 300 -3.53 -2.60 -6.41
N LEU B 301 -2.60 -3.53 -6.19
CA LEU B 301 -1.94 -3.66 -4.89
C LEU B 301 -0.88 -2.57 -4.75
N GLY B 302 0.03 -2.50 -5.73
CA GLY B 302 1.08 -1.49 -5.73
C GLY B 302 2.19 -1.83 -6.71
N TYR B 303 3.29 -1.06 -6.62
CA TYR B 303 4.42 -1.16 -7.53
C TYR B 303 5.52 -2.00 -6.88
N ARG B 304 5.91 -3.08 -7.58
CA ARG B 304 6.78 -4.10 -7.03
C ARG B 304 8.23 -3.61 -7.03
N GLY B 305 8.55 -2.72 -7.98
CA GLY B 305 9.87 -2.13 -8.07
C GLY B 305 10.38 -2.09 -9.50
N ALA B 306 11.42 -1.30 -9.73
CA ALA B 306 12.01 -1.18 -11.05
C ALA B 306 12.56 -2.54 -11.47
N GLN B 307 12.36 -2.88 -12.75
CA GLN B 307 12.89 -4.11 -13.30
C GLN B 307 12.49 -5.29 -12.42
N SER B 308 11.32 -5.19 -11.79
CA SER B 308 10.86 -6.20 -10.86
C SER B 308 9.71 -7.01 -11.48
N GLN B 309 9.86 -7.34 -12.77
CA GLN B 309 8.88 -8.18 -13.45
C GLN B 309 9.05 -9.60 -12.97
N SER B 310 7.96 -10.19 -12.50
CA SER B 310 7.98 -11.52 -11.90
C SER B 310 7.33 -12.51 -12.85
N SER B 311 7.83 -13.75 -12.79
CA SER B 311 7.22 -14.85 -13.50
C SER B 311 6.23 -15.55 -12.56
N ILE B 312 6.73 -16.47 -11.74
CA ILE B 312 5.87 -17.25 -10.85
C ILE B 312 6.14 -16.85 -9.41
N HIS B 313 5.08 -16.73 -8.61
CA HIS B 313 5.20 -16.42 -7.20
C HIS B 313 4.30 -17.36 -6.40
N GLY B 314 4.66 -17.59 -5.14
CA GLY B 314 3.90 -18.46 -4.26
C GLY B 314 3.77 -17.88 -2.86
N PHE B 315 2.66 -18.21 -2.18
CA PHE B 315 2.40 -17.75 -0.83
C PHE B 315 2.54 -18.92 0.14
N HIS B 316 3.35 -18.71 1.19
CA HIS B 316 3.56 -19.72 2.22
C HIS B 316 2.54 -19.56 3.33
N PRO B 317 1.61 -20.54 3.52
CA PRO B 317 0.56 -20.38 4.52
C PRO B 317 1.07 -20.06 5.92
N GLU B 318 2.11 -20.76 6.36
CA GLU B 318 2.58 -20.67 7.73
C GLU B 318 3.11 -19.28 8.05
N THR B 319 4.01 -18.77 7.19
CA THR B 319 4.68 -17.50 7.45
C THR B 319 3.86 -16.34 6.90
N GLY B 320 3.06 -16.61 5.85
CA GLY B 320 2.30 -15.58 5.17
C GLY B 320 3.19 -14.73 4.24
N VAL B 321 4.23 -15.37 3.69
CA VAL B 321 5.22 -14.68 2.87
C VAL B 321 5.05 -15.10 1.41
N ILE B 322 5.17 -14.13 0.51
CA ILE B 322 5.10 -14.39 -0.91
C ILE B 322 6.51 -14.31 -1.49
N PHE B 323 6.90 -15.37 -2.21
CA PHE B 323 8.17 -15.41 -2.91
C PHE B 323 7.93 -15.17 -4.41
N PHE B 324 8.57 -14.12 -4.93
CA PHE B 324 8.49 -13.78 -6.35
C PHE B 324 9.73 -14.29 -7.07
N ALA B 325 9.56 -14.74 -8.30
CA ALA B 325 10.68 -15.13 -9.15
C ALA B 325 10.97 -14.01 -10.14
N LEU B 326 11.99 -13.18 -9.83
CA LEU B 326 12.27 -11.96 -10.59
C LEU B 326 13.05 -12.30 -11.86
N ILE B 327 12.51 -11.87 -13.01
CA ILE B 327 12.98 -12.29 -14.32
C ILE B 327 14.22 -11.49 -14.70
N GLN B 328 14.08 -10.16 -14.62
CA GLN B 328 15.12 -9.24 -15.08
C GLN B 328 16.27 -9.21 -14.08
N LEU B 329 15.96 -9.25 -12.77
CA LEU B 329 16.96 -9.12 -11.73
C LEU B 329 17.58 -10.49 -11.42
N ASN B 330 17.14 -11.53 -12.13
CA ASN B 330 17.72 -12.86 -12.01
C ASN B 330 17.85 -13.22 -10.53
N ALA B 331 16.75 -13.09 -9.80
CA ALA B 331 16.76 -13.31 -8.36
C ALA B 331 15.41 -13.82 -7.88
N VAL B 332 15.33 -14.08 -6.57
CA VAL B 332 14.09 -14.44 -5.89
C VAL B 332 13.92 -13.51 -4.70
N SER B 333 12.78 -12.80 -4.64
CA SER B 333 12.50 -11.87 -3.55
C SER B 333 11.31 -12.36 -2.74
N CYS B 334 11.17 -11.84 -1.52
CA CYS B 334 10.07 -12.23 -0.65
C CYS B 334 9.36 -10.99 -0.11
N TRP B 335 8.13 -11.19 0.37
CA TRP B 335 7.30 -10.12 0.87
C TRP B 335 6.35 -10.67 1.94
N ASP B 336 6.34 -10.05 3.12
CA ASP B 336 5.35 -10.36 4.13
C ASP B 336 4.05 -9.65 3.76
N THR B 337 2.96 -10.42 3.65
CA THR B 337 1.68 -9.89 3.18
C THR B 337 1.04 -8.98 4.24
N ARG B 338 1.49 -9.09 5.49
CA ARG B 338 0.99 -8.25 6.58
C ARG B 338 1.49 -6.82 6.40
N LYS B 339 2.72 -6.68 5.88
CA LYS B 339 3.34 -5.39 5.67
C LYS B 339 2.82 -4.76 4.38
N PRO B 340 2.79 -3.41 4.29
CA PRO B 340 2.37 -2.74 3.07
C PRO B 340 3.23 -3.13 1.87
N PHE B 341 2.58 -3.30 0.72
CA PHE B 341 3.25 -3.74 -0.50
C PHE B 341 4.10 -2.60 -1.05
N ALA B 342 5.40 -2.64 -0.75
CA ALA B 342 6.33 -1.58 -1.14
C ALA B 342 7.73 -2.18 -1.37
N PRO B 343 8.55 -1.57 -2.25
CA PRO B 343 9.89 -2.08 -2.51
C PRO B 343 10.74 -2.28 -1.26
N GLN B 344 10.62 -1.37 -0.27
CA GLN B 344 11.47 -1.42 0.91
C GLN B 344 10.96 -2.47 1.89
N ASN B 345 9.75 -2.99 1.64
CA ASN B 345 9.19 -4.06 2.45
C ASN B 345 9.36 -5.40 1.74
N MET B 346 10.32 -5.44 0.80
CA MET B 346 10.69 -6.65 0.10
C MET B 346 12.19 -6.82 0.16
N ALA B 347 12.64 -8.07 0.12
CA ALA B 347 14.05 -8.40 0.18
C ALA B 347 14.38 -9.46 -0.86
N ILE B 348 15.60 -9.41 -1.40
CA ILE B 348 16.08 -10.46 -2.29
C ILE B 348 16.75 -11.53 -1.44
N VAL B 349 16.27 -12.77 -1.56
CA VAL B 349 16.75 -13.86 -0.73
C VAL B 349 17.84 -14.62 -1.49
N TYR B 350 17.76 -14.60 -2.83
CA TYR B 350 18.73 -15.29 -3.66
C TYR B 350 18.86 -14.57 -5.00
N LYS B 351 20.10 -14.41 -5.46
CA LYS B 351 20.40 -13.77 -6.73
C LYS B 351 21.54 -14.54 -7.39
N ASN B 352 21.42 -14.80 -8.69
CA ASN B 352 22.42 -15.58 -9.39
C ASN B 352 22.36 -15.28 -10.88
N ASP B 353 23.13 -14.28 -11.32
CA ASP B 353 23.05 -13.78 -12.69
C ASP B 353 23.63 -14.80 -13.67
N ARG B 354 24.53 -15.66 -13.17
CA ARG B 354 25.19 -16.65 -14.00
C ARG B 354 24.21 -17.78 -14.33
N ASP B 355 23.65 -18.41 -13.28
CA ASP B 355 22.84 -19.61 -13.45
C ASP B 355 21.40 -19.26 -13.80
N ILE B 356 20.80 -18.33 -13.02
CA ILE B 356 19.41 -17.96 -13.24
C ILE B 356 19.33 -17.06 -14.47
N ILE B 357 18.91 -17.67 -15.59
CA ILE B 357 18.66 -16.92 -16.81
C ILE B 357 17.20 -16.49 -16.79
N TYR B 358 16.30 -17.48 -16.83
CA TYR B 358 14.88 -17.19 -16.69
C TYR B 358 14.30 -18.09 -15.61
N PRO B 359 13.82 -17.52 -14.48
CA PRO B 359 13.11 -18.31 -13.49
C PRO B 359 11.75 -18.79 -14.00
N ASN B 360 11.70 -20.04 -14.46
CA ASN B 360 10.56 -20.55 -15.19
C ASN B 360 9.47 -20.98 -14.21
N ASP B 361 9.87 -21.44 -13.02
CA ASP B 361 8.90 -21.92 -12.04
C ASP B 361 9.35 -21.56 -10.63
N LEU B 362 8.35 -21.42 -9.75
CA LEU B 362 8.57 -21.26 -8.32
C LEU B 362 7.35 -21.84 -7.60
N SER B 363 7.60 -22.70 -6.62
CA SER B 363 6.56 -23.42 -5.93
C SER B 363 6.89 -23.55 -4.45
N ILE B 364 5.85 -23.76 -3.63
CA ILE B 364 6.02 -23.96 -2.20
C ILE B 364 5.45 -25.33 -1.83
N ASP B 365 6.33 -26.18 -1.29
CA ASP B 365 5.99 -27.58 -1.01
C ASP B 365 5.25 -27.64 0.32
N GLN B 366 5.02 -28.87 0.81
CA GLN B 366 4.37 -29.11 2.08
C GLN B 366 5.42 -29.28 3.20
N GLU B 367 6.69 -29.03 2.88
CA GLU B 367 7.78 -29.28 3.81
C GLU B 367 8.39 -27.95 4.28
N GLY B 368 7.77 -26.83 3.88
CA GLY B 368 8.19 -25.52 4.32
C GLY B 368 9.39 -25.00 3.52
N ASN B 369 9.52 -25.47 2.27
CA ASN B 369 10.60 -25.04 1.40
C ASN B 369 10.03 -24.26 0.23
N VAL B 370 10.86 -23.40 -0.35
CA VAL B 370 10.53 -22.71 -1.58
C VAL B 370 11.41 -23.31 -2.66
N TRP B 371 10.79 -23.75 -3.76
CA TRP B 371 11.51 -24.34 -4.86
C TRP B 371 11.45 -23.39 -6.06
N PHE B 372 12.59 -23.14 -6.71
CA PHE B 372 12.60 -22.31 -7.90
C PHE B 372 13.59 -22.90 -8.92
N MET B 373 13.34 -22.57 -10.19
CA MET B 373 13.97 -23.26 -11.30
C MET B 373 14.28 -22.26 -12.41
N SER B 374 15.41 -22.50 -13.09
CA SER B 374 15.78 -21.78 -14.31
C SER B 374 16.05 -22.78 -15.42
N ASN B 375 15.62 -22.46 -16.64
CA ASN B 375 15.70 -23.40 -17.75
C ASN B 375 16.45 -22.79 -18.95
N SER B 376 16.89 -21.52 -18.82
CA SER B 376 17.66 -20.86 -19.87
C SER B 376 16.91 -20.91 -21.20
N ILE B 377 15.60 -20.62 -21.15
CA ILE B 377 14.74 -20.67 -22.32
C ILE B 377 15.14 -19.57 -23.33
N ILE B 378 15.63 -18.44 -22.81
CA ILE B 378 16.01 -17.29 -23.64
C ILE B 378 17.13 -17.70 -24.60
N LYS B 379 18.08 -18.50 -24.11
CA LYS B 379 19.28 -18.83 -24.88
C LYS B 379 18.94 -19.81 -25.99
N LEU B 380 17.81 -20.51 -25.87
CA LEU B 380 17.33 -21.40 -26.91
C LEU B 380 16.62 -20.58 -27.99
N LEU B 381 15.88 -19.55 -27.57
CA LEU B 381 14.97 -18.84 -28.45
C LEU B 381 15.72 -17.81 -29.28
N TYR B 382 16.69 -17.13 -28.66
CA TYR B 382 17.28 -15.92 -29.22
C TYR B 382 18.79 -16.06 -29.44
N THR B 383 19.37 -17.18 -28.99
CA THR B 383 20.80 -17.40 -29.20
C THR B 383 21.06 -18.90 -29.35
N GLN B 384 22.30 -19.33 -29.08
CA GLN B 384 22.67 -20.73 -29.16
C GLN B 384 22.60 -21.35 -27.77
N LEU B 385 22.06 -22.55 -27.67
CA LEU B 385 22.05 -23.30 -26.42
C LEU B 385 23.09 -24.41 -26.52
N SER B 386 24.05 -24.41 -25.58
CA SER B 386 25.13 -25.38 -25.56
C SER B 386 24.82 -26.48 -24.55
N LEU B 387 24.94 -27.74 -24.99
CA LEU B 387 24.67 -28.89 -24.13
C LEU B 387 25.95 -29.26 -23.38
N GLU B 388 27.01 -28.48 -23.61
CA GLU B 388 28.27 -28.67 -22.90
C GLU B 388 28.17 -28.05 -21.51
N GLU B 389 27.35 -26.99 -21.40
CA GLU B 389 27.17 -26.28 -20.13
C GLU B 389 25.84 -26.68 -19.50
N PHE B 390 25.72 -26.46 -18.18
CA PHE B 390 24.49 -26.74 -17.46
C PHE B 390 23.51 -25.61 -17.72
N ASN B 391 22.31 -25.96 -18.22
CA ASN B 391 21.32 -24.98 -18.65
C ASN B 391 20.08 -25.03 -17.75
N PHE B 392 19.91 -26.14 -17.00
CA PHE B 392 18.71 -26.32 -16.19
C PHE B 392 19.09 -26.51 -14.73
N HIS B 393 18.46 -25.72 -13.84
CA HIS B 393 18.80 -25.72 -12.42
C HIS B 393 17.52 -25.74 -11.57
N ILE B 394 17.56 -26.52 -10.48
CA ILE B 394 16.47 -26.59 -9.50
C ILE B 394 17.06 -26.30 -8.12
N TRP B 395 16.44 -25.38 -7.39
CA TRP B 395 16.94 -24.98 -6.08
C TRP B 395 15.88 -25.22 -4.99
N ARG B 396 16.38 -25.32 -3.74
CA ARG B 396 15.56 -25.48 -2.55
C ARG B 396 16.07 -24.53 -1.48
N ALA B 397 15.14 -23.95 -0.71
CA ALA B 397 15.50 -23.06 0.40
C ALA B 397 14.44 -23.15 1.49
N ASN B 398 14.88 -23.32 2.73
CA ASN B 398 13.97 -23.30 3.86
C ASN B 398 13.43 -21.89 4.04
N ILE B 399 12.11 -21.76 4.10
CA ILE B 399 11.47 -20.47 4.09
C ILE B 399 11.70 -19.74 5.42
N LYS B 400 11.44 -20.43 6.53
CA LYS B 400 11.53 -19.81 7.85
C LYS B 400 12.97 -19.36 8.12
N GLU B 401 13.94 -20.07 7.54
CA GLU B 401 15.34 -19.78 7.80
C GLU B 401 15.81 -18.64 6.89
N ILE B 402 15.29 -18.59 5.65
CA ILE B 402 15.77 -17.66 4.65
C ILE B 402 15.21 -16.25 4.90
N ILE B 403 14.09 -16.16 5.62
CA ILE B 403 13.46 -14.89 5.91
C ILE B 403 13.86 -14.42 7.31
N LYS B 404 14.38 -15.34 8.12
CA LYS B 404 14.72 -15.06 9.50
C LYS B 404 15.64 -13.83 9.57
N GLY B 405 15.11 -12.71 10.07
CA GLY B 405 15.89 -11.52 10.31
C GLY B 405 15.66 -10.44 9.25
N THR B 406 15.09 -10.87 8.10
CA THR B 406 14.83 -9.97 6.99
C THR B 406 13.51 -9.23 7.24
N VAL B 407 13.13 -8.38 6.28
CA VAL B 407 11.87 -7.66 6.34
C VAL B 407 10.72 -8.60 5.98
N CYS B 408 11.07 -9.78 5.48
CA CYS B 408 10.09 -10.81 5.13
C CYS B 408 9.65 -11.58 6.38
N ASP B 409 10.46 -11.48 7.44
CA ASP B 409 10.16 -12.12 8.71
C ASP B 409 8.98 -11.40 9.36
N PRO B 410 7.85 -12.10 9.59
CA PRO B 410 6.67 -11.49 10.19
C PRO B 410 6.96 -10.79 11.52
N THR B 411 7.97 -11.26 12.25
CA THR B 411 8.29 -10.72 13.58
C THR B 411 9.03 -9.38 13.42
N VAL B 412 9.76 -9.24 12.32
CA VAL B 412 10.46 -7.99 12.02
C VAL B 412 9.41 -6.96 11.59
N PRO B 413 9.51 -5.70 12.08
CA PRO B 413 8.59 -4.65 11.67
C PRO B 413 8.89 -4.05 10.29
N PRO B 414 7.90 -3.43 9.62
CA PRO B 414 8.09 -2.79 8.32
C PRO B 414 8.91 -1.50 8.37
N ASN B 415 9.44 -1.11 7.20
CA ASN B 415 10.29 0.07 7.08
C ASN B 415 9.46 1.27 6.66
N VAL B 416 10.11 2.43 6.57
CA VAL B 416 9.45 3.67 6.14
C VAL B 416 10.41 4.42 5.19
N ASP B 417 9.89 5.48 4.56
CA ASP B 417 10.66 6.29 3.60
C ASP B 417 11.76 7.06 4.34
N HIS B 418 11.35 7.91 5.30
CA HIS B 418 12.30 8.68 6.09
C HIS B 418 12.53 7.99 7.44
N GLN C 23 -18.03 28.91 -35.72
CA GLN C 23 -16.61 28.44 -35.73
C GLN C 23 -16.58 26.91 -35.73
N VAL C 24 -17.39 26.30 -34.87
CA VAL C 24 -17.63 24.87 -34.89
C VAL C 24 -19.15 24.67 -34.99
N GLU C 25 -19.62 24.16 -36.14
CA GLU C 25 -21.04 24.05 -36.38
C GLU C 25 -21.43 22.58 -36.58
N GLU C 26 -22.57 22.21 -35.99
CA GLU C 26 -23.18 20.91 -36.20
C GLU C 26 -23.76 20.87 -37.61
N VAL C 27 -23.40 19.83 -38.38
CA VAL C 27 -23.77 19.73 -39.79
C VAL C 27 -24.93 18.75 -39.95
N LEU C 28 -24.77 17.56 -39.33
CA LEU C 28 -25.76 16.50 -39.42
C LEU C 28 -26.15 16.05 -38.01
N LYS C 29 -27.40 15.62 -37.85
CA LYS C 29 -27.86 15.07 -36.60
C LYS C 29 -29.07 14.19 -36.83
N TRP C 30 -29.10 13.04 -36.15
CA TRP C 30 -30.18 12.08 -36.29
C TRP C 30 -30.77 11.77 -34.91
N GLN C 31 -32.07 11.45 -34.90
CA GLN C 31 -32.71 10.81 -33.77
C GLN C 31 -32.61 9.30 -33.96
N GLN C 32 -32.82 8.88 -35.21
CA GLN C 32 -32.47 7.55 -35.68
C GLN C 32 -32.07 7.66 -37.15
N VAL C 33 -31.60 6.54 -37.73
CA VAL C 33 -31.17 6.54 -39.12
C VAL C 33 -32.14 5.69 -39.95
N GLU C 34 -32.56 6.25 -41.10
CA GLU C 34 -33.41 5.57 -42.05
C GLU C 34 -32.69 5.45 -43.40
N PHE C 35 -33.03 4.42 -44.17
CA PHE C 35 -32.35 4.14 -45.43
C PHE C 35 -33.32 4.29 -46.61
N ASP C 36 -32.83 4.89 -47.70
CA ASP C 36 -33.60 5.08 -48.91
C ASP C 36 -33.41 3.84 -49.77
N VAL C 37 -34.18 2.79 -49.46
CA VAL C 37 -34.08 1.53 -50.17
C VAL C 37 -35.49 0.98 -50.41
N PRO C 38 -35.65 -0.04 -51.29
CA PRO C 38 -36.97 -0.62 -51.55
C PRO C 38 -37.71 -1.00 -50.28
N ALA C 39 -39.01 -0.66 -50.23
CA ALA C 39 -39.86 -0.93 -49.08
C ALA C 39 -39.93 -2.44 -48.80
N SER C 40 -39.64 -3.24 -49.83
CA SER C 40 -39.68 -4.69 -49.71
C SER C 40 -38.68 -5.17 -48.66
N VAL C 41 -37.56 -4.45 -48.52
CA VAL C 41 -36.51 -4.81 -47.58
C VAL C 41 -36.90 -4.35 -46.18
N LEU C 42 -37.57 -3.19 -46.11
CA LEU C 42 -37.97 -2.62 -44.83
C LEU C 42 -39.16 -3.40 -44.27
N SER C 43 -40.00 -3.92 -45.18
CA SER C 43 -41.21 -4.63 -44.78
C SER C 43 -40.90 -6.09 -44.48
N ALA C 44 -39.70 -6.54 -44.85
CA ALA C 44 -39.28 -7.93 -44.67
C ALA C 44 -39.23 -8.25 -43.17
N PRO C 45 -39.25 -9.55 -42.79
CA PRO C 45 -39.19 -9.92 -41.38
C PRO C 45 -37.85 -9.54 -40.76
N ASP C 46 -37.87 -8.48 -39.94
CA ASP C 46 -36.69 -8.02 -39.22
C ASP C 46 -35.61 -7.60 -40.21
N GLY C 47 -36.00 -6.80 -41.21
CA GLY C 47 -35.07 -6.27 -42.19
C GLY C 47 -34.51 -4.92 -41.76
N TYR C 48 -35.19 -4.27 -40.80
CA TYR C 48 -34.76 -2.98 -40.29
C TYR C 48 -35.27 -2.77 -38.87
N ILE C 49 -34.34 -2.80 -37.90
CA ILE C 49 -34.66 -2.47 -36.52
C ILE C 49 -34.00 -1.12 -36.21
N PRO C 50 -34.81 -0.08 -35.87
CA PRO C 50 -34.29 1.28 -35.70
C PRO C 50 -33.17 1.42 -34.68
N ILE C 51 -33.25 0.66 -33.57
CA ILE C 51 -32.35 0.82 -32.43
C ILE C 51 -30.99 0.18 -32.74
N ASN C 52 -30.96 -0.72 -33.74
CA ASN C 52 -29.78 -1.53 -34.02
C ASN C 52 -28.82 -0.81 -34.97
N ASN C 53 -29.31 0.24 -35.64
CA ASN C 53 -28.51 0.94 -36.64
C ASN C 53 -27.79 2.12 -35.99
N ILE C 54 -26.48 1.96 -35.79
CA ILE C 54 -25.65 2.98 -35.18
C ILE C 54 -24.57 3.40 -36.19
N PRO C 55 -24.61 4.65 -36.69
CA PRO C 55 -23.56 5.14 -37.57
C PRO C 55 -22.23 5.33 -36.85
N MET C 56 -21.14 4.92 -37.51
CA MET C 56 -19.84 4.82 -36.85
C MET C 56 -18.85 5.80 -37.44
N SER C 57 -19.24 6.52 -38.51
CA SER C 57 -18.34 7.49 -39.13
C SER C 57 -19.12 8.54 -39.93
N GLY C 58 -18.40 9.63 -40.24
CA GLY C 58 -18.91 10.71 -41.08
C GLY C 58 -17.76 11.48 -41.72
N VAL C 59 -17.60 11.35 -43.04
CA VAL C 59 -16.47 11.89 -43.79
C VAL C 59 -16.97 12.90 -44.82
N HIS C 60 -16.12 13.88 -45.16
CA HIS C 60 -16.50 14.92 -46.09
C HIS C 60 -15.62 14.87 -47.33
N TYR C 61 -16.27 14.82 -48.51
CA TYR C 61 -15.59 14.87 -49.78
C TYR C 61 -16.45 15.67 -50.77
N LYS C 62 -15.88 16.75 -51.30
CA LYS C 62 -16.52 17.52 -52.36
C LYS C 62 -17.95 17.85 -51.96
N ASN C 63 -18.14 18.23 -50.69
CA ASN C 63 -19.44 18.57 -50.14
C ASN C 63 -20.40 17.37 -50.31
N ARG C 64 -19.93 16.22 -49.81
CA ARG C 64 -20.72 15.02 -49.65
C ARG C 64 -20.29 14.36 -48.34
N VAL C 65 -21.20 13.65 -47.68
CA VAL C 65 -20.88 13.01 -46.41
C VAL C 65 -21.20 11.52 -46.48
N PHE C 66 -20.19 10.68 -46.21
CA PHE C 66 -20.35 9.22 -46.25
C PHE C 66 -20.49 8.67 -44.83
N VAL C 67 -21.67 8.14 -44.53
CA VAL C 67 -21.98 7.60 -43.20
C VAL C 67 -22.02 6.08 -43.28
N THR C 68 -21.35 5.42 -42.32
CA THR C 68 -21.27 3.96 -42.28
C THR C 68 -22.00 3.44 -41.05
N VAL C 69 -22.63 2.28 -41.21
CA VAL C 69 -23.41 1.65 -40.14
C VAL C 69 -22.96 0.20 -40.02
N PRO C 70 -21.88 -0.10 -39.27
CA PRO C 70 -21.37 -1.45 -39.16
C PRO C 70 -22.45 -2.42 -38.68
N ARG C 71 -22.48 -3.61 -39.29
CA ARG C 71 -23.44 -4.64 -38.91
C ARG C 71 -22.93 -5.33 -37.65
N ARG C 72 -23.28 -4.73 -36.49
CA ARG C 72 -23.01 -5.30 -35.19
C ARG C 72 -24.32 -5.79 -34.58
N ARG C 73 -25.39 -5.79 -35.40
CA ARG C 73 -26.69 -6.27 -35.00
C ARG C 73 -27.40 -6.84 -36.24
N TRP C 74 -28.66 -7.25 -36.07
CA TRP C 74 -29.51 -7.61 -37.20
C TRP C 74 -30.43 -6.45 -37.54
N GLY C 75 -30.85 -6.39 -38.82
CA GLY C 75 -31.70 -5.33 -39.31
C GLY C 75 -30.91 -4.06 -39.65
N ILE C 76 -29.88 -4.23 -40.49
CA ILE C 76 -29.09 -3.11 -40.98
C ILE C 76 -29.00 -3.21 -42.50
N PRO C 77 -29.94 -2.58 -43.24
CA PRO C 77 -30.00 -2.71 -44.69
C PRO C 77 -28.67 -2.44 -45.40
N SER C 78 -28.01 -1.32 -45.08
CA SER C 78 -26.80 -0.92 -45.78
C SER C 78 -25.71 -0.52 -44.78
N THR C 79 -24.47 -0.88 -45.10
CA THR C 79 -23.34 -0.63 -44.21
C THR C 79 -22.61 0.64 -44.64
N LEU C 80 -22.56 0.90 -45.95
CA LEU C 80 -21.92 2.09 -46.48
C LEU C 80 -22.98 2.98 -47.13
N ASN C 81 -23.04 4.25 -46.70
CA ASN C 81 -24.07 5.16 -47.16
C ASN C 81 -23.48 6.53 -47.45
N VAL C 82 -24.30 7.42 -48.04
CA VAL C 82 -23.87 8.76 -48.39
C VAL C 82 -25.02 9.73 -48.18
N VAL C 83 -24.68 11.00 -47.87
CA VAL C 83 -25.67 12.04 -47.61
C VAL C 83 -25.24 13.31 -48.34
N GLU C 84 -26.21 13.94 -49.03
CA GLU C 84 -25.96 15.17 -49.79
C GLU C 84 -26.14 16.37 -48.86
N LEU C 85 -25.15 17.27 -48.85
CA LEU C 85 -25.18 18.44 -47.98
C LEU C 85 -25.92 19.59 -48.66
N GLU C 86 -26.86 20.20 -47.93
CA GLU C 86 -27.64 21.32 -48.43
C GLU C 86 -28.13 22.15 -47.25
N PRO C 87 -27.73 23.44 -47.13
CA PRO C 87 -28.19 24.29 -46.04
C PRO C 87 -29.71 24.32 -45.91
N PRO C 88 -30.25 24.79 -44.76
CA PRO C 88 -29.45 25.23 -43.63
C PRO C 88 -29.04 24.11 -42.69
N TYR C 89 -27.98 24.33 -41.91
CA TYR C 89 -27.48 23.35 -40.97
C TYR C 89 -27.90 23.66 -39.53
N PRO C 90 -28.05 22.64 -38.66
CA PRO C 90 -27.84 21.25 -39.05
C PRO C 90 -29.05 20.63 -39.74
N VAL C 91 -28.77 19.76 -40.72
CA VAL C 91 -29.82 19.04 -41.43
C VAL C 91 -30.36 17.96 -40.49
N THR C 92 -31.68 17.92 -40.35
CA THR C 92 -32.32 17.05 -39.39
C THR C 92 -32.68 15.74 -40.09
N ASN C 93 -32.27 14.62 -39.47
CA ASN C 93 -32.65 13.28 -39.88
C ASN C 93 -32.61 13.12 -41.40
N PRO C 94 -31.43 13.32 -42.06
CA PRO C 94 -31.28 12.96 -43.46
C PRO C 94 -31.40 11.46 -43.67
N VAL C 95 -31.99 11.06 -44.79
CA VAL C 95 -32.15 9.66 -45.13
C VAL C 95 -30.85 9.19 -45.77
N LEU C 96 -30.34 8.05 -45.32
CA LEU C 96 -29.06 7.54 -45.79
C LEU C 96 -29.28 6.90 -47.15
N LYS C 97 -28.41 7.26 -48.10
CA LYS C 97 -28.47 6.73 -49.45
C LYS C 97 -27.37 5.68 -49.62
N PRO C 98 -27.72 4.40 -49.89
CA PRO C 98 -26.71 3.36 -50.06
C PRO C 98 -25.66 3.72 -51.10
N TYR C 99 -24.38 3.57 -50.74
CA TYR C 99 -23.27 3.88 -51.62
C TYR C 99 -22.29 2.73 -51.75
N PRO C 100 -21.74 2.46 -52.96
CA PRO C 100 -22.10 3.19 -54.17
C PRO C 100 -23.49 2.83 -54.69
N SER C 101 -23.97 1.64 -54.35
CA SER C 101 -25.32 1.23 -54.67
C SER C 101 -25.81 0.23 -53.62
N PHE C 102 -27.11 -0.02 -53.61
CA PHE C 102 -27.70 -0.93 -52.65
C PHE C 102 -27.38 -2.38 -53.03
N GLU C 103 -27.04 -2.60 -54.31
CA GLU C 103 -26.72 -3.94 -54.79
C GLU C 103 -25.49 -4.47 -54.05
N LEU C 104 -24.54 -3.57 -53.73
CA LEU C 104 -23.31 -3.95 -53.05
C LEU C 104 -23.57 -4.04 -51.54
N ASN C 105 -24.45 -3.18 -51.03
CA ASN C 105 -24.73 -3.12 -49.61
C ASN C 105 -25.79 -4.15 -49.23
N GLU C 106 -26.36 -4.83 -50.22
CA GLU C 106 -27.35 -5.86 -49.95
C GLU C 106 -26.67 -6.95 -49.11
N LEU C 107 -27.45 -7.54 -48.20
CA LEU C 107 -26.98 -8.66 -47.39
C LEU C 107 -27.53 -9.95 -47.98
N ARG C 108 -26.63 -10.91 -48.24
CA ARG C 108 -27.03 -12.20 -48.79
C ARG C 108 -27.67 -13.04 -47.71
N ALA C 109 -28.80 -13.67 -48.03
CA ALA C 109 -29.50 -14.53 -47.09
C ALA C 109 -28.69 -15.80 -46.85
N ASP C 110 -27.98 -16.26 -47.90
CA ASP C 110 -27.20 -17.49 -47.81
C ASP C 110 -25.90 -17.25 -47.05
N LEU C 111 -25.53 -15.97 -46.90
CA LEU C 111 -24.41 -15.55 -46.06
C LEU C 111 -23.09 -16.10 -46.61
N GLN C 112 -23.06 -16.42 -47.90
CA GLN C 112 -21.85 -16.95 -48.52
C GLN C 112 -20.98 -15.78 -48.96
N PRO C 113 -19.65 -15.99 -49.09
CA PRO C 113 -18.75 -14.94 -49.55
C PRO C 113 -19.08 -14.43 -50.95
N ASP C 114 -19.15 -13.10 -51.10
CA ASP C 114 -19.39 -12.48 -52.40
C ASP C 114 -18.42 -11.30 -52.55
N ALA C 115 -17.56 -11.38 -53.58
CA ALA C 115 -16.49 -10.41 -53.77
C ALA C 115 -17.05 -9.03 -54.14
N ASN C 116 -18.29 -9.00 -54.64
CA ASN C 116 -18.91 -7.75 -55.08
C ASN C 116 -20.05 -7.39 -54.12
N ARG C 117 -19.79 -7.51 -52.81
CA ARG C 117 -20.75 -7.09 -51.81
C ARG C 117 -20.02 -6.59 -50.56
N LEU C 118 -20.72 -5.72 -49.82
CA LEU C 118 -20.18 -5.08 -48.63
C LEU C 118 -20.93 -5.57 -47.40
N VAL C 119 -20.19 -6.19 -46.47
CA VAL C 119 -20.78 -6.75 -45.26
C VAL C 119 -20.75 -5.67 -44.18
N THR C 120 -19.55 -5.32 -43.71
CA THR C 120 -19.41 -4.39 -42.61
C THR C 120 -18.27 -3.41 -42.91
N VAL C 121 -18.60 -2.11 -42.90
CA VAL C 121 -17.62 -1.06 -43.12
C VAL C 121 -17.67 -0.11 -41.92
N TYR C 122 -16.47 0.28 -41.42
CA TYR C 122 -16.39 1.11 -40.23
C TYR C 122 -16.08 2.54 -40.65
N ARG C 123 -14.79 2.88 -40.73
CA ARG C 123 -14.37 4.26 -40.95
C ARG C 123 -13.66 4.35 -42.30
N PRO C 124 -14.32 4.95 -43.34
CA PRO C 124 -13.67 5.24 -44.61
C PRO C 124 -12.83 6.51 -44.57
N ARG C 125 -11.82 6.60 -45.44
CA ARG C 125 -10.97 7.77 -45.53
C ARG C 125 -10.90 8.28 -46.96
N VAL C 126 -10.66 9.59 -47.10
CA VAL C 126 -10.55 10.23 -48.41
C VAL C 126 -9.13 10.75 -48.58
N ASP C 127 -8.56 10.53 -49.78
CA ASP C 127 -7.23 10.99 -50.12
C ASP C 127 -7.32 12.20 -51.05
N ARG C 128 -6.14 12.71 -51.45
CA ARG C 128 -6.05 13.90 -52.29
C ARG C 128 -6.27 13.54 -53.76
N CYS C 129 -6.34 12.23 -54.06
CA CYS C 129 -6.49 11.79 -55.43
C CYS C 129 -7.96 11.44 -55.73
N ASP C 130 -8.88 12.01 -54.94
CA ASP C 130 -10.32 11.90 -55.18
C ASP C 130 -10.76 10.44 -55.16
N ARG C 131 -10.28 9.69 -54.15
CA ARG C 131 -10.61 8.28 -53.99
C ARG C 131 -11.11 8.03 -52.55
N LEU C 132 -12.03 7.08 -52.42
CA LEU C 132 -12.60 6.72 -51.13
C LEU C 132 -12.13 5.32 -50.72
N TRP C 133 -11.32 5.27 -49.65
CA TRP C 133 -10.76 4.03 -49.15
C TRP C 133 -11.54 3.56 -47.91
N PHE C 134 -11.80 2.26 -47.84
CA PHE C 134 -12.43 1.68 -46.67
C PHE C 134 -12.11 0.20 -46.63
N VAL C 135 -12.40 -0.43 -45.48
CA VAL C 135 -12.15 -1.85 -45.28
C VAL C 135 -13.47 -2.53 -44.94
N ASP C 136 -13.85 -3.51 -45.76
CA ASP C 136 -14.95 -4.40 -45.42
C ASP C 136 -14.38 -5.54 -44.57
N THR C 137 -14.86 -5.62 -43.32
CA THR C 137 -14.39 -6.61 -42.36
C THR C 137 -14.87 -8.00 -42.80
N GLY C 138 -16.06 -8.03 -43.42
CA GLY C 138 -16.68 -9.28 -43.83
C GLY C 138 -17.14 -10.09 -42.63
N MET C 139 -17.31 -9.41 -41.49
CA MET C 139 -17.67 -10.08 -40.26
C MET C 139 -18.76 -9.27 -39.54
N MET C 140 -19.76 -10.00 -39.01
CA MET C 140 -20.86 -9.40 -38.29
C MET C 140 -20.77 -9.79 -36.81
N GLU C 141 -20.62 -8.78 -35.95
CA GLU C 141 -20.33 -8.98 -34.55
C GLU C 141 -21.63 -8.95 -33.74
N ILE C 142 -22.58 -9.85 -34.08
CA ILE C 142 -23.85 -9.89 -33.38
C ILE C 142 -23.63 -10.59 -32.05
N PRO C 143 -24.05 -10.00 -30.91
CA PRO C 143 -23.95 -10.69 -29.63
C PRO C 143 -24.76 -11.97 -29.63
N GLY C 144 -24.08 -13.11 -29.49
CA GLY C 144 -24.72 -14.40 -29.52
C GLY C 144 -24.24 -15.22 -30.73
N ASN C 145 -24.18 -14.57 -31.89
CA ASN C 145 -23.72 -15.23 -33.10
C ASN C 145 -22.77 -14.30 -33.86
N PHE C 146 -21.47 -14.43 -33.56
CA PHE C 146 -20.44 -13.83 -34.38
C PHE C 146 -20.38 -14.55 -35.72
N THR C 147 -20.77 -13.86 -36.79
CA THR C 147 -20.87 -14.46 -38.11
C THR C 147 -19.79 -13.88 -39.02
N VAL C 148 -18.84 -14.73 -39.43
CA VAL C 148 -17.82 -14.32 -40.38
C VAL C 148 -18.30 -14.70 -41.77
N VAL C 149 -18.76 -13.71 -42.52
CA VAL C 149 -19.30 -13.93 -43.85
C VAL C 149 -18.14 -14.23 -44.81
N GLN C 150 -17.17 -13.32 -44.84
CA GLN C 150 -16.05 -13.45 -45.76
C GLN C 150 -14.83 -12.81 -45.13
N ARG C 151 -13.69 -12.91 -45.82
CA ARG C 151 -12.44 -12.37 -45.33
C ARG C 151 -12.49 -10.84 -45.43
N PRO C 152 -11.65 -10.11 -44.68
CA PRO C 152 -11.59 -8.67 -44.79
C PRO C 152 -10.98 -8.20 -46.11
N SER C 153 -11.57 -7.15 -46.69
CA SER C 153 -11.14 -6.64 -47.97
C SER C 153 -10.98 -5.12 -47.91
N ILE C 154 -9.94 -4.60 -48.56
CA ILE C 154 -9.75 -3.17 -48.65
C ILE C 154 -10.27 -2.71 -50.02
N TRP C 155 -10.94 -1.56 -50.04
CA TRP C 155 -11.59 -1.07 -51.26
C TRP C 155 -11.05 0.31 -51.63
N SER C 156 -11.22 0.67 -52.91
CA SER C 156 -10.97 2.00 -53.41
C SER C 156 -12.13 2.39 -54.33
N ILE C 157 -12.67 3.59 -54.14
CA ILE C 157 -13.76 4.05 -54.97
C ILE C 157 -13.36 5.37 -55.63
N ASP C 158 -13.59 5.44 -56.93
CA ASP C 158 -13.44 6.68 -57.67
C ASP C 158 -14.63 7.55 -57.32
N LEU C 159 -14.37 8.66 -56.62
CA LEU C 159 -15.42 9.51 -56.08
C LEU C 159 -16.00 10.41 -57.18
N LYS C 160 -15.32 10.46 -58.33
CA LYS C 160 -15.76 11.27 -59.45
C LYS C 160 -16.73 10.48 -60.33
N THR C 161 -16.57 9.15 -60.39
CA THR C 161 -17.40 8.29 -61.23
C THR C 161 -18.27 7.37 -60.38
N ASN C 162 -18.00 7.33 -59.06
CA ASN C 162 -18.70 6.45 -58.13
C ASN C 162 -18.55 4.99 -58.56
N GLN C 163 -17.39 4.68 -59.16
CA GLN C 163 -17.11 3.36 -59.67
C GLN C 163 -16.01 2.75 -58.81
N PRO C 164 -16.16 1.48 -58.34
CA PRO C 164 -15.08 0.81 -57.62
C PRO C 164 -13.81 0.72 -58.47
N LEU C 165 -12.67 1.08 -57.85
CA LEU C 165 -11.38 1.05 -58.51
C LEU C 165 -10.68 -0.27 -58.21
N SER C 166 -10.44 -0.53 -56.92
CA SER C 166 -9.61 -1.66 -56.50
C SER C 166 -10.22 -2.37 -55.30
N ARG C 167 -9.91 -3.67 -55.19
CA ARG C 167 -10.39 -4.50 -54.10
C ARG C 167 -9.34 -5.58 -53.82
N TYR C 168 -8.80 -5.56 -52.60
CA TYR C 168 -7.78 -6.52 -52.20
C TYR C 168 -8.28 -7.28 -50.98
N GLU C 169 -8.30 -8.61 -51.08
CA GLU C 169 -8.60 -9.47 -49.94
C GLU C 169 -7.32 -9.63 -49.11
N ILE C 170 -7.44 -9.43 -47.80
CA ILE C 170 -6.31 -9.58 -46.90
C ILE C 170 -6.11 -11.06 -46.62
N PRO C 171 -4.89 -11.61 -46.84
CA PRO C 171 -4.63 -13.02 -46.61
C PRO C 171 -4.59 -13.39 -45.12
N GLN C 172 -4.78 -14.69 -44.84
CA GLN C 172 -4.90 -15.18 -43.48
C GLN C 172 -3.56 -15.03 -42.74
N LYS C 173 -2.47 -14.89 -43.49
CA LYS C 173 -1.15 -14.77 -42.90
C LYS C 173 -1.02 -13.44 -42.15
N ASP C 174 -1.86 -12.46 -42.51
CA ASP C 174 -1.75 -11.10 -42.00
C ASP C 174 -2.75 -10.87 -40.86
N VAL C 175 -4.02 -11.19 -41.10
CA VAL C 175 -5.05 -11.09 -40.09
C VAL C 175 -6.02 -12.25 -40.27
N GLU C 176 -6.59 -12.73 -39.17
CA GLU C 176 -7.41 -13.93 -39.21
C GLU C 176 -8.83 -13.61 -39.66
N THR C 177 -9.52 -12.73 -38.92
CA THR C 177 -10.96 -12.59 -39.05
C THR C 177 -11.37 -11.15 -39.41
N GLY C 178 -10.49 -10.19 -39.16
CA GLY C 178 -10.83 -8.79 -39.42
C GLY C 178 -11.90 -8.32 -38.44
N TYR C 179 -11.78 -8.80 -37.20
CA TYR C 179 -12.72 -8.48 -36.14
C TYR C 179 -12.54 -7.02 -35.74
N GLY C 180 -11.28 -6.56 -35.70
CA GLY C 180 -10.93 -5.27 -35.11
C GLY C 180 -10.40 -4.29 -36.15
N LEU C 181 -10.60 -4.59 -37.43
CA LEU C 181 -10.19 -3.66 -38.48
C LEU C 181 -11.26 -2.59 -38.62
N THR C 182 -11.14 -1.55 -37.78
CA THR C 182 -12.14 -0.50 -37.67
C THR C 182 -11.53 0.87 -37.93
N SER C 183 -10.27 0.92 -38.37
CA SER C 183 -9.59 2.18 -38.64
C SER C 183 -8.48 2.01 -39.68
N ILE C 184 -8.35 3.00 -40.58
CA ILE C 184 -7.36 2.95 -41.64
C ILE C 184 -6.70 4.33 -41.78
N THR C 185 -5.41 4.31 -42.14
CA THR C 185 -4.64 5.53 -42.38
C THR C 185 -4.02 5.43 -43.77
N LEU C 186 -4.16 6.50 -44.56
CA LEU C 186 -3.69 6.52 -45.94
C LEU C 186 -2.34 7.21 -46.02
N ASP C 187 -1.39 6.56 -46.71
CA ASP C 187 -0.10 7.14 -47.00
C ASP C 187 0.10 7.16 -48.51
N VAL C 188 -0.25 8.29 -49.13
CA VAL C 188 -0.13 8.46 -50.57
C VAL C 188 1.12 9.31 -50.87
N ASP C 189 1.90 8.87 -51.86
CA ASP C 189 3.09 9.59 -52.29
C ASP C 189 2.65 10.96 -52.80
N PRO C 190 3.32 12.06 -52.39
CA PRO C 190 2.88 13.41 -52.77
C PRO C 190 2.90 13.66 -54.28
N ASP C 191 3.62 12.83 -55.04
CA ASP C 191 3.74 12.99 -56.48
C ASP C 191 2.78 12.02 -57.18
N ASP C 192 3.08 10.72 -57.08
CA ASP C 192 2.33 9.70 -57.79
C ASP C 192 1.16 9.23 -56.92
N CYS C 193 -0.03 9.11 -57.54
CA CYS C 193 -1.22 8.67 -56.84
C CYS C 193 -1.33 7.15 -56.83
N SER C 194 -0.51 6.48 -57.65
CA SER C 194 -0.53 5.03 -57.72
C SER C 194 0.21 4.43 -56.51
N LYS C 195 1.23 5.16 -56.04
CA LYS C 195 2.03 4.74 -54.89
C LYS C 195 1.24 5.02 -53.61
N VAL C 196 0.63 3.97 -53.03
CA VAL C 196 -0.21 4.13 -51.87
C VAL C 196 0.09 3.00 -50.87
N PHE C 197 0.23 3.39 -49.59
CA PHE C 197 0.31 2.46 -48.49
C PHE C 197 -0.84 2.76 -47.53
N VAL C 198 -1.46 1.70 -46.99
CA VAL C 198 -2.58 1.83 -46.08
C VAL C 198 -2.25 1.08 -44.79
N TYR C 199 -2.32 1.78 -43.66
CA TYR C 199 -2.06 1.20 -42.36
C TYR C 199 -3.39 1.00 -41.63
N ILE C 200 -3.71 -0.25 -41.30
CA ILE C 200 -4.94 -0.59 -40.63
C ILE C 200 -4.63 -0.80 -39.15
N SER C 201 -5.56 -0.37 -38.29
CA SER C 201 -5.40 -0.51 -36.85
C SER C 201 -6.37 -1.55 -36.30
N ASP C 202 -5.82 -2.67 -35.79
CA ASP C 202 -6.61 -3.77 -35.23
C ASP C 202 -6.59 -3.68 -33.70
N LEU C 203 -7.70 -3.22 -33.13
CA LEU C 203 -7.79 -2.94 -31.70
C LEU C 203 -8.24 -4.20 -30.95
N GLN C 204 -8.52 -5.27 -31.69
CA GLN C 204 -8.96 -6.52 -31.10
C GLN C 204 -7.79 -7.49 -30.96
N THR C 205 -7.04 -7.70 -32.06
CA THR C 205 -5.93 -8.65 -32.06
C THR C 205 -4.64 -7.93 -31.68
N TYR C 206 -4.69 -6.60 -31.56
CA TYR C 206 -3.56 -5.80 -31.11
C TYR C 206 -2.43 -5.88 -32.14
N ARG C 207 -2.72 -5.41 -33.36
CA ARG C 207 -1.75 -5.46 -34.44
C ARG C 207 -2.03 -4.36 -35.47
N MET C 208 -1.07 -4.17 -36.38
CA MET C 208 -1.17 -3.20 -37.46
C MET C 208 -0.92 -3.90 -38.79
N VAL C 209 -1.93 -3.87 -39.68
CA VAL C 209 -1.86 -4.51 -40.98
C VAL C 209 -1.43 -3.48 -42.02
N VAL C 210 -0.28 -3.72 -42.67
CA VAL C 210 0.22 -2.82 -43.70
C VAL C 210 -0.23 -3.34 -45.07
N TYR C 211 -0.62 -2.43 -45.96
CA TYR C 211 -1.10 -2.80 -47.29
C TYR C 211 -0.36 -2.00 -48.35
N ASP C 212 0.35 -2.73 -49.22
CA ASP C 212 1.05 -2.16 -50.35
C ASP C 212 0.12 -2.21 -51.57
N HIS C 213 -0.38 -1.04 -51.98
CA HIS C 213 -1.36 -0.96 -53.04
C HIS C 213 -0.71 -1.32 -54.37
N GLU C 214 0.46 -0.73 -54.63
CA GLU C 214 1.13 -0.84 -55.92
C GLU C 214 1.41 -2.32 -56.22
N ASN C 215 2.09 -2.99 -55.29
CA ASN C 215 2.57 -4.35 -55.51
C ASN C 215 1.50 -5.37 -55.11
N GLN C 216 0.39 -4.90 -54.54
CA GLN C 216 -0.69 -5.78 -54.12
C GLN C 216 -0.16 -6.85 -53.16
N LYS C 217 0.53 -6.40 -52.11
CA LYS C 217 0.99 -7.27 -51.04
C LYS C 217 0.59 -6.65 -49.72
N SER C 218 0.77 -7.40 -48.62
CA SER C 218 0.43 -6.93 -47.29
C SER C 218 1.17 -7.74 -46.23
N TRP C 219 1.39 -7.11 -45.06
CA TRP C 219 2.04 -7.76 -43.94
C TRP C 219 1.50 -7.20 -42.63
N ARG C 220 1.86 -7.84 -41.51
CA ARG C 220 1.33 -7.49 -40.20
C ARG C 220 2.48 -7.10 -39.26
N PHE C 221 2.20 -6.23 -38.29
CA PHE C 221 3.16 -5.89 -37.25
C PHE C 221 2.57 -6.22 -35.88
N LEU C 222 3.39 -6.86 -35.04
CA LEU C 222 3.01 -7.18 -33.67
C LEU C 222 3.99 -6.51 -32.72
N HIS C 223 3.47 -5.76 -31.75
CA HIS C 223 4.31 -5.06 -30.79
C HIS C 223 3.53 -4.93 -29.48
N ASN C 224 4.24 -4.57 -28.40
CA ASN C 224 3.62 -4.41 -27.09
C ASN C 224 2.83 -3.11 -27.03
N TYR C 225 3.29 -2.10 -27.80
CA TYR C 225 2.76 -0.76 -27.72
C TYR C 225 1.36 -0.69 -28.33
N PHE C 226 0.95 -1.76 -29.02
CA PHE C 226 -0.38 -1.85 -29.61
C PHE C 226 -1.40 -2.25 -28.55
N PHE C 227 -0.92 -2.71 -27.39
CA PHE C 227 -1.80 -3.14 -26.31
C PHE C 227 -2.28 -1.91 -25.55
N LEU C 228 -3.30 -2.13 -24.71
CA LEU C 228 -3.85 -1.08 -23.88
C LEU C 228 -2.97 -0.87 -22.66
N ASN C 229 -3.36 0.08 -21.79
CA ASN C 229 -2.74 0.22 -20.49
C ASN C 229 -3.75 -0.20 -19.42
N PRO C 230 -3.50 -1.32 -18.70
CA PRO C 230 -4.50 -1.91 -17.82
C PRO C 230 -5.25 -0.91 -16.95
N LEU C 231 -4.52 0.07 -16.42
CA LEU C 231 -5.11 1.01 -15.48
C LEU C 231 -5.94 2.07 -16.23
N GLU C 232 -5.59 2.36 -17.48
CA GLU C 232 -6.17 3.48 -18.20
C GLU C 232 -7.29 3.00 -19.14
N GLY C 233 -8.08 2.02 -18.69
CA GLY C 233 -9.11 1.42 -19.53
C GLY C 233 -10.52 1.63 -18.97
N ASP C 234 -10.62 2.29 -17.81
CA ASP C 234 -11.90 2.50 -17.15
C ASP C 234 -12.44 3.88 -17.55
N PHE C 235 -13.74 3.92 -17.90
CA PHE C 235 -14.37 5.15 -18.32
C PHE C 235 -15.67 5.37 -17.56
N ASN C 236 -16.12 6.62 -17.52
CA ASN C 236 -17.44 6.93 -17.03
C ASN C 236 -17.99 8.11 -17.83
N ILE C 237 -18.85 7.79 -18.79
CA ILE C 237 -19.44 8.80 -19.66
C ILE C 237 -20.93 8.89 -19.36
N GLN C 238 -21.40 10.11 -19.09
CA GLN C 238 -22.82 10.35 -18.86
C GLN C 238 -23.24 9.54 -17.63
N GLY C 239 -22.30 9.36 -16.69
CA GLY C 239 -22.56 8.64 -15.46
C GLY C 239 -22.62 7.12 -15.68
N ILE C 240 -22.18 6.67 -16.87
CA ILE C 240 -22.24 5.25 -17.21
C ILE C 240 -20.83 4.67 -17.07
N PRO C 241 -20.57 3.77 -16.10
CA PRO C 241 -19.26 3.14 -15.95
C PRO C 241 -19.08 1.94 -16.86
N PHE C 242 -17.89 1.83 -17.47
CA PHE C 242 -17.56 0.71 -18.32
C PHE C 242 -16.04 0.66 -18.53
N ALA C 243 -15.56 -0.53 -18.94
CA ALA C 243 -14.15 -0.75 -19.21
C ALA C 243 -13.97 -1.45 -20.55
N TRP C 244 -13.01 -0.95 -21.35
CA TRP C 244 -12.71 -1.51 -22.65
C TRP C 244 -11.26 -1.98 -22.73
N ASP C 245 -11.05 -3.09 -23.45
CA ASP C 245 -9.74 -3.70 -23.57
C ASP C 245 -9.19 -3.47 -24.97
N ASP C 246 -9.58 -2.36 -25.60
CA ASP C 246 -9.26 -2.10 -26.99
C ASP C 246 -7.86 -1.53 -27.09
N GLY C 247 -7.11 -1.98 -28.10
CA GLY C 247 -5.72 -1.60 -28.27
C GLY C 247 -5.55 -0.51 -29.33
N ILE C 248 -4.48 -0.61 -30.13
CA ILE C 248 -4.18 0.36 -31.16
C ILE C 248 -5.47 0.61 -31.94
N PHE C 249 -5.85 1.89 -32.05
CA PHE C 249 -7.15 2.26 -32.59
C PHE C 249 -6.98 3.26 -33.74
N SER C 250 -6.02 4.19 -33.60
CA SER C 250 -5.86 5.24 -34.59
C SER C 250 -4.39 5.45 -34.91
N ILE C 251 -4.11 5.92 -36.16
CA ILE C 251 -2.77 6.25 -36.62
C ILE C 251 -2.84 7.56 -37.42
N ALA C 252 -1.90 8.46 -37.15
CA ALA C 252 -1.84 9.74 -37.86
C ALA C 252 -0.45 9.93 -38.44
N LEU C 253 -0.39 10.35 -39.71
CA LEU C 253 0.88 10.48 -40.43
C LEU C 253 1.24 11.95 -40.61
N SER C 254 2.49 12.29 -40.26
CA SER C 254 3.03 13.61 -40.49
C SER C 254 3.42 13.78 -41.96
N ASN C 255 3.81 15.00 -42.32
CA ASN C 255 4.28 15.30 -43.65
C ASN C 255 5.63 14.61 -43.87
N PRO C 256 5.96 14.21 -45.11
CA PRO C 256 7.26 13.61 -45.38
C PRO C 256 8.42 14.49 -44.89
N ASP C 257 9.42 13.85 -44.26
CA ASP C 257 10.63 14.54 -43.84
C ASP C 257 11.32 15.08 -45.09
N PRO C 258 11.73 16.37 -45.12
CA PRO C 258 12.30 16.98 -46.33
C PRO C 258 13.55 16.23 -46.80
N MET C 259 14.22 15.54 -45.87
CA MET C 259 15.51 14.87 -46.22
C MET C 259 15.27 13.42 -46.64
N THR C 260 14.63 12.62 -45.77
CA THR C 260 14.49 11.20 -46.08
C THR C 260 13.17 10.88 -46.77
N LYS C 261 12.23 11.85 -46.77
CA LYS C 261 10.92 11.70 -47.37
C LYS C 261 10.10 10.64 -46.63
N PHE C 262 10.46 10.35 -45.38
CA PHE C 262 9.71 9.40 -44.56
C PHE C 262 8.90 10.16 -43.53
N ARG C 263 7.86 9.50 -43.02
CA ARG C 263 6.82 10.15 -42.23
C ARG C 263 6.76 9.50 -40.85
N THR C 264 6.33 10.29 -39.86
CA THR C 264 6.20 9.82 -38.48
C THR C 264 4.76 9.37 -38.26
N ALA C 265 4.60 8.10 -37.89
CA ALA C 265 3.27 7.55 -37.62
C ALA C 265 2.95 7.68 -36.13
N TYR C 266 2.08 8.62 -35.80
CA TYR C 266 1.59 8.80 -34.44
C TYR C 266 0.41 7.85 -34.21
N PHE C 267 0.54 6.94 -33.23
CA PHE C 267 -0.49 5.96 -32.96
C PHE C 267 -0.68 5.85 -31.45
N HIS C 268 -1.88 5.43 -31.05
CA HIS C 268 -2.21 5.21 -29.66
C HIS C 268 -3.32 4.17 -29.56
N ALA C 269 -3.38 3.49 -28.42
CA ALA C 269 -4.46 2.58 -28.13
C ALA C 269 -5.66 3.37 -27.63
N LEU C 270 -6.86 2.79 -27.75
CA LEU C 270 -8.04 3.43 -27.23
C LEU C 270 -7.87 3.61 -25.73
N SER C 271 -7.67 2.47 -25.01
CA SER C 271 -7.47 2.49 -23.57
C SER C 271 -5.99 2.78 -23.27
N SER C 272 -5.61 4.05 -23.41
CA SER C 272 -4.27 4.53 -23.07
C SER C 272 -4.26 6.05 -23.06
N ASN C 273 -3.38 6.64 -22.23
CA ASN C 273 -3.16 8.08 -22.20
C ASN C 273 -1.83 8.41 -22.85
N SER C 274 -1.18 7.39 -23.44
CA SER C 274 0.15 7.55 -24.01
C SER C 274 0.08 7.52 -25.53
N GLU C 275 0.93 8.33 -26.17
CA GLU C 275 1.04 8.37 -27.62
C GLU C 275 2.39 7.79 -28.04
N PHE C 276 2.40 7.07 -29.16
CA PHE C 276 3.59 6.40 -29.65
C PHE C 276 3.88 6.87 -31.08
N THR C 277 5.14 6.70 -31.51
CA THR C 277 5.58 7.11 -32.84
C THR C 277 6.42 6.00 -33.46
N VAL C 278 6.39 5.93 -34.80
CA VAL C 278 7.23 5.00 -35.56
C VAL C 278 7.36 5.52 -36.99
N SER C 279 8.58 5.44 -37.54
CA SER C 279 8.85 5.88 -38.89
C SER C 279 8.15 4.94 -39.88
N THR C 280 7.59 5.53 -40.93
CA THR C 280 6.89 4.78 -41.95
C THR C 280 7.89 3.89 -42.71
N ALA C 281 9.18 4.25 -42.60
CA ALA C 281 10.26 3.47 -43.20
C ALA C 281 10.25 2.05 -42.63
N VAL C 282 9.78 1.91 -41.38
CA VAL C 282 9.73 0.63 -40.69
C VAL C 282 8.44 -0.10 -41.04
N LEU C 283 7.33 0.64 -41.14
CA LEU C 283 6.02 0.06 -41.41
C LEU C 283 5.96 -0.43 -42.85
N ARG C 284 6.72 0.23 -43.74
CA ARG C 284 6.73 -0.10 -45.16
C ARG C 284 7.72 -1.24 -45.44
N ASN C 285 8.38 -1.72 -44.38
CA ASN C 285 9.46 -2.68 -44.51
C ASN C 285 8.94 -4.07 -44.17
N GLU C 286 8.68 -4.86 -45.21
CA GLU C 286 8.03 -6.16 -45.05
C GLU C 286 8.93 -7.10 -44.24
N THR C 287 10.24 -7.04 -44.48
CA THR C 287 11.18 -7.94 -43.83
C THR C 287 11.27 -7.60 -42.34
N ALA C 288 11.02 -6.32 -42.01
CA ALA C 288 10.98 -5.87 -40.62
C ALA C 288 9.68 -6.34 -39.96
N SER C 289 8.70 -6.71 -40.79
CA SER C 289 7.43 -7.21 -40.32
C SER C 289 7.58 -8.60 -39.70
N LYS C 290 8.54 -9.38 -40.21
CA LYS C 290 8.68 -10.76 -39.84
C LYS C 290 9.56 -10.92 -38.60
N ARG C 291 10.02 -9.81 -38.02
CA ARG C 291 10.88 -9.86 -36.85
C ARG C 291 10.06 -10.17 -35.60
N GLY C 292 10.67 -10.89 -34.67
CA GLY C 292 10.05 -11.17 -33.37
C GLY C 292 10.34 -10.06 -32.37
N TYR C 293 11.39 -9.27 -32.66
CA TYR C 293 11.78 -8.14 -31.85
C TYR C 293 12.10 -6.97 -32.78
N HIS C 294 11.43 -5.82 -32.54
CA HIS C 294 11.60 -4.63 -33.36
C HIS C 294 12.59 -3.67 -32.69
N GLY C 295 12.96 -3.97 -31.44
CA GLY C 295 14.02 -3.24 -30.76
C GLY C 295 13.60 -1.82 -30.40
N ASP C 296 14.36 -0.85 -30.91
CA ASP C 296 14.24 0.54 -30.48
C ASP C 296 13.46 1.32 -31.54
N ASP C 297 12.77 0.60 -32.44
CA ASP C 297 12.19 1.21 -33.64
C ASP C 297 10.91 1.97 -33.29
N PHE C 298 10.08 1.37 -32.43
CA PHE C 298 8.89 2.03 -31.92
C PHE C 298 9.25 2.86 -30.70
N LYS C 299 8.70 4.07 -30.63
CA LYS C 299 9.07 5.03 -29.59
C LYS C 299 7.85 5.44 -28.79
N LEU C 300 8.06 5.76 -27.51
CA LEU C 300 7.02 6.37 -26.69
C LEU C 300 7.14 7.89 -26.83
N LEU C 301 6.05 8.54 -27.27
CA LEU C 301 6.07 9.99 -27.49
C LEU C 301 5.97 10.73 -26.16
N GLY C 302 4.98 10.32 -25.34
CA GLY C 302 4.79 10.91 -24.02
C GLY C 302 3.36 10.71 -23.51
N TYR C 303 3.05 11.39 -22.39
CA TYR C 303 1.76 11.30 -21.73
C TYR C 303 0.87 12.44 -22.22
N ARG C 304 -0.34 12.08 -22.67
CA ARG C 304 -1.26 13.02 -23.28
C ARG C 304 -2.02 13.78 -22.18
N GLY C 305 -2.15 13.17 -21.00
CA GLY C 305 -2.82 13.81 -19.88
C GLY C 305 -3.75 12.84 -19.15
N ALA C 306 -4.22 13.25 -17.98
CA ALA C 306 -5.17 12.49 -17.19
C ALA C 306 -6.53 12.48 -17.88
N GLN C 307 -7.10 11.28 -18.01
CA GLN C 307 -8.40 11.09 -18.62
C GLN C 307 -8.36 11.59 -20.06
N SER C 308 -7.18 11.52 -20.68
CA SER C 308 -7.01 11.99 -22.04
C SER C 308 -6.90 10.80 -22.99
N GLN C 309 -7.73 9.78 -22.78
CA GLN C 309 -7.79 8.66 -23.70
C GLN C 309 -8.44 9.14 -25.00
N SER C 310 -7.81 8.83 -26.12
CA SER C 310 -8.30 9.26 -27.42
C SER C 310 -8.83 8.05 -28.19
N SER C 311 -9.83 8.32 -29.05
CA SER C 311 -10.34 7.32 -29.98
C SER C 311 -9.63 7.48 -31.32
N ILE C 312 -10.07 8.47 -32.11
CA ILE C 312 -9.48 8.73 -33.42
C ILE C 312 -8.79 10.09 -33.37
N HIS C 313 -7.69 10.22 -34.12
CA HIS C 313 -6.98 11.49 -34.27
C HIS C 313 -6.50 11.62 -35.71
N GLY C 314 -6.42 12.87 -36.18
CA GLY C 314 -5.91 13.18 -37.50
C GLY C 314 -4.77 14.19 -37.44
N PHE C 315 -3.93 14.20 -38.48
CA PHE C 315 -2.88 15.19 -38.63
C PHE C 315 -3.19 16.08 -39.84
N HIS C 316 -3.18 17.40 -39.62
CA HIS C 316 -3.44 18.36 -40.68
C HIS C 316 -2.14 18.75 -41.37
N PRO C 317 -1.97 18.39 -42.67
CA PRO C 317 -0.71 18.62 -43.37
C PRO C 317 -0.27 20.10 -43.36
N GLU C 318 -1.22 21.02 -43.56
CA GLU C 318 -0.91 22.43 -43.76
C GLU C 318 -0.36 23.05 -42.48
N THR C 319 -1.05 22.81 -41.36
CA THR C 319 -0.70 23.43 -40.09
C THR C 319 0.23 22.53 -39.28
N GLY C 320 0.22 21.22 -39.58
CA GLY C 320 1.02 20.24 -38.87
C GLY C 320 0.50 20.02 -37.44
N VAL C 321 -0.83 20.09 -37.29
CA VAL C 321 -1.49 20.01 -35.99
C VAL C 321 -2.28 18.72 -35.95
N ILE C 322 -2.21 18.01 -34.82
CA ILE C 322 -2.95 16.78 -34.61
C ILE C 322 -4.17 17.06 -33.74
N PHE C 323 -5.34 16.60 -34.20
CA PHE C 323 -6.59 16.78 -33.48
C PHE C 323 -7.01 15.44 -32.88
N PHE C 324 -7.08 15.40 -31.54
CA PHE C 324 -7.45 14.19 -30.82
C PHE C 324 -8.92 14.23 -30.44
N ALA C 325 -9.59 13.08 -30.55
CA ALA C 325 -10.95 12.92 -30.06
C ALA C 325 -10.91 12.32 -28.66
N LEU C 326 -11.08 13.17 -27.64
CA LEU C 326 -11.01 12.74 -26.25
C LEU C 326 -12.32 12.08 -25.86
N ILE C 327 -12.22 10.87 -25.31
CA ILE C 327 -13.38 10.03 -25.02
C ILE C 327 -13.98 10.45 -23.69
N GLN C 328 -13.12 10.56 -22.66
CA GLN C 328 -13.57 10.73 -21.29
C GLN C 328 -13.92 12.20 -21.04
N LEU C 329 -13.18 13.11 -21.71
CA LEU C 329 -13.37 14.54 -21.50
C LEU C 329 -14.50 15.07 -22.38
N ASN C 330 -15.00 14.22 -23.28
CA ASN C 330 -16.12 14.59 -24.14
C ASN C 330 -15.75 15.84 -24.94
N ALA C 331 -14.53 15.85 -25.48
CA ALA C 331 -14.00 17.04 -26.12
C ALA C 331 -13.06 16.68 -27.27
N VAL C 332 -12.61 17.71 -27.99
CA VAL C 332 -11.65 17.55 -29.08
C VAL C 332 -10.49 18.49 -28.79
N SER C 333 -9.28 17.94 -28.74
CA SER C 333 -8.10 18.74 -28.47
C SER C 333 -7.22 18.82 -29.71
N CYS C 334 -6.18 19.64 -29.64
CA CYS C 334 -5.22 19.79 -30.72
C CYS C 334 -3.82 19.81 -30.15
N TRP C 335 -2.83 19.61 -31.03
CA TRP C 335 -1.42 19.66 -30.65
C TRP C 335 -0.61 20.06 -31.86
N ASP C 336 0.37 20.95 -31.63
CA ASP C 336 1.32 21.34 -32.65
C ASP C 336 2.54 20.41 -32.56
N THR C 337 2.76 19.63 -33.62
CA THR C 337 3.74 18.56 -33.59
C THR C 337 5.14 19.13 -33.36
N ARG C 338 5.34 20.41 -33.70
CA ARG C 338 6.63 21.06 -33.58
C ARG C 338 6.97 21.29 -32.11
N LYS C 339 5.93 21.46 -31.28
CA LYS C 339 6.09 21.66 -29.85
C LYS C 339 6.25 20.31 -29.16
N PRO C 340 6.96 20.24 -28.01
CA PRO C 340 7.09 18.99 -27.26
C PRO C 340 5.75 18.45 -26.77
N PHE C 341 5.58 17.13 -26.88
CA PHE C 341 4.31 16.48 -26.58
C PHE C 341 4.10 16.46 -25.07
N ALA C 342 3.26 17.40 -24.60
CA ALA C 342 2.92 17.52 -23.20
C ALA C 342 1.52 18.11 -23.07
N PRO C 343 0.79 17.81 -21.96
CA PRO C 343 -0.55 18.37 -21.74
C PRO C 343 -0.61 19.89 -21.83
N GLN C 344 0.44 20.57 -21.33
CA GLN C 344 0.47 22.02 -21.29
C GLN C 344 0.61 22.59 -22.71
N ASN C 345 1.07 21.75 -23.64
CA ASN C 345 1.27 22.19 -25.02
C ASN C 345 0.11 21.73 -25.88
N MET C 346 -1.01 21.39 -25.24
CA MET C 346 -2.21 20.99 -25.94
C MET C 346 -3.37 21.86 -25.50
N ALA C 347 -4.37 22.00 -26.38
CA ALA C 347 -5.51 22.85 -26.12
C ALA C 347 -6.79 22.14 -26.54
N ILE C 348 -7.85 22.36 -25.76
CA ILE C 348 -9.17 21.84 -26.06
C ILE C 348 -9.91 22.85 -26.93
N VAL C 349 -10.27 22.42 -28.16
CA VAL C 349 -10.84 23.32 -29.14
C VAL C 349 -12.36 23.24 -29.09
N TYR C 350 -12.90 22.09 -28.64
CA TYR C 350 -14.34 21.93 -28.51
C TYR C 350 -14.64 20.89 -27.43
N LYS C 351 -15.63 21.22 -26.58
CA LYS C 351 -16.06 20.37 -25.47
C LYS C 351 -17.57 20.47 -25.36
N ASN C 352 -18.24 19.31 -25.31
CA ASN C 352 -19.70 19.28 -25.28
C ASN C 352 -20.15 18.02 -24.54
N ASP C 353 -20.34 18.16 -23.21
CA ASP C 353 -20.67 17.03 -22.36
C ASP C 353 -22.09 16.54 -22.64
N ARG C 354 -22.93 17.43 -23.19
CA ARG C 354 -24.33 17.10 -23.43
C ARG C 354 -24.45 16.23 -24.68
N ASP C 355 -23.82 16.66 -25.78
CA ASP C 355 -23.99 16.01 -27.07
C ASP C 355 -22.93 14.93 -27.27
N ILE C 356 -21.65 15.30 -27.08
CA ILE C 356 -20.56 14.37 -27.28
C ILE C 356 -20.51 13.42 -26.10
N ILE C 357 -21.03 12.21 -26.30
CA ILE C 357 -20.87 11.17 -25.31
C ILE C 357 -19.62 10.37 -25.68
N TYR C 358 -19.58 9.87 -26.92
CA TYR C 358 -18.45 9.08 -27.40
C TYR C 358 -18.09 9.56 -28.81
N PRO C 359 -16.92 10.21 -28.99
CA PRO C 359 -16.43 10.57 -30.31
C PRO C 359 -15.96 9.34 -31.10
N ASN C 360 -16.84 8.85 -31.99
CA ASN C 360 -16.63 7.59 -32.67
C ASN C 360 -15.69 7.78 -33.85
N ASP C 361 -15.65 8.99 -34.44
CA ASP C 361 -14.76 9.23 -35.56
C ASP C 361 -14.32 10.70 -35.62
N LEU C 362 -13.12 10.91 -36.15
CA LEU C 362 -12.58 12.24 -36.42
C LEU C 362 -11.70 12.17 -37.67
N SER C 363 -11.95 13.07 -38.63
CA SER C 363 -11.27 13.04 -39.92
C SER C 363 -10.98 14.46 -40.39
N ILE C 364 -9.95 14.61 -41.23
CA ILE C 364 -9.57 15.90 -41.78
C ILE C 364 -9.75 15.88 -43.29
N ASP C 365 -10.72 16.67 -43.78
CA ASP C 365 -11.08 16.67 -45.19
C ASP C 365 -10.00 17.40 -45.98
N GLN C 366 -10.25 17.55 -47.30
CA GLN C 366 -9.30 18.17 -48.21
C GLN C 366 -9.49 19.69 -48.22
N GLU C 367 -10.47 20.19 -47.45
CA GLU C 367 -10.86 21.59 -47.51
C GLU C 367 -10.32 22.36 -46.31
N GLY C 368 -9.52 21.68 -45.46
CA GLY C 368 -8.94 22.32 -44.28
C GLY C 368 -9.96 22.44 -43.15
N ASN C 369 -10.75 21.38 -42.95
CA ASN C 369 -11.70 21.31 -41.86
C ASN C 369 -11.46 20.03 -41.06
N VAL C 370 -11.79 20.10 -39.76
CA VAL C 370 -11.72 18.92 -38.90
C VAL C 370 -13.14 18.48 -38.62
N TRP C 371 -13.41 17.20 -38.90
CA TRP C 371 -14.73 16.62 -38.72
C TRP C 371 -14.69 15.61 -37.58
N PHE C 372 -15.71 15.63 -36.71
CA PHE C 372 -15.81 14.68 -35.61
C PHE C 372 -17.27 14.36 -35.36
N MET C 373 -17.52 13.18 -34.79
CA MET C 373 -18.85 12.62 -34.72
C MET C 373 -19.06 11.89 -33.39
N SER C 374 -20.31 11.91 -32.89
CA SER C 374 -20.70 11.16 -31.71
C SER C 374 -21.97 10.37 -32.00
N ASN C 375 -22.02 9.12 -31.54
CA ASN C 375 -23.08 8.22 -31.96
C ASN C 375 -23.84 7.64 -30.76
N SER C 376 -23.43 7.99 -29.54
CA SER C 376 -24.11 7.54 -28.32
C SER C 376 -24.10 6.02 -28.21
N ILE C 377 -22.94 5.41 -28.53
CA ILE C 377 -22.82 3.96 -28.60
C ILE C 377 -23.01 3.37 -27.20
N ILE C 378 -22.49 4.04 -26.17
CA ILE C 378 -22.42 3.50 -24.81
C ILE C 378 -23.84 3.35 -24.24
N LYS C 379 -24.74 4.26 -24.64
CA LYS C 379 -26.11 4.25 -24.16
C LYS C 379 -26.83 3.00 -24.68
N LEU C 380 -26.43 2.53 -25.86
CA LEU C 380 -27.03 1.34 -26.45
C LEU C 380 -26.58 0.12 -25.66
N LEU C 381 -25.28 0.07 -25.35
CA LEU C 381 -24.64 -1.13 -24.82
C LEU C 381 -25.01 -1.32 -23.35
N TYR C 382 -25.01 -0.22 -22.59
CA TYR C 382 -25.05 -0.30 -21.13
C TYR C 382 -26.44 0.11 -20.60
N THR C 383 -27.09 1.07 -21.26
CA THR C 383 -28.42 1.52 -20.85
C THR C 383 -29.40 1.27 -22.00
N GLN C 384 -30.32 2.22 -22.21
CA GLN C 384 -31.25 2.17 -23.33
C GLN C 384 -31.15 3.48 -24.11
N LEU C 385 -31.25 3.38 -25.43
CA LEU C 385 -31.14 4.53 -26.32
C LEU C 385 -32.54 5.00 -26.66
N SER C 386 -32.78 6.32 -26.53
CA SER C 386 -34.08 6.90 -26.81
C SER C 386 -34.08 7.47 -28.23
N LEU C 387 -35.07 7.05 -29.03
CA LEU C 387 -35.17 7.47 -30.42
C LEU C 387 -35.90 8.80 -30.50
N GLU C 388 -36.31 9.32 -29.35
CA GLU C 388 -37.00 10.60 -29.28
C GLU C 388 -36.00 11.73 -29.09
N GLU C 389 -34.74 11.38 -28.82
CA GLU C 389 -33.66 12.34 -28.65
C GLU C 389 -32.70 12.24 -29.82
N PHE C 390 -31.90 13.29 -30.03
CA PHE C 390 -30.87 13.28 -31.05
C PHE C 390 -29.64 12.57 -30.48
N ASN C 391 -29.28 11.43 -31.09
CA ASN C 391 -28.24 10.56 -30.55
C ASN C 391 -26.98 10.64 -31.40
N PHE C 392 -27.14 11.03 -32.67
CA PHE C 392 -26.03 11.00 -33.60
C PHE C 392 -25.74 12.42 -34.10
N HIS C 393 -24.49 12.86 -33.93
CA HIS C 393 -24.09 14.23 -34.25
C HIS C 393 -22.81 14.22 -35.07
N ILE C 394 -22.74 15.16 -36.03
CA ILE C 394 -21.52 15.36 -36.82
C ILE C 394 -21.24 16.87 -36.88
N TRP C 395 -19.99 17.23 -36.58
CA TRP C 395 -19.57 18.62 -36.53
C TRP C 395 -18.48 18.87 -37.57
N ARG C 396 -18.28 20.15 -37.94
CA ARG C 396 -17.12 20.56 -38.72
C ARG C 396 -16.58 21.87 -38.16
N ALA C 397 -15.27 22.07 -38.34
CA ALA C 397 -14.57 23.23 -37.79
C ALA C 397 -13.39 23.58 -38.68
N ASN C 398 -13.25 24.88 -38.98
CA ASN C 398 -12.13 25.39 -39.73
C ASN C 398 -10.88 25.26 -38.85
N ILE C 399 -9.83 24.63 -39.39
CA ILE C 399 -8.65 24.29 -38.61
C ILE C 399 -7.83 25.55 -38.32
N LYS C 400 -7.63 26.38 -39.34
CA LYS C 400 -6.77 27.56 -39.24
C LYS C 400 -7.38 28.59 -38.29
N GLU C 401 -8.72 28.60 -38.20
CA GLU C 401 -9.44 29.57 -37.40
C GLU C 401 -9.60 29.11 -35.95
N ILE C 402 -9.62 27.78 -35.75
CA ILE C 402 -9.91 27.20 -34.44
C ILE C 402 -8.63 27.22 -33.59
N ILE C 403 -7.47 27.18 -34.25
CA ILE C 403 -6.20 27.12 -33.55
C ILE C 403 -5.57 28.51 -33.46
N LYS C 404 -6.23 29.51 -34.06
CA LYS C 404 -5.63 30.82 -34.24
C LYS C 404 -5.03 31.32 -32.93
N GLY C 405 -5.85 31.42 -31.87
CA GLY C 405 -5.43 32.07 -30.64
C GLY C 405 -5.11 31.06 -29.53
N THR C 406 -4.61 29.87 -29.91
CA THR C 406 -4.36 28.78 -28.98
C THR C 406 -2.86 28.47 -28.96
N VAL C 407 -2.50 27.38 -28.27
CA VAL C 407 -1.12 26.92 -28.22
C VAL C 407 -0.82 26.05 -29.44
N CYS C 408 -1.89 25.64 -30.13
CA CYS C 408 -1.77 24.78 -31.30
C CYS C 408 -1.34 25.61 -32.52
N ASP C 409 -1.32 26.93 -32.35
CA ASP C 409 -0.87 27.84 -33.40
C ASP C 409 0.64 27.76 -33.53
N PRO C 410 1.18 27.35 -34.71
CA PRO C 410 2.63 27.21 -34.89
C PRO C 410 3.43 28.47 -34.59
N THR C 411 2.81 29.66 -34.74
CA THR C 411 3.48 30.93 -34.51
C THR C 411 3.59 31.18 -33.01
N VAL C 412 2.60 30.71 -32.24
CA VAL C 412 2.58 30.88 -30.81
C VAL C 412 3.65 29.97 -30.20
N PRO C 413 4.44 30.46 -29.22
CA PRO C 413 5.46 29.63 -28.57
C PRO C 413 4.90 28.65 -27.55
N PRO C 414 5.63 27.55 -27.25
CA PRO C 414 5.15 26.53 -26.32
C PRO C 414 5.14 26.99 -24.86
N ASN C 415 4.19 26.42 -24.09
CA ASN C 415 4.04 26.71 -22.67
C ASN C 415 5.13 26.00 -21.88
N VAL C 416 5.65 24.91 -22.44
CA VAL C 416 6.70 24.12 -21.80
C VAL C 416 7.75 23.76 -22.85
N ASP C 417 9.01 24.16 -22.58
CA ASP C 417 10.13 23.83 -23.45
C ASP C 417 10.53 22.36 -23.21
N GLN D 23 35.04 -17.37 26.71
CA GLN D 23 35.74 -16.35 27.54
C GLN D 23 34.73 -15.58 28.40
N VAL D 24 33.43 -15.69 28.08
CA VAL D 24 32.38 -15.16 28.93
C VAL D 24 31.98 -16.22 29.95
N GLU D 25 32.07 -15.89 31.23
CA GLU D 25 31.80 -16.89 32.27
C GLU D 25 30.59 -16.46 33.10
N GLU D 26 29.75 -17.46 33.45
CA GLU D 26 28.59 -17.26 34.31
C GLU D 26 29.07 -17.24 35.75
N VAL D 27 28.73 -16.18 36.48
CA VAL D 27 29.21 -15.99 37.83
C VAL D 27 28.15 -16.49 38.82
N LEU D 28 26.91 -15.99 38.68
CA LEU D 28 25.82 -16.32 39.61
C LEU D 28 24.61 -16.85 38.84
N LYS D 29 23.91 -17.83 39.42
CA LYS D 29 22.69 -18.36 38.82
C LYS D 29 21.78 -18.94 39.90
N TRP D 30 20.49 -18.60 39.81
CA TRP D 30 19.51 -18.97 40.82
C TRP D 30 18.39 -19.77 40.17
N GLN D 31 17.79 -20.66 40.96
CA GLN D 31 16.52 -21.26 40.61
C GLN D 31 15.43 -20.38 41.20
N GLN D 32 15.64 -19.98 42.47
CA GLN D 32 14.80 -19.02 43.15
C GLN D 32 15.65 -18.23 44.14
N VAL D 33 15.16 -17.08 44.57
CA VAL D 33 15.91 -16.20 45.44
C VAL D 33 15.52 -16.48 46.89
N GLU D 34 16.53 -16.66 47.74
CA GLU D 34 16.36 -16.82 49.18
C GLU D 34 17.14 -15.73 49.91
N PHE D 35 16.68 -15.36 51.11
CA PHE D 35 17.27 -14.24 51.84
C PHE D 35 17.88 -14.71 53.15
N ASP D 36 18.89 -13.98 53.63
CA ASP D 36 19.47 -14.19 54.95
C ASP D 36 18.79 -13.22 55.94
N VAL D 37 17.61 -13.63 56.42
CA VAL D 37 16.83 -12.81 57.31
C VAL D 37 16.23 -13.69 58.41
N PRO D 38 15.89 -13.14 59.60
CA PRO D 38 15.22 -13.90 60.64
C PRO D 38 13.97 -14.62 60.13
N ALA D 39 13.75 -15.84 60.64
CA ALA D 39 12.66 -16.67 60.17
C ALA D 39 11.32 -15.98 60.43
N SER D 40 11.29 -15.06 61.40
CA SER D 40 10.09 -14.34 61.74
C SER D 40 9.56 -13.54 60.54
N VAL D 41 10.47 -13.13 59.64
CA VAL D 41 10.11 -12.32 58.49
C VAL D 41 9.61 -13.24 57.38
N LEU D 42 10.25 -14.41 57.24
CA LEU D 42 9.91 -15.36 56.19
C LEU D 42 8.62 -16.09 56.54
N SER D 43 8.27 -16.10 57.83
CA SER D 43 7.08 -16.75 58.31
C SER D 43 5.91 -15.78 58.33
N ALA D 44 6.22 -14.48 58.38
CA ALA D 44 5.19 -13.46 58.39
C ALA D 44 4.19 -13.71 57.26
N PRO D 45 2.90 -13.30 57.41
CA PRO D 45 1.91 -13.47 56.35
C PRO D 45 2.24 -12.71 55.07
N ASP D 46 2.36 -13.45 53.95
CA ASP D 46 2.79 -12.88 52.68
C ASP D 46 4.15 -12.19 52.84
N GLY D 47 5.03 -12.79 53.63
CA GLY D 47 6.34 -12.19 53.87
C GLY D 47 7.31 -12.54 52.75
N TYR D 48 7.23 -13.79 52.27
CA TYR D 48 8.20 -14.32 51.33
C TYR D 48 7.51 -15.29 50.37
N ILE D 49 7.20 -14.78 49.17
CA ILE D 49 6.64 -15.59 48.11
C ILE D 49 7.72 -15.80 47.06
N PRO D 50 8.28 -17.03 46.94
CA PRO D 50 9.45 -17.27 46.11
C PRO D 50 9.32 -16.77 44.66
N ILE D 51 8.19 -17.07 44.01
CA ILE D 51 8.04 -16.79 42.59
C ILE D 51 7.87 -15.29 42.36
N ASN D 52 7.55 -14.55 43.42
CA ASN D 52 7.36 -13.10 43.30
C ASN D 52 8.70 -12.38 43.44
N ASN D 53 9.73 -13.10 43.92
CA ASN D 53 11.05 -12.50 44.09
C ASN D 53 11.87 -12.68 42.81
N ILE D 54 11.94 -11.59 42.02
CA ILE D 54 12.66 -11.57 40.76
C ILE D 54 13.77 -10.53 40.85
N PRO D 55 15.05 -10.95 40.75
CA PRO D 55 16.17 -10.01 40.78
C PRO D 55 16.26 -9.19 39.51
N MET D 56 16.54 -7.89 39.66
CA MET D 56 16.47 -6.94 38.56
C MET D 56 17.83 -6.34 38.24
N SER D 57 18.83 -6.58 39.10
CA SER D 57 20.17 -6.03 38.87
C SER D 57 21.22 -6.87 39.56
N GLY D 58 22.39 -7.00 38.88
CA GLY D 58 23.59 -7.55 39.47
C GLY D 58 24.82 -6.70 39.13
N VAL D 59 25.34 -6.00 40.14
CA VAL D 59 26.45 -5.06 39.97
C VAL D 59 27.64 -5.54 40.80
N HIS D 60 28.85 -5.27 40.32
CA HIS D 60 30.08 -5.80 40.90
C HIS D 60 30.86 -4.69 41.60
N TYR D 61 31.54 -5.06 42.69
CA TYR D 61 32.49 -4.20 43.39
C TYR D 61 33.37 -5.07 44.30
N LYS D 62 34.65 -5.20 43.94
CA LYS D 62 35.63 -5.85 44.79
C LYS D 62 35.08 -7.14 45.38
N ASN D 63 34.78 -8.11 44.50
CA ASN D 63 34.37 -9.45 44.91
C ASN D 63 33.06 -9.41 45.70
N ARG D 64 32.17 -8.50 45.31
CA ARG D 64 30.84 -8.40 45.86
C ARG D 64 29.88 -8.10 44.71
N VAL D 65 28.71 -8.77 44.69
CA VAL D 65 27.71 -8.49 43.69
C VAL D 65 26.42 -8.05 44.38
N PHE D 66 25.98 -6.82 44.07
CA PHE D 66 24.77 -6.29 44.66
C PHE D 66 23.57 -6.68 43.79
N VAL D 67 22.68 -7.50 44.38
CA VAL D 67 21.49 -7.98 43.69
C VAL D 67 20.27 -7.27 44.29
N THR D 68 19.42 -6.73 43.41
CA THR D 68 18.23 -6.02 43.84
C THR D 68 17.00 -6.86 43.50
N VAL D 69 15.95 -6.69 44.31
CA VAL D 69 14.68 -7.35 44.08
C VAL D 69 13.59 -6.30 44.27
N PRO D 70 13.19 -5.59 43.19
CA PRO D 70 12.17 -4.58 43.31
C PRO D 70 10.87 -5.16 43.81
N ARG D 71 10.16 -4.38 44.64
CA ARG D 71 8.88 -4.79 45.16
C ARG D 71 7.80 -4.45 44.14
N ARG D 72 7.63 -5.37 43.19
CA ARG D 72 6.61 -5.27 42.16
C ARG D 72 5.44 -6.17 42.55
N ARG D 73 5.64 -6.96 43.63
CA ARG D 73 4.61 -7.83 44.16
C ARG D 73 4.80 -7.95 45.67
N TRP D 74 3.87 -8.67 46.32
CA TRP D 74 3.97 -8.94 47.76
C TRP D 74 4.89 -10.13 48.00
N GLY D 75 5.55 -10.12 49.16
CA GLY D 75 6.37 -11.25 49.60
C GLY D 75 7.84 -11.08 49.21
N ILE D 76 8.36 -9.86 49.37
CA ILE D 76 9.74 -9.57 49.06
C ILE D 76 10.40 -9.00 50.30
N PRO D 77 11.15 -9.84 51.06
CA PRO D 77 11.78 -9.41 52.30
C PRO D 77 12.69 -8.19 52.18
N SER D 78 13.59 -8.20 51.20
CA SER D 78 14.56 -7.14 51.03
C SER D 78 14.69 -6.75 49.56
N THR D 79 14.86 -5.44 49.30
CA THR D 79 14.94 -4.91 47.94
C THR D 79 16.40 -4.80 47.50
N LEU D 80 17.28 -4.39 48.42
CA LEU D 80 18.70 -4.25 48.12
C LEU D 80 19.46 -5.33 48.87
N ASN D 81 20.25 -6.11 48.14
CA ASN D 81 20.97 -7.24 48.72
C ASN D 81 22.40 -7.26 48.19
N VAL D 82 23.23 -8.13 48.80
CA VAL D 82 24.62 -8.29 48.38
C VAL D 82 24.99 -9.77 48.45
N VAL D 83 25.93 -10.17 47.59
CA VAL D 83 26.41 -11.54 47.55
C VAL D 83 27.94 -11.51 47.47
N GLU D 84 28.59 -12.27 48.36
CA GLU D 84 30.03 -12.36 48.40
C GLU D 84 30.51 -13.40 47.40
N LEU D 85 31.41 -12.97 46.50
CA LEU D 85 31.92 -13.83 45.45
C LEU D 85 33.01 -14.73 46.03
N GLU D 86 32.90 -16.02 45.71
CA GLU D 86 33.89 -17.00 46.10
C GLU D 86 33.80 -18.18 45.14
N PRO D 87 34.93 -18.75 44.69
CA PRO D 87 34.91 -19.94 43.86
C PRO D 87 34.27 -21.14 44.53
N PRO D 88 33.85 -22.18 43.77
CA PRO D 88 33.96 -22.16 42.32
C PRO D 88 32.77 -21.52 41.66
N TYR D 89 32.96 -21.00 40.45
CA TYR D 89 31.86 -20.41 39.70
C TYR D 89 31.31 -21.34 38.63
N PRO D 90 30.02 -21.22 38.22
CA PRO D 90 29.11 -20.26 38.82
C PRO D 90 28.56 -20.69 40.18
N VAL D 91 28.36 -19.69 41.07
CA VAL D 91 27.84 -19.93 42.41
C VAL D 91 26.36 -20.26 42.28
N THR D 92 25.96 -21.44 42.75
CA THR D 92 24.59 -21.91 42.61
C THR D 92 23.76 -21.46 43.81
N ASN D 93 22.67 -20.75 43.51
CA ASN D 93 21.66 -20.36 44.49
C ASN D 93 22.31 -19.67 45.70
N PRO D 94 23.11 -18.60 45.52
CA PRO D 94 23.60 -17.83 46.64
C PRO D 94 22.47 -17.14 47.41
N VAL D 95 22.57 -17.17 48.73
CA VAL D 95 21.58 -16.53 49.58
C VAL D 95 21.86 -15.03 49.59
N LEU D 96 20.83 -14.23 49.32
CA LEU D 96 20.99 -12.79 49.31
C LEU D 96 21.06 -12.29 50.75
N LYS D 97 22.01 -11.40 51.02
CA LYS D 97 22.13 -10.77 52.32
C LYS D 97 21.70 -9.32 52.19
N PRO D 98 20.69 -8.88 52.96
CA PRO D 98 20.26 -7.48 52.91
C PRO D 98 21.42 -6.51 53.10
N TYR D 99 21.52 -5.52 52.20
CA TYR D 99 22.56 -4.50 52.28
C TYR D 99 22.01 -3.08 52.22
N PRO D 100 22.49 -2.12 53.06
CA PRO D 100 23.57 -2.38 54.00
C PRO D 100 23.15 -3.16 55.23
N SER D 101 21.86 -3.19 55.50
CA SER D 101 21.33 -4.00 56.59
C SER D 101 19.85 -4.26 56.35
N PHE D 102 19.30 -5.23 57.08
CA PHE D 102 17.89 -5.58 56.95
C PHE D 102 17.04 -4.49 57.60
N GLU D 103 17.63 -3.71 58.49
CA GLU D 103 16.91 -2.65 59.18
C GLU D 103 16.37 -1.67 58.14
N LEU D 104 17.14 -1.45 57.07
CA LEU D 104 16.79 -0.46 56.06
C LEU D 104 15.89 -1.10 55.02
N ASN D 105 16.08 -2.40 54.79
CA ASN D 105 15.37 -3.10 53.73
C ASN D 105 14.04 -3.66 54.23
N GLU D 106 13.84 -3.68 55.55
CA GLU D 106 12.62 -4.22 56.12
C GLU D 106 11.45 -3.31 55.74
N LEU D 107 10.37 -3.93 55.23
CA LEU D 107 9.19 -3.19 54.82
C LEU D 107 8.28 -2.98 56.02
N ARG D 108 7.86 -1.74 56.24
CA ARG D 108 6.97 -1.42 57.33
C ARG D 108 5.58 -1.98 57.03
N ALA D 109 4.93 -2.55 58.06
CA ALA D 109 3.62 -3.16 57.91
C ALA D 109 2.55 -2.09 57.75
N ASP D 110 2.81 -0.91 58.34
CA ASP D 110 1.89 0.21 58.29
C ASP D 110 2.07 0.98 56.97
N LEU D 111 3.16 0.70 56.27
CA LEU D 111 3.41 1.25 54.94
C LEU D 111 3.45 2.78 54.98
N GLN D 112 3.91 3.33 56.11
CA GLN D 112 4.03 4.77 56.27
C GLN D 112 5.41 5.21 55.75
N PRO D 113 5.56 6.48 55.34
CA PRO D 113 6.84 7.01 54.88
C PRO D 113 7.94 7.01 55.96
N ASP D 114 9.15 6.58 55.59
CA ASP D 114 10.29 6.57 56.49
C ASP D 114 11.58 6.75 55.69
N ALA D 115 12.32 7.82 55.98
CA ALA D 115 13.52 8.20 55.22
C ALA D 115 14.69 7.30 55.58
N ASN D 116 14.49 6.35 56.49
CA ASN D 116 15.55 5.42 56.87
C ASN D 116 15.16 4.01 56.43
N ARG D 117 14.31 3.93 55.39
CA ARG D 117 13.83 2.66 54.87
C ARG D 117 13.99 2.63 53.35
N LEU D 118 14.24 1.41 52.83
CA LEU D 118 14.32 1.17 51.40
C LEU D 118 13.10 0.39 50.95
N VAL D 119 12.30 1.00 50.09
CA VAL D 119 11.08 0.38 49.62
C VAL D 119 11.42 -0.46 48.40
N THR D 120 11.74 0.20 47.27
CA THR D 120 11.99 -0.47 46.01
C THR D 120 13.22 0.15 45.33
N VAL D 121 14.21 -0.70 45.02
CA VAL D 121 15.42 -0.31 44.31
C VAL D 121 15.55 -1.22 43.09
N TYR D 122 15.92 -0.64 41.93
CA TYR D 122 15.98 -1.40 40.68
C TYR D 122 17.43 -1.70 40.30
N ARG D 123 18.13 -0.69 39.74
CA ARG D 123 19.46 -0.89 39.16
C ARG D 123 20.46 0.08 39.79
N PRO D 124 21.25 -0.37 40.79
CA PRO D 124 22.29 0.47 41.40
C PRO D 124 23.53 0.56 40.54
N ARG D 125 24.31 1.62 40.72
CA ARG D 125 25.52 1.81 39.93
C ARG D 125 26.69 2.15 40.85
N VAL D 126 27.86 1.62 40.51
CA VAL D 126 29.08 1.83 41.27
C VAL D 126 29.97 2.80 40.51
N ASP D 127 30.53 3.77 41.23
CA ASP D 127 31.42 4.77 40.65
C ASP D 127 32.87 4.42 40.99
N ARG D 128 33.78 5.34 40.65
CA ARG D 128 35.21 5.16 40.88
C ARG D 128 35.58 5.55 42.31
N CYS D 129 34.68 6.28 42.97
CA CYS D 129 34.93 6.80 44.31
C CYS D 129 34.42 5.82 45.37
N ASP D 130 34.30 4.54 45.00
CA ASP D 130 33.94 3.48 45.94
C ASP D 130 32.63 3.80 46.64
N ARG D 131 31.63 4.20 45.85
CA ARG D 131 30.31 4.50 46.37
C ARG D 131 29.27 3.74 45.56
N LEU D 132 28.14 3.43 46.21
CA LEU D 132 27.03 2.74 45.56
C LEU D 132 25.86 3.70 45.44
N TRP D 133 25.50 4.03 44.20
CA TRP D 133 24.37 4.91 43.94
C TRP D 133 23.16 4.06 43.55
N PHE D 134 21.98 4.50 43.97
CA PHE D 134 20.74 3.88 43.57
C PHE D 134 19.58 4.80 43.93
N VAL D 135 18.41 4.50 43.36
CA VAL D 135 17.21 5.30 43.56
C VAL D 135 16.13 4.43 44.19
N ASP D 136 15.67 4.83 45.38
CA ASP D 136 14.52 4.20 46.03
C ASP D 136 13.26 4.90 45.54
N THR D 137 12.49 4.20 44.70
CA THR D 137 11.29 4.71 44.06
C THR D 137 10.25 5.05 45.14
N GLY D 138 10.28 4.31 46.24
CA GLY D 138 9.33 4.49 47.34
C GLY D 138 7.93 4.06 46.92
N MET D 139 7.85 3.22 45.89
CA MET D 139 6.59 2.82 45.31
C MET D 139 6.64 1.32 44.98
N MET D 140 5.54 0.63 45.28
CA MET D 140 5.42 -0.79 44.95
C MET D 140 4.42 -0.93 43.80
N GLU D 141 4.90 -1.47 42.68
CA GLU D 141 4.12 -1.55 41.45
C GLU D 141 3.34 -2.86 41.42
N ILE D 142 2.44 -3.02 42.39
CA ILE D 142 1.74 -4.27 42.56
C ILE D 142 0.56 -4.31 41.60
N PRO D 143 0.43 -5.38 40.81
CA PRO D 143 -0.70 -5.51 39.89
C PRO D 143 -2.04 -5.42 40.62
N GLY D 144 -2.84 -4.41 40.27
CA GLY D 144 -4.11 -4.18 40.92
C GLY D 144 -4.08 -2.85 41.67
N ASN D 145 -3.23 -2.78 42.70
CA ASN D 145 -3.11 -1.56 43.48
C ASN D 145 -1.62 -1.17 43.61
N PHE D 146 -1.23 -0.19 42.78
CA PHE D 146 0.07 0.45 42.91
C PHE D 146 0.10 1.21 44.22
N THR D 147 1.02 0.81 45.10
CA THR D 147 1.11 1.40 46.43
C THR D 147 2.30 2.35 46.47
N VAL D 148 2.03 3.64 46.71
CA VAL D 148 3.08 4.63 46.84
C VAL D 148 3.34 4.82 48.32
N VAL D 149 4.45 4.26 48.80
CA VAL D 149 4.79 4.31 50.21
C VAL D 149 5.34 5.70 50.55
N GLN D 150 6.31 6.15 49.78
CA GLN D 150 6.96 7.42 50.01
C GLN D 150 7.46 7.98 48.68
N ARG D 151 8.03 9.19 48.70
CA ARG D 151 8.52 9.81 47.48
C ARG D 151 9.86 9.18 47.09
N PRO D 152 10.26 9.27 45.81
CA PRO D 152 11.52 8.70 45.36
C PRO D 152 12.74 9.45 45.89
N SER D 153 13.80 8.71 46.22
CA SER D 153 15.00 9.28 46.80
C SER D 153 16.24 8.68 46.13
N ILE D 154 17.32 9.48 46.08
CA ILE D 154 18.59 9.08 45.48
C ILE D 154 19.62 8.88 46.57
N TRP D 155 20.12 7.65 46.68
CA TRP D 155 21.01 7.26 47.77
C TRP D 155 22.44 7.10 47.27
N SER D 156 23.39 7.32 48.18
CA SER D 156 24.78 6.99 47.96
C SER D 156 25.30 6.29 49.21
N ILE D 157 25.98 5.15 49.03
CA ILE D 157 26.50 4.41 50.16
C ILE D 157 28.00 4.26 49.99
N ASP D 158 28.75 4.51 51.07
CA ASP D 158 30.17 4.29 51.08
C ASP D 158 30.40 2.80 51.17
N LEU D 159 31.09 2.24 50.17
CA LEU D 159 31.27 0.79 50.06
C LEU D 159 32.40 0.35 50.97
N LYS D 160 33.17 1.30 51.49
CA LYS D 160 34.28 1.00 52.39
C LYS D 160 33.78 0.85 53.83
N THR D 161 32.80 1.68 54.21
CA THR D 161 32.26 1.69 55.57
C THR D 161 30.88 1.03 55.59
N ASN D 162 30.27 0.90 54.41
CA ASN D 162 28.91 0.35 54.29
C ASN D 162 27.92 1.26 55.01
N GLN D 163 28.24 2.56 55.07
CA GLN D 163 27.39 3.53 55.74
C GLN D 163 26.80 4.48 54.68
N PRO D 164 25.48 4.73 54.70
CA PRO D 164 24.87 5.69 53.78
C PRO D 164 25.46 7.09 53.89
N LEU D 165 25.89 7.62 52.75
CA LEU D 165 26.52 8.93 52.71
C LEU D 165 25.47 10.01 52.57
N SER D 166 24.67 9.95 51.50
CA SER D 166 23.70 10.98 51.23
C SER D 166 22.35 10.35 50.85
N ARG D 167 21.28 11.12 51.07
CA ARG D 167 19.96 10.76 50.60
C ARG D 167 19.24 12.03 50.16
N TYR D 168 18.68 12.02 48.95
CA TYR D 168 18.00 13.19 48.43
C TYR D 168 16.61 12.78 47.94
N GLU D 169 15.58 13.35 48.57
CA GLU D 169 14.19 13.14 48.16
C GLU D 169 13.95 13.99 46.93
N ILE D 170 13.44 13.37 45.86
CA ILE D 170 13.17 14.08 44.63
C ILE D 170 11.82 14.79 44.77
N PRO D 171 11.77 16.12 44.53
CA PRO D 171 10.53 16.88 44.72
C PRO D 171 9.48 16.55 43.67
N GLN D 172 8.22 16.93 43.96
CA GLN D 172 7.11 16.60 43.08
C GLN D 172 7.19 17.43 41.80
N LYS D 173 7.97 18.51 41.85
CA LYS D 173 8.10 19.39 40.70
C LYS D 173 8.80 18.67 39.57
N ASP D 174 9.62 17.67 39.92
CA ASP D 174 10.46 16.95 38.97
C ASP D 174 9.75 15.69 38.50
N VAL D 175 9.38 14.83 39.45
CA VAL D 175 8.75 13.56 39.14
C VAL D 175 7.53 13.37 40.03
N GLU D 176 6.54 12.64 39.51
CA GLU D 176 5.28 12.47 40.18
C GLU D 176 5.45 11.50 41.34
N THR D 177 5.74 10.22 41.03
CA THR D 177 5.75 9.17 42.03
C THR D 177 7.09 8.42 42.02
N GLY D 178 7.77 8.42 40.87
CA GLY D 178 8.95 7.60 40.70
C GLY D 178 8.58 6.20 40.22
N TYR D 179 7.53 6.14 39.40
CA TYR D 179 6.99 4.89 38.89
C TYR D 179 8.02 4.23 37.97
N GLY D 180 8.69 5.06 37.16
CA GLY D 180 9.53 4.56 36.07
C GLY D 180 11.01 4.79 36.30
N LEU D 181 11.39 5.23 37.52
CA LEU D 181 12.79 5.52 37.83
C LEU D 181 13.55 4.21 38.09
N THR D 182 13.82 3.46 37.02
CA THR D 182 14.39 2.12 37.14
C THR D 182 15.81 2.07 36.61
N SER D 183 16.35 3.22 36.19
CA SER D 183 17.69 3.26 35.59
C SER D 183 18.38 4.60 35.89
N ILE D 184 19.67 4.52 36.27
CA ILE D 184 20.43 5.73 36.57
C ILE D 184 21.81 5.65 35.91
N THR D 185 22.36 6.84 35.61
CA THR D 185 23.66 6.98 34.98
C THR D 185 24.47 7.99 35.78
N LEU D 186 25.70 7.62 36.15
CA LEU D 186 26.53 8.44 37.00
C LEU D 186 27.45 9.30 36.14
N ASP D 187 27.48 10.60 36.46
CA ASP D 187 28.39 11.56 35.85
C ASP D 187 29.26 12.16 36.94
N VAL D 188 30.37 11.50 37.27
CA VAL D 188 31.26 11.95 38.34
C VAL D 188 32.41 12.72 37.71
N ASP D 189 32.78 13.83 38.36
CA ASP D 189 33.87 14.67 37.87
C ASP D 189 35.19 13.92 38.04
N PRO D 190 36.04 13.86 36.99
CA PRO D 190 37.25 13.04 37.03
C PRO D 190 38.21 13.39 38.16
N ASP D 191 38.17 14.66 38.59
CA ASP D 191 39.06 15.17 39.62
C ASP D 191 38.39 15.04 40.99
N ASP D 192 37.32 15.80 41.21
CA ASP D 192 36.65 15.89 42.51
C ASP D 192 35.54 14.85 42.57
N CYS D 193 35.50 14.06 43.65
CA CYS D 193 34.46 13.04 43.83
C CYS D 193 33.18 13.65 44.37
N SER D 194 33.25 14.89 44.87
CA SER D 194 32.10 15.54 45.47
C SER D 194 31.20 16.14 44.39
N LYS D 195 31.78 16.34 43.19
CA LYS D 195 31.03 16.88 42.06
C LYS D 195 30.45 15.72 41.26
N VAL D 196 29.14 15.51 41.41
CA VAL D 196 28.47 14.38 40.79
C VAL D 196 27.15 14.85 40.20
N PHE D 197 26.83 14.32 39.03
CA PHE D 197 25.50 14.48 38.46
C PHE D 197 24.95 13.07 38.24
N VAL D 198 23.64 12.91 38.44
CA VAL D 198 22.99 11.64 38.17
C VAL D 198 21.86 11.90 37.17
N TYR D 199 21.81 11.06 36.13
CA TYR D 199 20.76 11.12 35.13
C TYR D 199 19.86 9.91 35.30
N ILE D 200 18.57 10.15 35.58
CA ILE D 200 17.63 9.07 35.82
C ILE D 200 16.70 8.96 34.62
N SER D 201 16.56 7.73 34.10
CA SER D 201 15.70 7.46 32.97
C SER D 201 14.35 6.99 33.46
N ASP D 202 13.28 7.70 33.05
CA ASP D 202 11.91 7.31 33.38
C ASP D 202 11.23 6.81 32.11
N LEU D 203 11.11 5.47 31.99
CA LEU D 203 10.58 4.83 30.80
C LEU D 203 9.05 4.75 30.85
N GLN D 204 8.46 5.32 31.90
CA GLN D 204 7.02 5.21 32.10
C GLN D 204 6.36 6.56 31.83
N THR D 205 6.97 7.64 32.34
CA THR D 205 6.48 8.99 32.11
C THR D 205 7.29 9.67 31.00
N TYR D 206 8.22 8.91 30.40
CA TYR D 206 8.97 9.36 29.22
C TYR D 206 9.69 10.68 29.51
N ARG D 207 10.60 10.65 30.49
CA ARG D 207 11.35 11.83 30.88
C ARG D 207 12.70 11.43 31.45
N MET D 208 13.56 12.44 31.64
CA MET D 208 14.86 12.25 32.26
C MET D 208 14.95 13.18 33.46
N VAL D 209 15.24 12.62 34.62
CA VAL D 209 15.41 13.41 35.81
C VAL D 209 16.90 13.63 36.03
N VAL D 210 17.31 14.90 36.18
CA VAL D 210 18.68 15.25 36.45
C VAL D 210 18.81 15.56 37.95
N TYR D 211 19.91 15.10 38.54
CA TYR D 211 20.17 15.30 39.96
C TYR D 211 21.52 15.97 40.15
N ASP D 212 21.52 17.17 40.73
CA ASP D 212 22.75 17.87 41.07
C ASP D 212 23.10 17.52 42.52
N HIS D 213 24.18 16.74 42.69
CA HIS D 213 24.55 16.23 44.00
C HIS D 213 25.24 17.31 44.83
N GLU D 214 26.06 18.12 44.17
CA GLU D 214 26.83 19.15 44.84
C GLU D 214 25.87 20.17 45.45
N ASN D 215 24.90 20.64 44.66
CA ASN D 215 24.03 21.73 45.06
C ASN D 215 22.69 21.22 45.57
N GLN D 216 22.54 19.88 45.65
CA GLN D 216 21.34 19.26 46.19
C GLN D 216 20.09 19.84 45.52
N LYS D 217 20.11 19.88 44.19
CA LYS D 217 18.96 20.30 43.40
C LYS D 217 18.61 19.18 42.42
N SER D 218 17.54 19.37 41.64
CA SER D 218 17.15 18.40 40.63
C SER D 218 16.16 19.03 39.66
N TRP D 219 16.16 18.55 38.40
CA TRP D 219 15.24 19.02 37.38
C TRP D 219 14.94 17.90 36.38
N ARG D 220 13.84 18.05 35.65
CA ARG D 220 13.38 17.04 34.71
C ARG D 220 13.57 17.54 33.27
N PHE D 221 13.52 16.62 32.31
CA PHE D 221 13.61 16.94 30.89
C PHE D 221 12.52 16.17 30.15
N LEU D 222 11.77 16.88 29.29
CA LEU D 222 10.78 16.24 28.44
C LEU D 222 11.21 16.43 26.99
N HIS D 223 11.08 15.37 26.20
CA HIS D 223 11.47 15.40 24.80
C HIS D 223 10.84 14.24 24.05
N ASN D 224 10.58 14.44 22.76
CA ASN D 224 9.88 13.46 21.94
C ASN D 224 10.74 12.19 21.86
N TYR D 225 12.06 12.36 21.88
CA TYR D 225 12.97 11.26 21.63
C TYR D 225 12.93 10.26 22.79
N PHE D 226 12.35 10.68 23.93
CA PHE D 226 12.25 9.81 25.08
C PHE D 226 11.15 8.77 24.85
N PHE D 227 10.31 9.00 23.82
CA PHE D 227 9.19 8.12 23.52
C PHE D 227 9.68 6.96 22.65
N LEU D 228 8.85 5.91 22.62
CA LEU D 228 9.14 4.70 21.88
C LEU D 228 8.91 4.96 20.40
N ASN D 229 9.24 3.94 19.59
CA ASN D 229 8.90 3.92 18.18
C ASN D 229 7.76 2.92 17.99
N PRO D 230 6.56 3.40 17.61
CA PRO D 230 5.37 2.55 17.58
C PRO D 230 5.59 1.17 16.97
N LEU D 231 6.31 1.12 15.84
CA LEU D 231 6.47 -0.12 15.08
C LEU D 231 7.53 -1.02 15.69
N GLU D 232 8.40 -0.46 16.54
CA GLU D 232 9.55 -1.18 17.07
C GLU D 232 9.32 -1.58 18.53
N GLY D 233 8.08 -1.93 18.89
CA GLY D 233 7.74 -2.24 20.27
C GLY D 233 7.26 -3.68 20.46
N ASP D 234 7.23 -4.44 19.37
CA ASP D 234 6.71 -5.79 19.39
C ASP D 234 7.87 -6.77 19.51
N PHE D 235 7.76 -7.72 20.44
CA PHE D 235 8.83 -8.67 20.69
C PHE D 235 8.27 -10.08 20.63
N ASN D 236 9.16 -11.05 20.46
CA ASN D 236 8.80 -12.46 20.53
C ASN D 236 9.98 -13.24 21.11
N ILE D 237 9.98 -13.40 22.43
CA ILE D 237 11.08 -14.06 23.12
C ILE D 237 10.60 -15.41 23.61
N GLN D 238 11.38 -16.45 23.33
CA GLN D 238 11.09 -17.78 23.81
C GLN D 238 9.69 -18.19 23.33
N GLY D 239 9.32 -17.72 22.13
CA GLY D 239 8.03 -18.04 21.52
C GLY D 239 6.88 -17.32 22.22
N ILE D 240 7.19 -16.27 22.98
CA ILE D 240 6.21 -15.53 23.77
C ILE D 240 6.00 -14.15 23.14
N PRO D 241 4.88 -13.92 22.43
CA PRO D 241 4.64 -12.62 21.82
C PRO D 241 4.08 -11.60 22.80
N PHE D 242 4.63 -10.38 22.77
CA PHE D 242 4.18 -9.29 23.63
C PHE D 242 4.58 -7.96 22.99
N ALA D 243 4.02 -6.86 23.52
CA ALA D 243 4.34 -5.53 23.03
C ALA D 243 4.45 -4.57 24.20
N TRP D 244 5.54 -3.79 24.22
CA TRP D 244 5.77 -2.85 25.30
C TRP D 244 5.75 -1.40 24.79
N ASP D 245 5.42 -0.46 25.68
CA ASP D 245 5.33 0.94 25.32
C ASP D 245 6.36 1.76 26.10
N ASP D 246 7.45 1.10 26.53
CA ASP D 246 8.41 1.71 27.43
C ASP D 246 9.33 2.63 26.65
N GLY D 247 9.68 3.77 27.25
CA GLY D 247 10.46 4.82 26.59
C GLY D 247 11.92 4.79 27.03
N ILE D 248 12.52 5.98 27.16
CA ILE D 248 13.92 6.12 27.52
C ILE D 248 14.21 5.25 28.73
N PHE D 249 15.19 4.35 28.59
CA PHE D 249 15.40 3.28 29.55
C PHE D 249 16.86 3.24 30.04
N SER D 250 17.80 3.60 29.16
CA SER D 250 19.20 3.58 29.52
C SER D 250 19.87 4.86 29.00
N ILE D 251 21.00 5.22 29.62
CA ILE D 251 21.84 6.32 29.19
C ILE D 251 23.29 5.91 29.38
N ALA D 252 24.14 6.24 28.40
CA ALA D 252 25.56 5.96 28.51
C ALA D 252 26.34 7.26 28.28
N LEU D 253 27.41 7.44 29.06
CA LEU D 253 28.21 8.65 29.00
C LEU D 253 29.60 8.31 28.43
N SER D 254 30.02 9.14 27.47
CA SER D 254 31.37 9.07 26.92
C SER D 254 32.35 9.69 27.91
N ASN D 255 33.63 9.68 27.55
CA ASN D 255 34.65 10.29 28.39
C ASN D 255 34.41 11.80 28.42
N PRO D 256 34.83 12.49 29.50
CA PRO D 256 34.66 13.93 29.60
C PRO D 256 35.73 14.73 28.88
N ASP D 257 35.32 15.86 28.30
CA ASP D 257 36.21 16.79 27.62
C ASP D 257 37.30 17.20 28.61
N PRO D 258 38.59 17.24 28.20
CA PRO D 258 39.69 17.44 29.14
C PRO D 258 39.59 18.74 29.95
N MET D 259 38.79 19.70 29.49
CA MET D 259 38.71 20.98 30.20
C MET D 259 37.29 21.27 30.67
N THR D 260 36.32 21.28 29.74
CA THR D 260 34.96 21.67 30.08
C THR D 260 34.28 20.52 30.84
N LYS D 261 34.84 19.31 30.69
CA LYS D 261 34.42 18.12 31.43
C LYS D 261 32.94 17.82 31.13
N PHE D 262 32.55 18.05 29.87
CA PHE D 262 31.25 17.69 29.39
C PHE D 262 31.38 16.35 28.68
N ARG D 263 30.25 15.62 28.59
CA ARG D 263 30.24 14.28 28.04
C ARG D 263 29.08 14.18 27.06
N THR D 264 29.16 13.18 26.17
CA THR D 264 28.07 12.87 25.27
C THR D 264 27.20 11.80 25.94
N ALA D 265 25.89 12.06 26.01
CA ALA D 265 24.97 11.12 26.61
C ALA D 265 24.25 10.33 25.52
N TYR D 266 24.68 9.08 25.31
CA TYR D 266 24.00 8.15 24.43
C TYR D 266 22.80 7.56 25.16
N PHE D 267 21.60 7.77 24.62
CA PHE D 267 20.39 7.28 25.26
C PHE D 267 19.49 6.66 24.20
N HIS D 268 18.62 5.75 24.65
CA HIS D 268 17.64 5.12 23.78
C HIS D 268 16.43 4.69 24.61
N ALA D 269 15.30 4.50 23.92
CA ALA D 269 14.12 3.90 24.51
C ALA D 269 14.22 2.37 24.43
N LEU D 270 13.40 1.70 25.22
CA LEU D 270 13.38 0.25 25.25
C LEU D 270 12.81 -0.26 23.93
N SER D 271 11.64 0.25 23.56
CA SER D 271 10.99 -0.14 22.32
C SER D 271 11.42 0.79 21.20
N SER D 272 12.65 0.59 20.71
CA SER D 272 13.25 1.44 19.68
C SER D 272 14.51 0.78 19.16
N ASN D 273 14.77 0.95 17.85
CA ASN D 273 16.00 0.48 17.24
C ASN D 273 16.91 1.66 16.97
N SER D 274 16.59 2.84 17.53
CA SER D 274 17.35 4.06 17.32
C SER D 274 18.12 4.46 18.58
N GLU D 275 19.28 5.08 18.38
CA GLU D 275 20.06 5.66 19.46
C GLU D 275 20.04 7.17 19.30
N PHE D 276 20.15 7.89 20.41
CA PHE D 276 20.12 9.35 20.41
C PHE D 276 21.22 9.85 21.32
N THR D 277 21.65 11.11 21.08
CA THR D 277 22.76 11.71 21.82
C THR D 277 22.35 13.09 22.32
N VAL D 278 23.03 13.55 23.37
CA VAL D 278 22.84 14.88 23.93
C VAL D 278 24.03 15.21 24.85
N SER D 279 24.54 16.43 24.73
CA SER D 279 25.65 16.88 25.54
C SER D 279 25.18 17.08 26.97
N THR D 280 26.04 16.72 27.94
CA THR D 280 25.72 16.92 29.34
C THR D 280 25.64 18.41 29.64
N ALA D 281 26.23 19.22 28.75
CA ALA D 281 26.15 20.67 28.87
C ALA D 281 24.69 21.11 28.89
N VAL D 282 23.83 20.33 28.20
CA VAL D 282 22.41 20.60 28.14
C VAL D 282 21.73 20.05 29.40
N LEU D 283 22.07 18.80 29.76
CA LEU D 283 21.40 18.12 30.86
C LEU D 283 21.74 18.79 32.19
N ARG D 284 22.95 19.37 32.27
CA ARG D 284 23.45 20.00 33.49
C ARG D 284 22.92 21.44 33.57
N ASN D 285 22.02 21.78 32.65
CA ASN D 285 21.54 23.14 32.50
C ASN D 285 20.07 23.21 32.92
N GLU D 286 19.83 23.68 34.15
CA GLU D 286 18.51 23.66 34.74
C GLU D 286 17.56 24.57 33.94
N THR D 287 18.13 25.67 33.40
CA THR D 287 17.34 26.65 32.67
C THR D 287 16.84 26.02 31.38
N ALA D 288 17.64 25.11 30.83
CA ALA D 288 17.33 24.46 29.56
C ALA D 288 16.23 23.41 29.73
N SER D 289 16.04 22.95 30.98
CA SER D 289 15.06 21.92 31.27
C SER D 289 13.66 22.50 31.26
N LYS D 290 13.56 23.80 31.57
CA LYS D 290 12.27 24.44 31.74
C LYS D 290 11.76 24.96 30.40
N ARG D 291 12.50 24.67 29.33
CA ARG D 291 12.11 25.09 27.99
C ARG D 291 10.96 24.20 27.51
N GLY D 292 10.12 24.78 26.63
CA GLY D 292 9.08 24.05 25.95
C GLY D 292 9.55 23.52 24.60
N TYR D 293 10.70 24.03 24.15
CA TYR D 293 11.30 23.59 22.89
C TYR D 293 12.82 23.59 23.05
N HIS D 294 13.43 22.41 22.91
CA HIS D 294 14.85 22.24 23.15
C HIS D 294 15.65 22.42 21.85
N GLY D 295 14.94 22.51 20.73
CA GLY D 295 15.59 22.74 19.45
C GLY D 295 16.37 21.52 18.96
N ASP D 296 17.62 21.74 18.54
CA ASP D 296 18.44 20.70 17.95
C ASP D 296 19.46 20.21 18.97
N ASP D 297 19.16 20.39 20.26
CA ASP D 297 20.09 20.05 21.33
C ASP D 297 20.17 18.53 21.45
N PHE D 298 19.03 17.84 21.29
CA PHE D 298 18.99 16.39 21.25
C PHE D 298 19.07 15.93 19.80
N LYS D 299 20.01 15.02 19.49
CA LYS D 299 20.24 14.57 18.13
C LYS D 299 19.93 13.08 17.99
N LEU D 300 19.56 12.68 16.77
CA LEU D 300 19.42 11.27 16.41
C LEU D 300 20.78 10.75 15.97
N LEU D 301 21.24 9.67 16.59
CA LEU D 301 22.54 9.09 16.27
C LEU D 301 22.39 8.23 15.03
N GLY D 302 21.44 7.30 15.05
CA GLY D 302 21.18 6.44 13.90
C GLY D 302 20.41 5.16 14.25
N TYR D 303 20.39 4.23 13.29
CA TYR D 303 19.66 2.98 13.43
C TYR D 303 20.62 1.87 13.86
N ARG D 304 20.22 1.16 14.91
CA ARG D 304 21.10 0.20 15.58
C ARG D 304 21.02 -1.13 14.87
N GLY D 305 19.93 -1.37 14.14
CA GLY D 305 19.76 -2.60 13.38
C GLY D 305 18.39 -3.22 13.62
N ALA D 306 18.03 -4.16 12.73
CA ALA D 306 16.75 -4.86 12.79
C ALA D 306 16.69 -5.76 14.02
N GLN D 307 15.63 -5.63 14.82
CA GLN D 307 15.46 -6.42 16.03
C GLN D 307 16.58 -6.11 17.02
N SER D 308 17.10 -4.89 16.94
CA SER D 308 18.18 -4.48 17.79
C SER D 308 17.66 -3.51 18.84
N GLN D 309 16.56 -3.89 19.50
CA GLN D 309 16.07 -3.10 20.62
C GLN D 309 16.94 -3.41 21.83
N SER D 310 17.46 -2.36 22.47
CA SER D 310 18.36 -2.52 23.60
C SER D 310 17.64 -2.13 24.89
N SER D 311 18.01 -2.81 25.98
CA SER D 311 17.48 -2.51 27.30
C SER D 311 18.45 -1.58 28.02
N ILE D 312 19.56 -2.16 28.49
CA ILE D 312 20.58 -1.40 29.19
C ILE D 312 21.88 -1.50 28.39
N HIS D 313 22.65 -0.40 28.40
CA HIS D 313 23.93 -0.35 27.72
C HIS D 313 24.88 0.50 28.55
N GLY D 314 26.17 0.26 28.39
CA GLY D 314 27.18 1.00 29.13
C GLY D 314 28.36 1.40 28.24
N PHE D 315 29.14 2.38 28.71
CA PHE D 315 30.29 2.90 27.98
C PHE D 315 31.55 2.67 28.79
N HIS D 316 32.51 1.96 28.18
CA HIS D 316 33.76 1.59 28.83
C HIS D 316 34.82 2.66 28.59
N PRO D 317 35.20 3.44 29.63
CA PRO D 317 36.08 4.58 29.42
C PRO D 317 37.36 4.23 28.64
N GLU D 318 38.01 3.12 29.01
CA GLU D 318 39.33 2.80 28.50
C GLU D 318 39.27 2.57 26.99
N THR D 319 38.39 1.67 26.55
CA THR D 319 38.32 1.27 25.16
C THR D 319 37.40 2.22 24.37
N GLY D 320 36.48 2.89 25.08
CA GLY D 320 35.52 3.79 24.47
C GLY D 320 34.39 3.03 23.79
N VAL D 321 34.17 1.78 24.23
CA VAL D 321 33.25 0.87 23.58
C VAL D 321 31.96 0.81 24.39
N ILE D 322 30.83 0.91 23.70
CA ILE D 322 29.53 0.76 24.32
C ILE D 322 29.08 -0.69 24.16
N PHE D 323 28.55 -1.27 25.23
CA PHE D 323 27.99 -2.61 25.19
C PHE D 323 26.47 -2.53 25.35
N PHE D 324 25.76 -3.05 24.33
CA PHE D 324 24.31 -3.06 24.33
C PHE D 324 23.80 -4.42 24.78
N ALA D 325 22.72 -4.41 25.57
CA ALA D 325 22.00 -5.60 25.91
C ALA D 325 20.81 -5.75 24.96
N LEU D 326 20.93 -6.66 24.00
CA LEU D 326 19.91 -6.83 22.98
C LEU D 326 18.81 -7.74 23.51
N ILE D 327 17.56 -7.26 23.39
CA ILE D 327 16.41 -7.90 24.00
C ILE D 327 15.95 -9.02 23.08
N GLN D 328 15.69 -8.67 21.82
CA GLN D 328 15.06 -9.57 20.87
C GLN D 328 16.05 -10.63 20.39
N LEU D 329 17.33 -10.27 20.33
CA LEU D 329 18.35 -11.17 19.79
C LEU D 329 18.98 -12.00 20.91
N ASN D 330 18.57 -11.78 22.15
CA ASN D 330 19.01 -12.57 23.28
C ASN D 330 20.54 -12.51 23.42
N ALA D 331 21.13 -11.37 23.06
CA ALA D 331 22.57 -11.27 22.94
C ALA D 331 23.08 -9.96 23.56
N VAL D 332 24.40 -9.81 23.50
CA VAL D 332 25.08 -8.60 23.92
C VAL D 332 26.00 -8.17 22.78
N SER D 333 25.80 -6.93 22.30
CA SER D 333 26.60 -6.40 21.20
C SER D 333 27.43 -5.22 21.68
N CYS D 334 28.47 -4.88 20.90
CA CYS D 334 29.37 -3.80 21.23
C CYS D 334 29.48 -2.82 20.06
N TRP D 335 30.04 -1.64 20.32
CA TRP D 335 30.21 -0.60 19.32
C TRP D 335 31.27 0.39 19.75
N ASP D 336 32.26 0.65 18.88
CA ASP D 336 33.29 1.65 19.14
C ASP D 336 32.73 3.04 18.86
N THR D 337 32.88 3.97 19.81
CA THR D 337 32.18 5.26 19.73
C THR D 337 32.89 6.20 18.75
N ARG D 338 33.97 5.73 18.12
CA ARG D 338 34.70 6.54 17.17
C ARG D 338 34.32 6.14 15.76
N LYS D 339 33.86 4.89 15.60
CA LYS D 339 33.43 4.37 14.31
C LYS D 339 31.98 4.76 14.10
N PRO D 340 31.57 5.04 12.84
CA PRO D 340 30.21 5.50 12.57
C PRO D 340 29.15 4.52 13.01
N PHE D 341 28.06 5.06 13.59
CA PHE D 341 27.03 4.25 14.21
C PHE D 341 26.20 3.58 13.11
N ALA D 342 26.44 2.28 12.92
CA ALA D 342 25.79 1.51 11.87
C ALA D 342 25.84 0.03 12.21
N PRO D 343 24.82 -0.75 11.80
CA PRO D 343 24.74 -2.16 12.16
C PRO D 343 26.02 -2.95 11.88
N GLN D 344 26.69 -2.67 10.77
CA GLN D 344 27.84 -3.44 10.34
C GLN D 344 29.10 -2.98 11.08
N ASN D 345 28.98 -1.93 11.91
CA ASN D 345 30.08 -1.48 12.73
C ASN D 345 29.88 -1.98 14.18
N MET D 346 28.94 -2.92 14.35
CA MET D 346 28.66 -3.47 15.66
C MET D 346 28.77 -4.98 15.59
N ALA D 347 29.13 -5.60 16.70
CA ALA D 347 29.37 -7.04 16.71
C ALA D 347 28.77 -7.65 17.96
N ILE D 348 28.22 -8.86 17.81
CA ILE D 348 27.64 -9.61 18.91
C ILE D 348 28.74 -10.40 19.61
N VAL D 349 29.00 -10.07 20.87
CA VAL D 349 30.10 -10.68 21.62
C VAL D 349 29.62 -11.91 22.37
N TYR D 350 28.31 -11.98 22.67
CA TYR D 350 27.75 -13.13 23.36
C TYR D 350 26.28 -13.28 22.94
N LYS D 351 25.85 -14.53 22.74
CA LYS D 351 24.47 -14.84 22.41
C LYS D 351 24.10 -16.14 23.10
N ASN D 352 22.89 -16.20 23.68
CA ASN D 352 22.45 -17.37 24.42
C ASN D 352 20.92 -17.39 24.49
N ASP D 353 20.30 -18.04 23.49
CA ASP D 353 18.85 -18.06 23.36
C ASP D 353 18.22 -18.90 24.45
N ARG D 354 19.01 -19.80 25.04
CA ARG D 354 18.50 -20.70 26.06
C ARG D 354 18.38 -19.97 27.40
N ASP D 355 19.46 -19.27 27.80
CA ASP D 355 19.53 -18.69 29.14
C ASP D 355 19.04 -17.25 29.12
N ILE D 356 19.52 -16.45 28.16
CA ILE D 356 19.15 -15.05 28.06
C ILE D 356 17.73 -14.95 27.50
N ILE D 357 16.76 -14.74 28.39
CA ILE D 357 15.38 -14.52 27.98
C ILE D 357 15.14 -13.01 27.89
N TYR D 358 15.23 -12.31 29.02
CA TYR D 358 15.20 -10.86 28.99
C TYR D 358 16.42 -10.30 29.69
N PRO D 359 17.36 -9.65 28.96
CA PRO D 359 18.51 -9.01 29.61
C PRO D 359 18.11 -7.79 30.42
N ASN D 360 17.99 -7.97 31.74
CA ASN D 360 17.36 -6.99 32.61
C ASN D 360 18.36 -5.91 33.03
N ASP D 361 19.66 -6.21 32.96
CA ASP D 361 20.65 -5.24 33.40
C ASP D 361 22.00 -5.52 32.75
N LEU D 362 22.76 -4.46 32.52
CA LEU D 362 24.11 -4.53 32.00
C LEU D 362 24.90 -3.37 32.62
N SER D 363 26.09 -3.70 33.13
CA SER D 363 26.90 -2.73 33.84
C SER D 363 28.37 -2.94 33.48
N ILE D 364 29.16 -1.89 33.65
CA ILE D 364 30.60 -1.96 33.49
C ILE D 364 31.24 -1.62 34.82
N ASP D 365 32.12 -2.50 35.30
CA ASP D 365 32.73 -2.35 36.61
C ASP D 365 34.01 -1.53 36.49
N GLN D 366 34.71 -1.36 37.61
CA GLN D 366 35.95 -0.62 37.66
C GLN D 366 37.13 -1.54 37.37
N GLU D 367 36.84 -2.81 37.05
CA GLU D 367 37.91 -3.78 36.84
C GLU D 367 38.01 -4.13 35.36
N GLY D 368 37.29 -3.39 34.52
CA GLY D 368 37.38 -3.53 33.07
C GLY D 368 36.62 -4.74 32.56
N ASN D 369 35.52 -5.07 33.25
CA ASN D 369 34.66 -6.17 32.87
C ASN D 369 33.29 -5.63 32.51
N VAL D 370 32.59 -6.35 31.64
CA VAL D 370 31.21 -6.05 31.33
C VAL D 370 30.35 -7.13 32.00
N TRP D 371 29.35 -6.68 32.76
CA TRP D 371 28.43 -7.57 33.46
C TRP D 371 27.03 -7.45 32.83
N PHE D 372 26.36 -8.60 32.64
CA PHE D 372 24.98 -8.59 32.15
C PHE D 372 24.21 -9.74 32.80
N MET D 373 22.87 -9.61 32.81
CA MET D 373 22.01 -10.43 33.63
C MET D 373 20.69 -10.71 32.91
N SER D 374 20.13 -11.91 33.14
CA SER D 374 18.83 -12.29 32.60
C SER D 374 17.97 -12.93 33.69
N ASN D 375 16.71 -12.47 33.80
CA ASN D 375 15.88 -12.79 34.95
C ASN D 375 14.60 -13.51 34.53
N SER D 376 14.44 -13.75 33.23
CA SER D 376 13.30 -14.50 32.70
C SER D 376 11.98 -13.83 33.09
N ILE D 377 11.94 -12.49 33.07
CA ILE D 377 10.81 -11.73 33.58
C ILE D 377 9.56 -12.03 32.75
N ILE D 378 9.74 -12.34 31.45
CA ILE D 378 8.62 -12.49 30.54
C ILE D 378 7.89 -13.80 30.85
N LYS D 379 8.62 -14.78 31.40
CA LYS D 379 8.02 -16.06 31.76
C LYS D 379 7.04 -15.88 32.91
N LEU D 380 7.40 -15.04 33.88
CA LEU D 380 6.52 -14.74 34.99
C LEU D 380 5.30 -13.97 34.51
N LEU D 381 5.49 -13.09 33.52
CA LEU D 381 4.45 -12.16 33.09
C LEU D 381 3.39 -12.85 32.23
N TYR D 382 3.83 -13.67 31.25
CA TYR D 382 2.94 -14.13 30.20
C TYR D 382 2.76 -15.64 30.25
N THR D 383 3.62 -16.34 31.00
CA THR D 383 3.52 -17.79 31.18
C THR D 383 3.86 -18.13 32.62
N GLN D 384 4.24 -19.40 32.86
CA GLN D 384 4.54 -19.85 34.21
C GLN D 384 6.06 -19.91 34.38
N LEU D 385 6.52 -19.62 35.60
CA LEU D 385 7.94 -19.68 35.95
C LEU D 385 8.17 -20.90 36.86
N SER D 386 9.11 -21.77 36.46
CA SER D 386 9.42 -22.98 37.21
C SER D 386 10.62 -22.75 38.12
N LEU D 387 10.44 -23.00 39.43
CA LEU D 387 11.48 -22.78 40.42
C LEU D 387 12.42 -23.98 40.46
N GLU D 388 12.24 -24.92 39.51
CA GLU D 388 13.14 -26.06 39.37
C GLU D 388 14.19 -25.74 38.31
N GLU D 389 13.90 -24.76 37.45
CA GLU D 389 14.81 -24.33 36.41
C GLU D 389 15.59 -23.11 36.91
N PHE D 390 16.80 -22.93 36.37
CA PHE D 390 17.60 -21.76 36.65
C PHE D 390 17.09 -20.59 35.82
N ASN D 391 16.49 -19.61 36.50
CA ASN D 391 15.78 -18.54 35.83
C ASN D 391 16.60 -17.26 35.82
N PHE D 392 17.49 -17.12 36.80
CA PHE D 392 18.27 -15.91 36.98
C PHE D 392 19.73 -16.23 36.69
N HIS D 393 20.37 -15.38 35.88
CA HIS D 393 21.75 -15.61 35.46
C HIS D 393 22.51 -14.30 35.45
N ILE D 394 23.80 -14.37 35.84
CA ILE D 394 24.68 -13.22 35.81
C ILE D 394 26.03 -13.65 35.22
N TRP D 395 26.48 -12.92 34.19
CA TRP D 395 27.71 -13.21 33.48
C TRP D 395 28.72 -12.07 33.67
N ARG D 396 29.98 -12.34 33.35
CA ARG D 396 31.00 -11.29 33.25
C ARG D 396 31.90 -11.62 32.07
N ALA D 397 32.66 -10.62 31.62
CA ALA D 397 33.61 -10.79 30.53
C ALA D 397 34.59 -9.62 30.50
N ASN D 398 35.87 -9.93 30.28
CA ASN D 398 36.89 -8.89 30.17
C ASN D 398 36.70 -8.17 28.85
N ILE D 399 36.58 -6.84 28.93
CA ILE D 399 36.19 -6.03 27.78
C ILE D 399 37.24 -6.08 26.70
N LYS D 400 38.50 -5.79 27.06
CA LYS D 400 39.56 -5.69 26.04
C LYS D 400 39.84 -7.05 25.41
N GLU D 401 39.47 -8.13 26.08
CA GLU D 401 39.75 -9.45 25.58
C GLU D 401 38.60 -9.89 24.66
N ILE D 402 37.38 -9.46 24.99
CA ILE D 402 36.20 -9.91 24.28
C ILE D 402 36.10 -9.20 22.93
N ILE D 403 36.69 -8.00 22.83
CA ILE D 403 36.57 -7.20 21.62
C ILE D 403 37.82 -7.39 20.76
N LYS D 404 38.75 -8.23 21.23
CA LYS D 404 40.11 -8.26 20.71
C LYS D 404 40.10 -8.27 19.19
N GLY D 405 39.53 -9.32 18.59
CA GLY D 405 39.57 -9.47 17.15
C GLY D 405 38.48 -8.65 16.44
N THR D 406 37.40 -8.33 17.17
CA THR D 406 36.15 -7.87 16.57
C THR D 406 36.32 -6.47 15.99
N VAL D 407 35.22 -5.93 15.47
CA VAL D 407 35.18 -4.58 14.91
C VAL D 407 35.14 -3.55 16.02
N CYS D 408 34.81 -4.02 17.23
CA CYS D 408 34.72 -3.16 18.40
C CYS D 408 36.11 -2.79 18.90
N ASP D 409 37.15 -3.47 18.38
CA ASP D 409 38.52 -3.15 18.74
C ASP D 409 38.92 -1.84 18.06
N PRO D 410 39.39 -0.82 18.83
CA PRO D 410 39.79 0.45 18.24
C PRO D 410 40.88 0.34 17.18
N THR D 411 41.70 -0.72 17.25
CA THR D 411 42.78 -0.92 16.30
C THR D 411 42.23 -1.47 14.99
N VAL D 412 41.13 -2.22 15.06
CA VAL D 412 40.51 -2.78 13.88
C VAL D 412 39.73 -1.68 13.15
N PRO D 413 39.90 -1.51 11.82
CA PRO D 413 39.24 -0.45 11.08
C PRO D 413 37.76 -0.69 10.85
N PRO D 414 36.96 0.38 10.67
CA PRO D 414 35.52 0.24 10.46
C PRO D 414 35.18 -0.50 9.17
N ASN D 415 33.95 -1.01 9.08
CA ASN D 415 33.54 -1.81 7.94
C ASN D 415 32.83 -0.94 6.91
N VAL D 416 32.30 0.19 7.35
CA VAL D 416 31.63 1.10 6.43
C VAL D 416 31.92 2.55 6.86
N ASP D 417 32.01 3.43 5.85
CA ASP D 417 32.27 4.85 6.05
C ASP D 417 30.99 5.55 6.49
N HIS D 418 29.85 5.06 6.00
CA HIS D 418 28.53 5.58 6.34
C HIS D 418 28.36 6.95 5.67
#